data_5HSU
# 
_entry.id   5HSU 
# 
_audit_conform.dict_name       mmcif_pdbx.dic 
_audit_conform.dict_version    5.379 
_audit_conform.dict_location   http://mmcif.pdb.org/dictionaries/ascii/mmcif_pdbx.dic 
# 
loop_
_database_2.database_id 
_database_2.database_code 
_database_2.pdbx_database_accession 
_database_2.pdbx_DOI 
PDB   5HSU         pdb_00005hsu 10.2210/pdb5hsu/pdb 
WWPDB D_1000217713 ?            ?                   
# 
_pdbx_database_related.content_type   unspecified 
_pdbx_database_related.db_id          5HSR 
_pdbx_database_related.db_name        PDB 
_pdbx_database_related.details        . 
# 
_pdbx_database_status.status_code                     REL 
_pdbx_database_status.status_code_sf                  REL 
_pdbx_database_status.status_code_mr                  ? 
_pdbx_database_status.entry_id                        5HSU 
_pdbx_database_status.recvd_initial_deposition_date   2016-01-26 
_pdbx_database_status.SG_entry                        N 
_pdbx_database_status.deposit_site                    RCSB 
_pdbx_database_status.process_site                    RCSB 
_pdbx_database_status.status_code_cs                  ? 
_pdbx_database_status.methods_development_category    ? 
_pdbx_database_status.pdb_format_compatible           Y 
_pdbx_database_status.status_code_nmr_data            ? 
# 
_audit_author.name               'Cody, V.' 
_audit_author.pdbx_ordinal       1 
_audit_author.identifier_ORCID   ? 
# 
_citation.abstract                  ? 
_citation.abstract_id_CAS           ? 
_citation.book_id_ISBN              ? 
_citation.book_publisher            ? 
_citation.book_publisher_city       ? 
_citation.book_title                ? 
_citation.coordinate_linkage        ? 
_citation.country                   ? 
_citation.database_id_Medline       ? 
_citation.details                   ? 
_citation.id                        primary 
_citation.journal_abbrev            'To Be Published' 
_citation.journal_id_ASTM           ? 
_citation.journal_id_CSD            0353 
_citation.journal_id_ISSN           ? 
_citation.journal_full              ? 
_citation.journal_issue             ? 
_citation.journal_volume            ? 
_citation.language                  ? 
_citation.page_first                ? 
_citation.page_last                 ? 
_citation.title                     
;Human dihydrofolate reductase ternary complex with a series of fluorine substituted 5-methyl-6-phenythio)thieno[2,3-d]pyrimidine-2,4-diamines
;
_citation.year                      ? 
_citation.database_id_CSD           ? 
_citation.pdbx_database_id_DOI      ? 
_citation.pdbx_database_id_PubMed   ? 
_citation.unpublished_flag          ? 
# 
loop_
_citation_author.citation_id 
_citation_author.name 
_citation_author.ordinal 
_citation_author.identifier_ORCID 
primary 'Cody, V.'    1 ? 
primary 'Gangjee, A.' 2 ? 
# 
_cell.angle_alpha                  90.00 
_cell.angle_alpha_esd              ? 
_cell.angle_beta                   90.00 
_cell.angle_beta_esd               ? 
_cell.angle_gamma                  120.00 
_cell.angle_gamma_esd              ? 
_cell.entry_id                     5HSU 
_cell.details                      ? 
_cell.formula_units_Z              ? 
_cell.length_a                     86.140 
_cell.length_a_esd                 ? 
_cell.length_b                     86.140 
_cell.length_b_esd                 ? 
_cell.length_c                     76.245 
_cell.length_c_esd                 ? 
_cell.volume                       ? 
_cell.volume_esd                   ? 
_cell.Z_PDB                        9 
_cell.reciprocal_angle_alpha       ? 
_cell.reciprocal_angle_beta        ? 
_cell.reciprocal_angle_gamma       ? 
_cell.reciprocal_angle_alpha_esd   ? 
_cell.reciprocal_angle_beta_esd    ? 
_cell.reciprocal_angle_gamma_esd   ? 
_cell.reciprocal_length_a          ? 
_cell.reciprocal_length_b          ? 
_cell.reciprocal_length_c          ? 
_cell.reciprocal_length_a_esd      ? 
_cell.reciprocal_length_b_esd      ? 
_cell.reciprocal_length_c_esd      ? 
_cell.pdbx_unique_axis             ? 
# 
_symmetry.entry_id                         5HSU 
_symmetry.cell_setting                     ? 
_symmetry.Int_Tables_number                146 
_symmetry.space_group_name_Hall            ? 
_symmetry.space_group_name_H-M             'H 3' 
_symmetry.pdbx_full_space_group_name_H-M   ? 
# 
loop_
_entity.id 
_entity.type 
_entity.src_method 
_entity.pdbx_description 
_entity.formula_weight 
_entity.pdbx_number_of_molecules 
_entity.pdbx_ec 
_entity.pdbx_mutation 
_entity.pdbx_fragment 
_entity.details 
1 polymer     man 'Dihydrofolate reductase'                                                         21349.525 1  1.5.1.3 ? ? ? 
2 non-polymer syn 'NADPH DIHYDRO-NICOTINAMIDE-ADENINE-DINUCLEOTIDE PHOSPHATE'                       745.421   1  ?       ? ? ? 
3 non-polymer syn '5-methyl-6-[(2,3,4-trifluorophenyl)sulfanyl]thieno[2,3-d]pyrimidine-2,4-diamine' 342.363   1  ?       ? ? ? 
4 water       nat water                                                                             18.015    48 ?       ? ? ? 
# 
_entity_poly.entity_id                      1 
_entity_poly.type                           'polypeptide(L)' 
_entity_poly.nstd_linkage                   no 
_entity_poly.nstd_monomer                   no 
_entity_poly.pdbx_seq_one_letter_code       
;VGSLNCIVAVSQNMGIGKNGDLPWPPLRNEFRYFQRMTTTSSVEGKQNLVIMGKKTWFSIPEKNRPLKGRINLVLSRELK
EPPQGAHFLSRSLDDALKLTEQPELANKVDMVWIVGGSSVYKEAMNHPGHLKLFVTRIMQDFESDTFFPEIDLEKYKLLP
EYPGVLSDVQEEKGIKYKFEVYEKND
;
_entity_poly.pdbx_seq_one_letter_code_can   
;VGSLNCIVAVSQNMGIGKNGDLPWPPLRNEFRYFQRMTTTSSVEGKQNLVIMGKKTWFSIPEKNRPLKGRINLVLSRELK
EPPQGAHFLSRSLDDALKLTEQPELANKVDMVWIVGGSSVYKEAMNHPGHLKLFVTRIMQDFESDTFFPEIDLEKYKLLP
EYPGVLSDVQEEKGIKYKFEVYEKND
;
_entity_poly.pdbx_strand_id                 A 
_entity_poly.pdbx_target_identifier         ? 
# 
loop_
_entity_poly_seq.entity_id 
_entity_poly_seq.num 
_entity_poly_seq.mon_id 
_entity_poly_seq.hetero 
1 1   VAL n 
1 2   GLY n 
1 3   SER n 
1 4   LEU n 
1 5   ASN n 
1 6   CYS n 
1 7   ILE n 
1 8   VAL n 
1 9   ALA n 
1 10  VAL n 
1 11  SER n 
1 12  GLN n 
1 13  ASN n 
1 14  MET n 
1 15  GLY n 
1 16  ILE n 
1 17  GLY n 
1 18  LYS n 
1 19  ASN n 
1 20  GLY n 
1 21  ASP n 
1 22  LEU n 
1 23  PRO n 
1 24  TRP n 
1 25  PRO n 
1 26  PRO n 
1 27  LEU n 
1 28  ARG n 
1 29  ASN n 
1 30  GLU n 
1 31  PHE n 
1 32  ARG n 
1 33  TYR n 
1 34  PHE n 
1 35  GLN n 
1 36  ARG n 
1 37  MET n 
1 38  THR n 
1 39  THR n 
1 40  THR n 
1 41  SER n 
1 42  SER n 
1 43  VAL n 
1 44  GLU n 
1 45  GLY n 
1 46  LYS n 
1 47  GLN n 
1 48  ASN n 
1 49  LEU n 
1 50  VAL n 
1 51  ILE n 
1 52  MET n 
1 53  GLY n 
1 54  LYS n 
1 55  LYS n 
1 56  THR n 
1 57  TRP n 
1 58  PHE n 
1 59  SER n 
1 60  ILE n 
1 61  PRO n 
1 62  GLU n 
1 63  LYS n 
1 64  ASN n 
1 65  ARG n 
1 66  PRO n 
1 67  LEU n 
1 68  LYS n 
1 69  GLY n 
1 70  ARG n 
1 71  ILE n 
1 72  ASN n 
1 73  LEU n 
1 74  VAL n 
1 75  LEU n 
1 76  SER n 
1 77  ARG n 
1 78  GLU n 
1 79  LEU n 
1 80  LYS n 
1 81  GLU n 
1 82  PRO n 
1 83  PRO n 
1 84  GLN n 
1 85  GLY n 
1 86  ALA n 
1 87  HIS n 
1 88  PHE n 
1 89  LEU n 
1 90  SER n 
1 91  ARG n 
1 92  SER n 
1 93  LEU n 
1 94  ASP n 
1 95  ASP n 
1 96  ALA n 
1 97  LEU n 
1 98  LYS n 
1 99  LEU n 
1 100 THR n 
1 101 GLU n 
1 102 GLN n 
1 103 PRO n 
1 104 GLU n 
1 105 LEU n 
1 106 ALA n 
1 107 ASN n 
1 108 LYS n 
1 109 VAL n 
1 110 ASP n 
1 111 MET n 
1 112 VAL n 
1 113 TRP n 
1 114 ILE n 
1 115 VAL n 
1 116 GLY n 
1 117 GLY n 
1 118 SER n 
1 119 SER n 
1 120 VAL n 
1 121 TYR n 
1 122 LYS n 
1 123 GLU n 
1 124 ALA n 
1 125 MET n 
1 126 ASN n 
1 127 HIS n 
1 128 PRO n 
1 129 GLY n 
1 130 HIS n 
1 131 LEU n 
1 132 LYS n 
1 133 LEU n 
1 134 PHE n 
1 135 VAL n 
1 136 THR n 
1 137 ARG n 
1 138 ILE n 
1 139 MET n 
1 140 GLN n 
1 141 ASP n 
1 142 PHE n 
1 143 GLU n 
1 144 SER n 
1 145 ASP n 
1 146 THR n 
1 147 PHE n 
1 148 PHE n 
1 149 PRO n 
1 150 GLU n 
1 151 ILE n 
1 152 ASP n 
1 153 LEU n 
1 154 GLU n 
1 155 LYS n 
1 156 TYR n 
1 157 LYS n 
1 158 LEU n 
1 159 LEU n 
1 160 PRO n 
1 161 GLU n 
1 162 TYR n 
1 163 PRO n 
1 164 GLY n 
1 165 VAL n 
1 166 LEU n 
1 167 SER n 
1 168 ASP n 
1 169 VAL n 
1 170 GLN n 
1 171 GLU n 
1 172 GLU n 
1 173 LYS n 
1 174 GLY n 
1 175 ILE n 
1 176 LYS n 
1 177 TYR n 
1 178 LYS n 
1 179 PHE n 
1 180 GLU n 
1 181 VAL n 
1 182 TYR n 
1 183 GLU n 
1 184 LYS n 
1 185 ASN n 
1 186 ASP n 
# 
_entity_src_gen.entity_id                          1 
_entity_src_gen.pdbx_src_id                        1 
_entity_src_gen.pdbx_alt_source_flag               sample 
_entity_src_gen.pdbx_seq_type                      'Biological sequence' 
_entity_src_gen.pdbx_beg_seq_num                   1 
_entity_src_gen.pdbx_end_seq_num                   186 
_entity_src_gen.gene_src_common_name               Human 
_entity_src_gen.gene_src_genus                     ? 
_entity_src_gen.pdbx_gene_src_gene                 DHFR 
_entity_src_gen.gene_src_species                   ? 
_entity_src_gen.gene_src_strain                    ? 
_entity_src_gen.gene_src_tissue                    ? 
_entity_src_gen.gene_src_tissue_fraction           ? 
_entity_src_gen.gene_src_details                   ? 
_entity_src_gen.pdbx_gene_src_fragment             ? 
_entity_src_gen.pdbx_gene_src_scientific_name      'Homo sapiens' 
_entity_src_gen.pdbx_gene_src_ncbi_taxonomy_id     9606 
_entity_src_gen.pdbx_gene_src_variant              ? 
_entity_src_gen.pdbx_gene_src_cell_line            ? 
_entity_src_gen.pdbx_gene_src_atcc                 ? 
_entity_src_gen.pdbx_gene_src_organ                ? 
_entity_src_gen.pdbx_gene_src_organelle            ? 
_entity_src_gen.pdbx_gene_src_cell                 ? 
_entity_src_gen.pdbx_gene_src_cellular_location    ? 
_entity_src_gen.host_org_common_name               ? 
_entity_src_gen.pdbx_host_org_scientific_name      'Escherichia coli' 
_entity_src_gen.pdbx_host_org_ncbi_taxonomy_id     562 
_entity_src_gen.host_org_genus                     ? 
_entity_src_gen.pdbx_host_org_gene                 ? 
_entity_src_gen.pdbx_host_org_organ                ? 
_entity_src_gen.host_org_species                   ? 
_entity_src_gen.pdbx_host_org_tissue               ? 
_entity_src_gen.pdbx_host_org_tissue_fraction      ? 
_entity_src_gen.pdbx_host_org_strain               ? 
_entity_src_gen.pdbx_host_org_variant              ? 
_entity_src_gen.pdbx_host_org_cell_line            ? 
_entity_src_gen.pdbx_host_org_atcc                 ? 
_entity_src_gen.pdbx_host_org_culture_collection   ? 
_entity_src_gen.pdbx_host_org_cell                 ? 
_entity_src_gen.pdbx_host_org_organelle            ? 
_entity_src_gen.pdbx_host_org_cellular_location    ? 
_entity_src_gen.pdbx_host_org_vector_type          ? 
_entity_src_gen.pdbx_host_org_vector               ? 
_entity_src_gen.host_org_details                   ? 
_entity_src_gen.expression_system_id               ? 
_entity_src_gen.plasmid_name                       pds5 
_entity_src_gen.plasmid_details                    ? 
_entity_src_gen.pdbx_description                   ? 
# 
_struct_ref.id                         1 
_struct_ref.db_name                    UNP 
_struct_ref.db_code                    DYR_HUMAN 
_struct_ref.pdbx_db_accession          P00374 
_struct_ref.pdbx_db_isoform            ? 
_struct_ref.entity_id                  1 
_struct_ref.pdbx_seq_one_letter_code   
;VGSLNCIVAVSQNMGIGKNGDLPWPPLRNEFRYFQRMTTTSSVEGKQNLVIMGKKTWFSIPEKNRPLKGRINLVLSRELK
EPPQGAHFLSRSLDDALKLTEQPELANKVDMVWIVGGSSVYKEAMNHPGHLKLFVTRIMQDFESDTFFPEIDLEKYKLLP
EYPGVLSDVQEEKGIKYKFEVYEKND
;
_struct_ref.pdbx_align_begin           2 
# 
_struct_ref_seq.align_id                      1 
_struct_ref_seq.ref_id                        1 
_struct_ref_seq.pdbx_PDB_id_code              5HSU 
_struct_ref_seq.pdbx_strand_id                A 
_struct_ref_seq.seq_align_beg                 1 
_struct_ref_seq.pdbx_seq_align_beg_ins_code   ? 
_struct_ref_seq.seq_align_end                 186 
_struct_ref_seq.pdbx_seq_align_end_ins_code   ? 
_struct_ref_seq.pdbx_db_accession             P00374 
_struct_ref_seq.db_align_beg                  2 
_struct_ref_seq.pdbx_db_align_beg_ins_code    ? 
_struct_ref_seq.db_align_end                  187 
_struct_ref_seq.pdbx_db_align_end_ins_code    ? 
_struct_ref_seq.pdbx_auth_seq_align_beg       1 
_struct_ref_seq.pdbx_auth_seq_align_end       186 
# 
loop_
_chem_comp.id 
_chem_comp.type 
_chem_comp.mon_nstd_flag 
_chem_comp.name 
_chem_comp.pdbx_synonyms 
_chem_comp.formula 
_chem_comp.formula_weight 
63Y non-polymer         . '5-methyl-6-[(2,3,4-trifluorophenyl)sulfanyl]thieno[2,3-d]pyrimidine-2,4-diamine' ? 'C13 H9 F3 N4 S2'   
342.363 
ALA 'L-peptide linking' y ALANINE                                                                           ? 'C3 H7 N O2'        
89.093  
ARG 'L-peptide linking' y ARGININE                                                                          ? 'C6 H15 N4 O2 1'    
175.209 
ASN 'L-peptide linking' y ASPARAGINE                                                                        ? 'C4 H8 N2 O3'       
132.118 
ASP 'L-peptide linking' y 'ASPARTIC ACID'                                                                   ? 'C4 H7 N O4'        
133.103 
CYS 'L-peptide linking' y CYSTEINE                                                                          ? 'C3 H7 N O2 S'      
121.158 
GLN 'L-peptide linking' y GLUTAMINE                                                                         ? 'C5 H10 N2 O3'      
146.144 
GLU 'L-peptide linking' y 'GLUTAMIC ACID'                                                                   ? 'C5 H9 N O4'        
147.129 
GLY 'peptide linking'   y GLYCINE                                                                           ? 'C2 H5 N O2'        
75.067  
HIS 'L-peptide linking' y HISTIDINE                                                                         ? 'C6 H10 N3 O2 1'    
156.162 
HOH non-polymer         . WATER                                                                             ? 'H2 O'              
18.015  
ILE 'L-peptide linking' y ISOLEUCINE                                                                        ? 'C6 H13 N O2'       
131.173 
LEU 'L-peptide linking' y LEUCINE                                                                           ? 'C6 H13 N O2'       
131.173 
LYS 'L-peptide linking' y LYSINE                                                                            ? 'C6 H15 N2 O2 1'    
147.195 
MET 'L-peptide linking' y METHIONINE                                                                        ? 'C5 H11 N O2 S'     
149.211 
NDP non-polymer         . 'NADPH DIHYDRO-NICOTINAMIDE-ADENINE-DINUCLEOTIDE PHOSPHATE'                       ? 'C21 H30 N7 O17 P3' 
745.421 
PHE 'L-peptide linking' y PHENYLALANINE                                                                     ? 'C9 H11 N O2'       
165.189 
PRO 'L-peptide linking' y PROLINE                                                                           ? 'C5 H9 N O2'        
115.130 
SER 'L-peptide linking' y SERINE                                                                            ? 'C3 H7 N O3'        
105.093 
THR 'L-peptide linking' y THREONINE                                                                         ? 'C4 H9 N O3'        
119.119 
TRP 'L-peptide linking' y TRYPTOPHAN                                                                        ? 'C11 H12 N2 O2'     
204.225 
TYR 'L-peptide linking' y TYROSINE                                                                          ? 'C9 H11 N O3'       
181.189 
VAL 'L-peptide linking' y VALINE                                                                            ? 'C5 H11 N O2'       
117.146 
# 
_exptl.absorpt_coefficient_mu     ? 
_exptl.absorpt_correction_T_max   ? 
_exptl.absorpt_correction_T_min   ? 
_exptl.absorpt_correction_type    ? 
_exptl.absorpt_process_details    ? 
_exptl.entry_id                   5HSU 
_exptl.crystals_number            1 
_exptl.details                    ? 
_exptl.method                     'X-RAY DIFFRACTION' 
_exptl.method_details             ? 
# 
_exptl_crystal.colour                      ? 
_exptl_crystal.density_diffrn              ? 
_exptl_crystal.density_Matthews            2.55 
_exptl_crystal.density_method              ? 
_exptl_crystal.density_percent_sol         51.76 
_exptl_crystal.description                 ? 
_exptl_crystal.F_000                       ? 
_exptl_crystal.id                          1 
_exptl_crystal.preparation                 ? 
_exptl_crystal.size_max                    ? 
_exptl_crystal.size_mid                    ? 
_exptl_crystal.size_min                    ? 
_exptl_crystal.size_rad                    ? 
_exptl_crystal.colour_lustre               ? 
_exptl_crystal.colour_modifier             ? 
_exptl_crystal.colour_primary              ? 
_exptl_crystal.density_meas                ? 
_exptl_crystal.density_meas_esd            ? 
_exptl_crystal.density_meas_gt             ? 
_exptl_crystal.density_meas_lt             ? 
_exptl_crystal.density_meas_temp           ? 
_exptl_crystal.density_meas_temp_esd       ? 
_exptl_crystal.density_meas_temp_gt        ? 
_exptl_crystal.density_meas_temp_lt        ? 
_exptl_crystal.pdbx_crystal_image_url      ? 
_exptl_crystal.pdbx_crystal_image_format   ? 
_exptl_crystal.pdbx_mosaicity              ? 
_exptl_crystal.pdbx_mosaicity_esd          ? 
# 
_exptl_crystal_grow.apparatus       ? 
_exptl_crystal_grow.atmosphere      ? 
_exptl_crystal_grow.crystal_id      1 
_exptl_crystal_grow.details         ? 
_exptl_crystal_grow.method          'VAPOR DIFFUSION, HANGING DROP' 
_exptl_crystal_grow.method_ref      ? 
_exptl_crystal_grow.pH              6.9 
_exptl_crystal_grow.pressure        ? 
_exptl_crystal_grow.pressure_esd    ? 
_exptl_crystal_grow.seeding         ? 
_exptl_crystal_grow.seeding_ref     ? 
_exptl_crystal_grow.temp            287 
_exptl_crystal_grow.temp_details    ? 
_exptl_crystal_grow.temp_esd        ? 
_exptl_crystal_grow.time            ? 
_exptl_crystal_grow.pdbx_details    '100 mM KPO4 60% sat AmSO4, 3% v/v ETOH' 
_exptl_crystal_grow.pdbx_pH_range   6.4-6.9 
# 
_diffrn.ambient_environment    ? 
_diffrn.ambient_temp           273 
_diffrn.ambient_temp_details   ? 
_diffrn.ambient_temp_esd       ? 
_diffrn.crystal_id             1 
_diffrn.crystal_support        ? 
_diffrn.crystal_treatment      ? 
_diffrn.details                ? 
_diffrn.id                     1 
_diffrn.ambient_pressure       ? 
_diffrn.ambient_pressure_esd   ? 
_diffrn.ambient_pressure_gt    ? 
_diffrn.ambient_pressure_lt    ? 
_diffrn.ambient_temp_gt        ? 
_diffrn.ambient_temp_lt        ? 
# 
_diffrn_detector.details                      mirror 
_diffrn_detector.detector                     CCD 
_diffrn_detector.diffrn_id                    1 
_diffrn_detector.type                         'MARMOSAIC 325 mm CCD' 
_diffrn_detector.area_resol_mean              ? 
_diffrn_detector.dtime                        ? 
_diffrn_detector.pdbx_frames_total            ? 
_diffrn_detector.pdbx_collection_time_total   ? 
_diffrn_detector.pdbx_collection_date         2015-01-14 
# 
_diffrn_radiation.collimation                      ? 
_diffrn_radiation.diffrn_id                        1 
_diffrn_radiation.filter_edge                      ? 
_diffrn_radiation.inhomogeneity                    ? 
_diffrn_radiation.monochromator                    'Si crystal' 
_diffrn_radiation.polarisn_norm                    ? 
_diffrn_radiation.polarisn_ratio                   ? 
_diffrn_radiation.probe                            ? 
_diffrn_radiation.type                             ? 
_diffrn_radiation.xray_symbol                      ? 
_diffrn_radiation.wavelength_id                    1 
_diffrn_radiation.pdbx_monochromatic_or_laue_m_l   M 
_diffrn_radiation.pdbx_wavelength_list             ? 
_diffrn_radiation.pdbx_wavelength                  ? 
_diffrn_radiation.pdbx_diffrn_protocol             'SINGLE WAVELENGTH' 
_diffrn_radiation.pdbx_analyzer                    ? 
_diffrn_radiation.pdbx_scattering_type             x-ray 
# 
_diffrn_radiation_wavelength.id           1 
_diffrn_radiation_wavelength.wavelength   0.975 
_diffrn_radiation_wavelength.wt           1.0 
# 
_diffrn_source.current                     ? 
_diffrn_source.details                     ? 
_diffrn_source.diffrn_id                   1 
_diffrn_source.power                       ? 
_diffrn_source.size                        ? 
_diffrn_source.source                      SYNCHROTRON 
_diffrn_source.target                      ? 
_diffrn_source.type                        'SSRL BEAMLINE BL14-1' 
_diffrn_source.voltage                     ? 
_diffrn_source.take-off_angle              ? 
_diffrn_source.pdbx_wavelength_list        0.975 
_diffrn_source.pdbx_wavelength             ? 
_diffrn_source.pdbx_synchrotron_beamline   BL14-1 
_diffrn_source.pdbx_synchrotron_site       SSRL 
# 
_reflns.B_iso_Wilson_estimate            ? 
_reflns.entry_id                         5HSU 
_reflns.data_reduction_details           ? 
_reflns.data_reduction_method            ? 
_reflns.d_resolution_high                1.45 
_reflns.d_resolution_low                 50.00 
_reflns.details                          ? 
_reflns.limit_h_max                      ? 
_reflns.limit_h_min                      ? 
_reflns.limit_k_max                      ? 
_reflns.limit_k_min                      ? 
_reflns.limit_l_max                      ? 
_reflns.limit_l_min                      ? 
_reflns.number_all                       ? 
_reflns.number_obs                       36237 
_reflns.observed_criterion               ? 
_reflns.observed_criterion_F_max         ? 
_reflns.observed_criterion_F_min         ? 
_reflns.observed_criterion_I_max         ? 
_reflns.observed_criterion_I_min         ? 
_reflns.observed_criterion_sigma_F       1.0 
_reflns.observed_criterion_sigma_I       1.0 
_reflns.percent_possible_obs             99.9 
_reflns.R_free_details                   ? 
_reflns.Rmerge_F_all                     ? 
_reflns.Rmerge_F_obs                     ? 
_reflns.Friedel_coverage                 ? 
_reflns.number_gt                        ? 
_reflns.threshold_expression             ? 
_reflns.pdbx_redundancy                  4.0 
_reflns.pdbx_Rmerge_I_obs                0.108 
_reflns.pdbx_Rmerge_I_all                ? 
_reflns.pdbx_Rsym_value                  0.02 
_reflns.pdbx_netI_over_av_sigmaI         ? 
_reflns.pdbx_netI_over_sigmaI            62.4 
_reflns.pdbx_res_netI_over_av_sigmaI_2   ? 
_reflns.pdbx_res_netI_over_sigmaI_2      ? 
_reflns.pdbx_chi_squared                 ? 
_reflns.pdbx_scaling_rejects             ? 
_reflns.pdbx_d_res_high_opt              ? 
_reflns.pdbx_d_res_low_opt               ? 
_reflns.pdbx_d_res_opt_method            ? 
_reflns.phase_calculation_details        ? 
_reflns.pdbx_Rrim_I_all                  ? 
_reflns.pdbx_Rpim_I_all                  ? 
_reflns.pdbx_d_opt                       ? 
_reflns.pdbx_number_measured_all         ? 
_reflns.pdbx_diffrn_id                   1 
_reflns.pdbx_ordinal                     1 
_reflns.pdbx_CC_half                     ? 
_reflns.pdbx_R_split                     ? 
# 
_reflns_shell.d_res_high                  1.45 
_reflns_shell.d_res_low                   1.48 
_reflns_shell.meanI_over_sigI_all         ? 
_reflns_shell.meanI_over_sigI_obs         2.0 
_reflns_shell.number_measured_all         ? 
_reflns_shell.number_measured_obs         ? 
_reflns_shell.number_possible             ? 
_reflns_shell.number_unique_all           ? 
_reflns_shell.number_unique_obs           ? 
_reflns_shell.percent_possible_all        100.0 
_reflns_shell.percent_possible_obs        ? 
_reflns_shell.Rmerge_F_all                ? 
_reflns_shell.Rmerge_F_obs                ? 
_reflns_shell.Rmerge_I_all                ? 
_reflns_shell.Rmerge_I_obs                0.124 
_reflns_shell.meanI_over_sigI_gt          ? 
_reflns_shell.meanI_over_uI_all           ? 
_reflns_shell.meanI_over_uI_gt            ? 
_reflns_shell.number_measured_gt          ? 
_reflns_shell.number_unique_gt            ? 
_reflns_shell.percent_possible_gt         ? 
_reflns_shell.Rmerge_F_gt                 ? 
_reflns_shell.Rmerge_I_gt                 ? 
_reflns_shell.pdbx_redundancy             3.0 
_reflns_shell.pdbx_Rsym_value             ? 
_reflns_shell.pdbx_chi_squared            ? 
_reflns_shell.pdbx_netI_over_sigmaI_all   ? 
_reflns_shell.pdbx_netI_over_sigmaI_obs   ? 
_reflns_shell.pdbx_Rrim_I_all             ? 
_reflns_shell.pdbx_Rpim_I_all             ? 
_reflns_shell.pdbx_rejects                ? 
_reflns_shell.pdbx_ordinal                1 
_reflns_shell.pdbx_diffrn_id              1 
_reflns_shell.pdbx_CC_half                ? 
_reflns_shell.pdbx_R_split                ? 
# 
_refine.aniso_B[1][1]                            0.00 
_refine.aniso_B[1][2]                            0.00 
_refine.aniso_B[1][3]                            0.00 
_refine.aniso_B[2][2]                            0.00 
_refine.aniso_B[2][3]                            0.00 
_refine.aniso_B[3][3]                            0.00 
_refine.B_iso_max                                ? 
_refine.B_iso_mean                               30.574 
_refine.B_iso_min                                ? 
_refine.correlation_coeff_Fo_to_Fc               0.960 
_refine.correlation_coeff_Fo_to_Fc_free          0.953 
_refine.details                                  'HYDROGENS HAVE BEEN USED IF PRESENT IN THE INPUT' 
_refine.diff_density_max                         ? 
_refine.diff_density_max_esd                     ? 
_refine.diff_density_min                         ? 
_refine.diff_density_min_esd                     ? 
_refine.diff_density_rms                         ? 
_refine.diff_density_rms_esd                     ? 
_refine.entry_id                                 5HSU 
_refine.pdbx_refine_id                           'X-RAY DIFFRACTION' 
_refine.ls_abs_structure_details                 ? 
_refine.ls_abs_structure_Flack                   ? 
_refine.ls_abs_structure_Flack_esd               ? 
_refine.ls_abs_structure_Rogers                  ? 
_refine.ls_abs_structure_Rogers_esd              ? 
_refine.ls_d_res_high                            1.46 
_refine.ls_d_res_low                             33.95 
_refine.ls_extinction_coef                       ? 
_refine.ls_extinction_coef_esd                   ? 
_refine.ls_extinction_expression                 ? 
_refine.ls_extinction_method                     ? 
_refine.ls_goodness_of_fit_all                   ? 
_refine.ls_goodness_of_fit_all_esd               ? 
_refine.ls_goodness_of_fit_obs                   ? 
_refine.ls_goodness_of_fit_obs_esd               ? 
_refine.ls_hydrogen_treatment                    ? 
_refine.ls_matrix_type                           ? 
_refine.ls_number_constraints                    ? 
_refine.ls_number_parameters                     ? 
_refine.ls_number_reflns_all                     ? 
_refine.ls_number_reflns_obs                     34363 
_refine.ls_number_reflns_R_free                  1809 
_refine.ls_number_reflns_R_work                  ? 
_refine.ls_number_restraints                     ? 
_refine.ls_percent_reflns_obs                    98.99 
_refine.ls_percent_reflns_R_free                 5.0 
_refine.ls_R_factor_all                          ? 
_refine.ls_R_factor_obs                          0.23218 
_refine.ls_R_factor_R_free                       0.25316 
_refine.ls_R_factor_R_free_error                 ? 
_refine.ls_R_factor_R_free_error_details         ? 
_refine.ls_R_factor_R_work                       0.23104 
_refine.ls_R_Fsqd_factor_obs                     ? 
_refine.ls_R_I_factor_obs                        ? 
_refine.ls_redundancy_reflns_all                 ? 
_refine.ls_redundancy_reflns_obs                 ? 
_refine.ls_restrained_S_all                      ? 
_refine.ls_restrained_S_obs                      ? 
_refine.ls_shift_over_esd_max                    ? 
_refine.ls_shift_over_esd_mean                   ? 
_refine.ls_structure_factor_coef                 ? 
_refine.ls_weighting_details                     ? 
_refine.ls_weighting_scheme                      ? 
_refine.ls_wR_factor_all                         ? 
_refine.ls_wR_factor_obs                         ? 
_refine.ls_wR_factor_R_free                      ? 
_refine.ls_wR_factor_R_work                      ? 
_refine.occupancy_max                            ? 
_refine.occupancy_min                            ? 
_refine.solvent_model_details                    ? 
_refine.solvent_model_param_bsol                 ? 
_refine.solvent_model_param_ksol                 ? 
_refine.ls_R_factor_gt                           ? 
_refine.ls_goodness_of_fit_gt                    ? 
_refine.ls_goodness_of_fit_ref                   ? 
_refine.ls_shift_over_su_max                     ? 
_refine.ls_shift_over_su_max_lt                  ? 
_refine.ls_shift_over_su_mean                    ? 
_refine.ls_shift_over_su_mean_lt                 ? 
_refine.pdbx_ls_sigma_I                          ? 
_refine.pdbx_ls_sigma_F                          ? 
_refine.pdbx_ls_sigma_Fsqd                       ? 
_refine.pdbx_data_cutoff_high_absF               ? 
_refine.pdbx_data_cutoff_high_rms_absF           ? 
_refine.pdbx_data_cutoff_low_absF                ? 
_refine.pdbx_isotropic_thermal_model             ? 
_refine.pdbx_ls_cross_valid_method               THROUGHOUT 
_refine.pdbx_method_to_determine_struct          'MOLECULAR REPLACEMENT' 
_refine.pdbx_starting_model                      1u72 
_refine.pdbx_stereochemistry_target_values       ? 
_refine.pdbx_R_Free_selection_details            RANDOM 
_refine.pdbx_stereochem_target_val_spec_case     ? 
_refine.pdbx_overall_ESU_R                       0.084 
_refine.pdbx_overall_ESU_R_Free                  0.082 
_refine.pdbx_solvent_vdw_probe_radii             1.20 
_refine.pdbx_solvent_ion_probe_radii             0.80 
_refine.pdbx_solvent_shrinkage_radii             0.80 
_refine.pdbx_real_space_R                        ? 
_refine.pdbx_density_correlation                 ? 
_refine.pdbx_pd_number_of_powder_patterns        ? 
_refine.pdbx_pd_number_of_points                 ? 
_refine.pdbx_pd_meas_number_of_points            ? 
_refine.pdbx_pd_proc_ls_prof_R_factor            ? 
_refine.pdbx_pd_proc_ls_prof_wR_factor           ? 
_refine.pdbx_pd_Marquardt_correlation_coeff      ? 
_refine.pdbx_pd_Fsqrd_R_factor                   ? 
_refine.pdbx_pd_ls_matrix_band_width             ? 
_refine.pdbx_overall_phase_error                 ? 
_refine.pdbx_overall_SU_R_free_Cruickshank_DPI   ? 
_refine.pdbx_overall_SU_R_free_Blow_DPI          ? 
_refine.pdbx_overall_SU_R_Blow_DPI               ? 
_refine.pdbx_TLS_residual_ADP_flag               ? 
_refine.pdbx_diffrn_id                           1 
_refine.overall_SU_B                             1.722 
_refine.overall_SU_ML                            0.067 
_refine.overall_SU_R_Cruickshank_DPI             ? 
_refine.overall_SU_R_free                        ? 
_refine.overall_FOM_free_R_set                   ? 
_refine.overall_FOM_work_R_set                   ? 
_refine.pdbx_average_fsc_overall                 ? 
_refine.pdbx_average_fsc_work                    ? 
_refine.pdbx_average_fsc_free                    ? 
# 
_refine_hist.pdbx_refine_id                   'X-RAY DIFFRACTION' 
_refine_hist.cycle_id                         1 
_refine_hist.pdbx_number_atoms_protein        1502 
_refine_hist.pdbx_number_atoms_nucleic_acid   0 
_refine_hist.pdbx_number_atoms_ligand         69 
_refine_hist.number_atoms_solvent             48 
_refine_hist.number_atoms_total               1619 
_refine_hist.d_res_high                       1.46 
_refine_hist.d_res_low                        33.95 
# 
loop_
_refine_ls_restr.pdbx_refine_id 
_refine_ls_restr.criterion 
_refine_ls_restr.dev_ideal 
_refine_ls_restr.dev_ideal_target 
_refine_ls_restr.number 
_refine_ls_restr.rejects 
_refine_ls_restr.type 
_refine_ls_restr.weight 
_refine_ls_restr.pdbx_restraint_function 
'X-RAY DIFFRACTION' ? 0.027  0.020  1629 ? r_bond_refined_d             ? ? 
'X-RAY DIFFRACTION' ? ?      ?      ?    ? r_bond_other_d               ? ? 
'X-RAY DIFFRACTION' ? 3.295  2.034  2214 ? r_angle_refined_deg          ? ? 
'X-RAY DIFFRACTION' ? ?      ?      ?    ? r_angle_other_deg            ? ? 
'X-RAY DIFFRACTION' ? 7.538  5.000  189  ? r_dihedral_angle_1_deg       ? ? 
'X-RAY DIFFRACTION' ? 36.396 24.789 71   ? r_dihedral_angle_2_deg       ? ? 
'X-RAY DIFFRACTION' ? 15.967 15.000 291  ? r_dihedral_angle_3_deg       ? ? 
'X-RAY DIFFRACTION' ? 16.178 15.000 8    ? r_dihedral_angle_4_deg       ? ? 
'X-RAY DIFFRACTION' ? 0.171  0.200  235  ? r_chiral_restr               ? ? 
'X-RAY DIFFRACTION' ? 0.019  0.021  1220 ? r_gen_planes_refined         ? ? 
'X-RAY DIFFRACTION' ? ?      ?      ?    ? r_gen_planes_other           ? ? 
'X-RAY DIFFRACTION' ? ?      ?      ?    ? r_nbd_refined                ? ? 
'X-RAY DIFFRACTION' ? ?      ?      ?    ? r_nbd_other                  ? ? 
'X-RAY DIFFRACTION' ? ?      ?      ?    ? r_nbtor_refined              ? ? 
'X-RAY DIFFRACTION' ? ?      ?      ?    ? r_nbtor_other                ? ? 
'X-RAY DIFFRACTION' ? ?      ?      ?    ? r_xyhbond_nbd_refined        ? ? 
'X-RAY DIFFRACTION' ? ?      ?      ?    ? r_xyhbond_nbd_other          ? ? 
'X-RAY DIFFRACTION' ? ?      ?      ?    ? r_metal_ion_refined          ? ? 
'X-RAY DIFFRACTION' ? ?      ?      ?    ? r_metal_ion_other            ? ? 
'X-RAY DIFFRACTION' ? ?      ?      ?    ? r_symmetry_vdw_refined       ? ? 
'X-RAY DIFFRACTION' ? ?      ?      ?    ? r_symmetry_vdw_other         ? ? 
'X-RAY DIFFRACTION' ? ?      ?      ?    ? r_symmetry_hbond_refined     ? ? 
'X-RAY DIFFRACTION' ? ?      ?      ?    ? r_symmetry_hbond_other       ? ? 
'X-RAY DIFFRACTION' ? ?      ?      ?    ? r_symmetry_metal_ion_refined ? ? 
'X-RAY DIFFRACTION' ? ?      ?      ?    ? r_symmetry_metal_ion_other   ? ? 
'X-RAY DIFFRACTION' ? ?      ?      ?    ? r_mcbond_it                  ? ? 
'X-RAY DIFFRACTION' ? ?      ?      ?    ? r_mcbond_other               ? ? 
'X-RAY DIFFRACTION' ? ?      ?      ?    ? r_mcangle_it                 ? ? 
'X-RAY DIFFRACTION' ? ?      ?      ?    ? r_mcangle_other              ? ? 
'X-RAY DIFFRACTION' ? ?      ?      ?    ? r_scbond_it                  ? ? 
'X-RAY DIFFRACTION' ? ?      ?      ?    ? r_scbond_other               ? ? 
'X-RAY DIFFRACTION' ? ?      ?      ?    ? r_scangle_it                 ? ? 
'X-RAY DIFFRACTION' ? ?      ?      ?    ? r_scangle_other              ? ? 
'X-RAY DIFFRACTION' ? ?      ?      ?    ? r_long_range_B_refined       ? ? 
'X-RAY DIFFRACTION' ? ?      ?      ?    ? r_long_range_B_other         ? ? 
'X-RAY DIFFRACTION' ? ?      ?      ?    ? r_rigid_bond_restr           ? ? 
'X-RAY DIFFRACTION' ? ?      ?      ?    ? r_sphericity_free            ? ? 
'X-RAY DIFFRACTION' ? ?      ?      ?    ? r_sphericity_bonded          ? ? 
# 
_refine_ls_shell.pdbx_refine_id                   'X-RAY DIFFRACTION' 
_refine_ls_shell.d_res_high                       1.462 
_refine_ls_shell.d_res_low                        1.500 
_refine_ls_shell.number_reflns_all                ? 
_refine_ls_shell.number_reflns_obs                ? 
_refine_ls_shell.number_reflns_R_free             110 
_refine_ls_shell.number_reflns_R_work             2275 
_refine_ls_shell.percent_reflns_obs               88.43 
_refine_ls_shell.percent_reflns_R_free            ? 
_refine_ls_shell.R_factor_all                     ? 
_refine_ls_shell.R_factor_obs                     ? 
_refine_ls_shell.R_factor_R_free                  0.476 
_refine_ls_shell.R_factor_R_free_error            ? 
_refine_ls_shell.R_factor_R_work                  0.364 
_refine_ls_shell.redundancy_reflns_all            ? 
_refine_ls_shell.redundancy_reflns_obs            ? 
_refine_ls_shell.wR_factor_all                    ? 
_refine_ls_shell.wR_factor_obs                    ? 
_refine_ls_shell.wR_factor_R_free                 ? 
_refine_ls_shell.wR_factor_R_work                 ? 
_refine_ls_shell.pdbx_total_number_of_bins_used   20 
_refine_ls_shell.pdbx_phase_error                 ? 
_refine_ls_shell.pdbx_fsc_work                    ? 
_refine_ls_shell.pdbx_fsc_free                    ? 
# 
_struct.entry_id                     5HSU 
_struct.title                        
;Fluorine substituted 5-methyl-6-(2',4'-difluoromethoxyphenythio)thieno[2,3-d]pyrimidine-2,4-diamine
;
_struct.pdbx_model_details           ? 
_struct.pdbx_formula_weight          ? 
_struct.pdbx_formula_weight_method   ? 
_struct.pdbx_model_type_details      ? 
_struct.pdbx_CASP_flag               ? 
# 
_struct_keywords.entry_id        5HSU 
_struct_keywords.text            
'dihydrofolate reductase inhibitor complex with NADPH, oxidoreductase-oxidoreductase inhibitor complex' 
_struct_keywords.pdbx_keywords   'oxidoreductase/oxidoreductase inhibitor' 
# 
loop_
_struct_asym.id 
_struct_asym.pdbx_blank_PDB_chainid_flag 
_struct_asym.pdbx_modified 
_struct_asym.entity_id 
_struct_asym.details 
A N N 1 ? 
B N N 2 ? 
C N N 3 ? 
D N N 4 ? 
# 
loop_
_struct_conf.conf_type_id 
_struct_conf.id 
_struct_conf.pdbx_PDB_helix_id 
_struct_conf.beg_label_comp_id 
_struct_conf.beg_label_asym_id 
_struct_conf.beg_label_seq_id 
_struct_conf.pdbx_beg_PDB_ins_code 
_struct_conf.end_label_comp_id 
_struct_conf.end_label_asym_id 
_struct_conf.end_label_seq_id 
_struct_conf.pdbx_end_PDB_ins_code 
_struct_conf.beg_auth_comp_id 
_struct_conf.beg_auth_asym_id 
_struct_conf.beg_auth_seq_id 
_struct_conf.end_auth_comp_id 
_struct_conf.end_auth_asym_id 
_struct_conf.end_auth_seq_id 
_struct_conf.pdbx_PDB_helix_class 
_struct_conf.details 
_struct_conf.pdbx_PDB_helix_length 
HELX_P HELX_P1 AA1 LEU A 27  ? THR A 40  ? LEU A 27  THR A 40  1 ? 14 
HELX_P HELX_P2 AA2 LYS A 54  ? ILE A 60  ? LYS A 54  ILE A 60  1 ? 7  
HELX_P HELX_P3 AA3 PRO A 61  ? ARG A 65  ? PRO A 61  ARG A 65  5 ? 5  
HELX_P HELX_P4 AA4 SER A 92  ? THR A 100 ? SER A 92  THR A 100 1 ? 9  
HELX_P HELX_P5 AA5 GLN A 102 ? ASN A 107 ? GLN A 102 ASN A 107 1 ? 6  
HELX_P HELX_P6 AA6 GLY A 117 ? ASN A 126 ? GLY A 117 ASN A 126 1 ? 10 
# 
_struct_conf_type.id          HELX_P 
_struct_conf_type.criteria    ? 
_struct_conf_type.reference   ? 
# 
loop_
_struct_mon_prot_cis.pdbx_id 
_struct_mon_prot_cis.label_comp_id 
_struct_mon_prot_cis.label_seq_id 
_struct_mon_prot_cis.label_asym_id 
_struct_mon_prot_cis.label_alt_id 
_struct_mon_prot_cis.pdbx_PDB_ins_code 
_struct_mon_prot_cis.auth_comp_id 
_struct_mon_prot_cis.auth_seq_id 
_struct_mon_prot_cis.auth_asym_id 
_struct_mon_prot_cis.pdbx_label_comp_id_2 
_struct_mon_prot_cis.pdbx_label_seq_id_2 
_struct_mon_prot_cis.pdbx_label_asym_id_2 
_struct_mon_prot_cis.pdbx_PDB_ins_code_2 
_struct_mon_prot_cis.pdbx_auth_comp_id_2 
_struct_mon_prot_cis.pdbx_auth_seq_id_2 
_struct_mon_prot_cis.pdbx_auth_asym_id_2 
_struct_mon_prot_cis.pdbx_PDB_model_num 
_struct_mon_prot_cis.pdbx_omega_angle 
1 ARG 65  A . ? ARG 65  A PRO 66  A ? PRO 66  A 1 -12.25 
2 GLY 116 A . ? GLY 116 A GLY 117 A ? GLY 117 A 1 16.45  
# 
loop_
_struct_sheet.id 
_struct_sheet.type 
_struct_sheet.number_strands 
_struct_sheet.details 
AA1 ? 8 ? 
AA2 ? 8 ? 
AA3 ? 2 ? 
# 
loop_
_struct_sheet_order.sheet_id 
_struct_sheet_order.range_id_1 
_struct_sheet_order.range_id_2 
_struct_sheet_order.offset 
_struct_sheet_order.sense 
AA1 1 2 ? parallel      
AA1 2 3 ? parallel      
AA1 3 4 ? parallel      
AA1 4 5 ? parallel      
AA1 5 6 ? parallel      
AA1 6 7 ? anti-parallel 
AA1 7 8 ? anti-parallel 
AA2 1 2 ? parallel      
AA2 2 3 ? parallel      
AA2 3 4 ? parallel      
AA2 4 5 ? parallel      
AA2 5 6 ? parallel      
AA2 6 7 ? anti-parallel 
AA2 7 8 ? anti-parallel 
AA3 1 2 ? anti-parallel 
# 
loop_
_struct_sheet_range.sheet_id 
_struct_sheet_range.id 
_struct_sheet_range.beg_label_comp_id 
_struct_sheet_range.beg_label_asym_id 
_struct_sheet_range.beg_label_seq_id 
_struct_sheet_range.pdbx_beg_PDB_ins_code 
_struct_sheet_range.end_label_comp_id 
_struct_sheet_range.end_label_asym_id 
_struct_sheet_range.end_label_seq_id 
_struct_sheet_range.pdbx_end_PDB_ins_code 
_struct_sheet_range.beg_auth_comp_id 
_struct_sheet_range.beg_auth_asym_id 
_struct_sheet_range.beg_auth_seq_id 
_struct_sheet_range.end_auth_comp_id 
_struct_sheet_range.end_auth_asym_id 
_struct_sheet_range.end_auth_seq_id 
AA1 1 PHE A 88  ? SER A 90  ? PHE A 88  SER A 90  
AA1 2 ILE A 71  ? LEU A 75  ? ILE A 71  LEU A 75  
AA1 3 GLN A 47  ? GLY A 53  ? GLN A 47  GLY A 53  
AA1 4 VAL A 109 ? ILE A 114 ? VAL A 109 ILE A 114 
AA1 5 LEU A 4   ? SER A 11  ? LEU A 4   SER A 11  
AA1 6 HIS A 130 ? ILE A 138 ? HIS A 130 ILE A 138 
AA1 7 ILE A 175 ? ASN A 185 ? ILE A 175 ASN A 185 
AA1 8 LYS A 157 ? LEU A 158 ? LYS A 157 LEU A 158 
AA2 1 PHE A 88  ? SER A 90  ? PHE A 88  SER A 90  
AA2 2 ILE A 71  ? LEU A 75  ? ILE A 71  LEU A 75  
AA2 3 GLN A 47  ? GLY A 53  ? GLN A 47  GLY A 53  
AA2 4 VAL A 109 ? ILE A 114 ? VAL A 109 ILE A 114 
AA2 5 LEU A 4   ? SER A 11  ? LEU A 4   SER A 11  
AA2 6 HIS A 130 ? ILE A 138 ? HIS A 130 ILE A 138 
AA2 7 ILE A 175 ? ASN A 185 ? ILE A 175 ASN A 185 
AA2 8 GLN A 170 ? GLU A 172 ? GLN A 170 GLU A 172 
AA3 1 GLY A 15  ? GLY A 17  ? GLY A 15  GLY A 17  
AA3 2 THR A 146 ? PHE A 147 ? THR A 146 PHE A 147 
# 
loop_
_pdbx_struct_sheet_hbond.sheet_id 
_pdbx_struct_sheet_hbond.range_id_1 
_pdbx_struct_sheet_hbond.range_id_2 
_pdbx_struct_sheet_hbond.range_1_label_atom_id 
_pdbx_struct_sheet_hbond.range_1_label_comp_id 
_pdbx_struct_sheet_hbond.range_1_label_asym_id 
_pdbx_struct_sheet_hbond.range_1_label_seq_id 
_pdbx_struct_sheet_hbond.range_1_PDB_ins_code 
_pdbx_struct_sheet_hbond.range_1_auth_atom_id 
_pdbx_struct_sheet_hbond.range_1_auth_comp_id 
_pdbx_struct_sheet_hbond.range_1_auth_asym_id 
_pdbx_struct_sheet_hbond.range_1_auth_seq_id 
_pdbx_struct_sheet_hbond.range_2_label_atom_id 
_pdbx_struct_sheet_hbond.range_2_label_comp_id 
_pdbx_struct_sheet_hbond.range_2_label_asym_id 
_pdbx_struct_sheet_hbond.range_2_label_seq_id 
_pdbx_struct_sheet_hbond.range_2_PDB_ins_code 
_pdbx_struct_sheet_hbond.range_2_auth_atom_id 
_pdbx_struct_sheet_hbond.range_2_auth_comp_id 
_pdbx_struct_sheet_hbond.range_2_auth_asym_id 
_pdbx_struct_sheet_hbond.range_2_auth_seq_id 
AA1 1 2 O SER A 90  ? O SER A 90  N VAL A 74  ? N VAL A 74  
AA1 2 3 O ILE A 71  ? O ILE A 71  N VAL A 50  ? N VAL A 50  
AA1 3 4 N LEU A 49  ? N LEU A 49  O TRP A 113 ? O TRP A 113 
AA1 4 5 O ILE A 114 ? O ILE A 114 N ASN A 5   ? N ASN A 5   
AA1 5 6 N VAL A 10  ? N VAL A 10  O ILE A 138 ? O ILE A 138 
AA1 6 7 N ARG A 137 ? N ARG A 137 O LYS A 178 ? O LYS A 178 
AA1 7 8 O GLU A 183 ? O GLU A 183 N LYS A 157 ? N LYS A 157 
AA2 1 2 O SER A 90  ? O SER A 90  N VAL A 74  ? N VAL A 74  
AA2 2 3 O ILE A 71  ? O ILE A 71  N VAL A 50  ? N VAL A 50  
AA2 3 4 N LEU A 49  ? N LEU A 49  O TRP A 113 ? O TRP A 113 
AA2 4 5 O ILE A 114 ? O ILE A 114 N ASN A 5   ? N ASN A 5   
AA2 5 6 N VAL A 10  ? N VAL A 10  O ILE A 138 ? O ILE A 138 
AA2 6 7 N ARG A 137 ? N ARG A 137 O LYS A 178 ? O LYS A 178 
AA2 7 8 O TYR A 177 ? O TYR A 177 N GLN A 170 ? N GLN A 170 
AA3 1 2 N ILE A 16  ? N ILE A 16  O THR A 146 ? O THR A 146 
# 
loop_
_struct_site.id 
_struct_site.pdbx_evidence_code 
_struct_site.pdbx_auth_asym_id 
_struct_site.pdbx_auth_comp_id 
_struct_site.pdbx_auth_seq_id 
_struct_site.pdbx_auth_ins_code 
_struct_site.pdbx_num_residues 
_struct_site.details 
AC1 Software A NDP 201 ? 30 'binding site for residue NDP A 201' 
AC2 Software A 63Y 202 ? 13 'binding site for residue 63Y A 202' 
# 
loop_
_struct_site_gen.id 
_struct_site_gen.site_id 
_struct_site_gen.pdbx_num_res 
_struct_site_gen.label_comp_id 
_struct_site_gen.label_asym_id 
_struct_site_gen.label_seq_id 
_struct_site_gen.pdbx_auth_ins_code 
_struct_site_gen.auth_comp_id 
_struct_site_gen.auth_asym_id 
_struct_site_gen.auth_seq_id 
_struct_site_gen.label_atom_id 
_struct_site_gen.label_alt_id 
_struct_site_gen.symmetry 
_struct_site_gen.details 
1  AC1 30 VAL A 8   ? VAL A 8   . ? 1_555 ? 
2  AC1 30 ALA A 9   ? ALA A 9   . ? 1_555 ? 
3  AC1 30 ILE A 16  ? ILE A 16  . ? 1_555 ? 
4  AC1 30 GLY A 17  ? GLY A 17  . ? 1_555 ? 
5  AC1 30 GLY A 20  ? GLY A 20  . ? 1_555 ? 
6  AC1 30 ASP A 21  ? ASP A 21  . ? 1_555 ? 
7  AC1 30 LEU A 22  ? LEU A 22  . ? 1_555 ? 
8  AC1 30 GLY A 53  ? GLY A 53  . ? 1_555 ? 
9  AC1 30 LYS A 54  ? LYS A 54  . ? 1_555 ? 
10 AC1 30 LYS A 55  ? LYS A 55  . ? 1_555 ? 
11 AC1 30 THR A 56  ? THR A 56  . ? 1_555 ? 
12 AC1 30 SER A 59  ? SER A 59  . ? 1_555 ? 
13 AC1 30 LEU A 75  ? LEU A 75  . ? 1_555 ? 
14 AC1 30 SER A 76  ? SER A 76  . ? 1_555 ? 
15 AC1 30 ARG A 77  ? ARG A 77  . ? 1_555 ? 
16 AC1 30 GLU A 78  ? GLU A 78  . ? 1_555 ? 
17 AC1 30 ARG A 91  ? ARG A 91  . ? 1_555 ? 
18 AC1 30 SER A 92  ? SER A 92  . ? 1_555 ? 
19 AC1 30 VAL A 115 ? VAL A 115 . ? 1_555 ? 
20 AC1 30 GLY A 117 ? GLY A 117 . ? 1_555 ? 
21 AC1 30 SER A 118 ? SER A 118 . ? 1_555 ? 
22 AC1 30 SER A 119 ? SER A 119 . ? 1_555 ? 
23 AC1 30 VAL A 120 ? VAL A 120 . ? 1_555 ? 
24 AC1 30 TYR A 121 ? TYR A 121 . ? 1_555 ? 
25 AC1 30 THR A 146 ? THR A 146 . ? 1_555 ? 
26 AC1 30 63Y C .   ? 63Y A 202 . ? 1_555 ? 
27 AC1 30 HOH D .   ? HOH A 305 . ? 1_555 ? 
28 AC1 30 HOH D .   ? HOH A 306 . ? 1_555 ? 
29 AC1 30 HOH D .   ? HOH A 318 . ? 1_555 ? 
30 AC1 30 HOH D .   ? HOH A 330 . ? 1_555 ? 
31 AC2 13 ILE A 7   ? ILE A 7   . ? 1_555 ? 
32 AC2 13 VAL A 8   ? VAL A 8   . ? 1_555 ? 
33 AC2 13 ALA A 9   ? ALA A 9   . ? 1_555 ? 
34 AC2 13 ASP A 21  ? ASP A 21  . ? 1_555 ? 
35 AC2 13 LEU A 22  ? LEU A 22  . ? 1_555 ? 
36 AC2 13 GLU A 30  ? GLU A 30  . ? 1_555 ? 
37 AC2 13 PHE A 31  ? PHE A 31  . ? 1_555 ? 
38 AC2 13 PHE A 34  ? PHE A 34  . ? 1_555 ? 
39 AC2 13 SER A 59  ? SER A 59  . ? 1_555 ? 
40 AC2 13 VAL A 115 ? VAL A 115 . ? 1_555 ? 
41 AC2 13 TYR A 121 ? TYR A 121 . ? 1_555 ? 
42 AC2 13 THR A 136 ? THR A 136 . ? 1_555 ? 
43 AC2 13 NDP B .   ? NDP A 201 . ? 1_555 ? 
# 
_atom_sites.entry_id                    5HSU 
_atom_sites.fract_transf_matrix[1][1]   -0.00371028 
_atom_sites.fract_transf_matrix[1][2]   0.00230044 
_atom_sites.fract_transf_matrix[1][3]   0.01267389 
_atom_sites.fract_transf_matrix[2][1]   -0.00293752 
_atom_sites.fract_transf_matrix[2][2]   0.01246324 
_atom_sites.fract_transf_matrix[2][3]   0.00396645 
_atom_sites.fract_transf_matrix[3][1]   -0.01254409 
_atom_sites.fract_transf_matrix[3][2]   -0.00189747 
_atom_sites.fract_transf_matrix[3][3]   -0.00332787 
_atom_sites.fract_transf_vector[1]      0.346467 
_atom_sites.fract_transf_vector[2]      0.175088 
_atom_sites.fract_transf_vector[3]      0.006522 
# 
loop_
_atom_type.symbol 
C 
F 
N 
O 
P 
S 
# 
loop_
_atom_site.group_PDB 
_atom_site.id 
_atom_site.type_symbol 
_atom_site.label_atom_id 
_atom_site.label_alt_id 
_atom_site.label_comp_id 
_atom_site.label_asym_id 
_atom_site.label_entity_id 
_atom_site.label_seq_id 
_atom_site.pdbx_PDB_ins_code 
_atom_site.Cartn_x 
_atom_site.Cartn_y 
_atom_site.Cartn_z 
_atom_site.occupancy 
_atom_site.B_iso_or_equiv 
_atom_site.pdbx_formal_charge 
_atom_site.auth_seq_id 
_atom_site.auth_comp_id 
_atom_site.auth_asym_id 
_atom_site.auth_atom_id 
_atom_site.pdbx_PDB_model_num 
ATOM   1    N N   . VAL A 1 1   ? -1.399  14.181  -11.599 1.00 38.18 ? 1   VAL A N   1 
ATOM   2    C CA  . VAL A 1 1   ? -1.254  12.873  -10.806 1.00 35.03 ? 1   VAL A CA  1 
ATOM   3    C C   . VAL A 1 1   ? 0.182   12.369  -11.008 1.00 33.80 ? 1   VAL A C   1 
ATOM   4    O O   . VAL A 1 1   ? 0.603   12.228  -12.161 1.00 32.08 ? 1   VAL A O   1 
ATOM   5    C CB  . VAL A 1 1   ? -2.225  11.755  -11.257 1.00 36.23 ? 1   VAL A CB  1 
ATOM   6    C CG1 . VAL A 1 1   ? -1.922  10.497  -10.447 1.00 34.98 ? 1   VAL A CG1 1 
ATOM   7    C CG2 . VAL A 1 1   ? -3.682  12.185  -11.104 1.00 41.90 ? 1   VAL A CG2 1 
ATOM   8    N N   . GLY A 1 2   ? 0.892   12.087  -9.904  1.00 28.40 ? 2   GLY A N   1 
ATOM   9    C CA  . GLY A 1 2   ? 2.272   11.605  -10.008 1.00 23.92 ? 2   GLY A CA  1 
ATOM   10   C C   . GLY A 1 2   ? 2.361   10.086  -9.965  1.00 23.35 ? 2   GLY A C   1 
ATOM   11   O O   . GLY A 1 2   ? 1.650   9.354   -10.672 1.00 26.41 ? 2   GLY A O   1 
ATOM   12   N N   . SER A 1 3   ? 3.282   9.636   -9.149  1.00 25.72 ? 3   SER A N   1 
ATOM   13   C CA  . SER A 1 3   ? 3.665   8.217   -9.146  1.00 22.61 ? 3   SER A CA  1 
ATOM   14   C C   . SER A 1 3   ? 2.544   7.253   -8.656  1.00 22.34 ? 3   SER A C   1 
ATOM   15   O O   . SER A 1 3   ? 1.728   7.630   -7.745  1.00 23.27 ? 3   SER A O   1 
ATOM   16   C CB  . SER A 1 3   ? 4.842   7.985   -8.197  1.00 27.17 ? 3   SER A CB  1 
ATOM   17   O OG  . SER A 1 3   ? 6.008   8.628   -8.657  1.00 34.04 ? 3   SER A OG  1 
ATOM   18   N N   . LEU A 1 4   ? 2.616   6.036   -9.177  1.00 22.47 ? 4   LEU A N   1 
ATOM   19   C CA  . LEU A 1 4   ? 1.855   4.885   -8.671  1.00 21.78 ? 4   LEU A CA  1 
ATOM   20   C C   . LEU A 1 4   ? 2.830   4.003   -7.940  1.00 21.38 ? 4   LEU A C   1 
ATOM   21   O O   . LEU A 1 4   ? 3.889   3.654   -8.409  1.00 22.32 ? 4   LEU A O   1 
ATOM   22   C CB  . LEU A 1 4   ? 1.259   4.062   -9.776  1.00 23.56 ? 4   LEU A CB  1 
ATOM   23   C CG  . LEU A 1 4   ? 0.307   2.953   -9.310  1.00 21.90 ? 4   LEU A CG  1 
ATOM   24   C CD1 . LEU A 1 4   ? -0.930  3.413   -8.591  1.00 26.74 ? 4   LEU A CD1 1 
ATOM   25   C CD2 . LEU A 1 4   ? -0.061  2.194   -10.571 1.00 25.45 ? 4   LEU A CD2 1 
ATOM   26   N N   . ASN A 1 5   ? 2.388   3.568   -6.774  1.00 20.72 ? 5   ASN A N   1 
ATOM   27   C CA  . ASN A 1 5   ? 3.215   2.849   -5.802  1.00 18.68 ? 5   ASN A CA  1 
ATOM   28   C C   . ASN A 1 5   ? 2.407   1.809   -5.097  1.00 17.40 ? 5   ASN A C   1 
ATOM   29   O O   . ASN A 1 5   ? 1.223   2.079   -4.780  1.00 20.40 ? 5   ASN A O   1 
ATOM   30   C CB  . ASN A 1 5   ? 3.796   3.760   -4.737  1.00 19.85 ? 5   ASN A CB  1 
ATOM   31   C CG  . ASN A 1 5   ? 4.471   4.951   -5.369  1.00 20.99 ? 5   ASN A CG  1 
ATOM   32   O OD1 . ASN A 1 5   ? 5.600   4.869   -5.901  1.00 22.63 ? 5   ASN A OD1 1 
ATOM   33   N ND2 . ASN A 1 5   ? 3.648   5.979   -5.608  1.00 28.81 ? 5   ASN A ND2 1 
ATOM   34   N N   . CYS A 1 6   ? 3.042   0.631   -4.780  1.00 19.26 ? 6   CYS A N   1 
ATOM   35   C CA  . CYS A 1 6   ? 2.450   -0.299  -3.790  1.00 18.71 ? 6   CYS A CA  1 
ATOM   36   C C   . CYS A 1 6   ? 3.253   -0.204  -2.502  1.00 18.63 ? 6   CYS A C   1 
ATOM   37   O O   . CYS A 1 6   ? 4.463   0.018   -2.542  1.00 20.19 ? 6   CYS A O   1 
ATOM   38   C CB  . CYS A 1 6   ? 2.485   -1.756  -4.244  1.00 21.92 ? 6   CYS A CB  1 
ATOM   39   S SG  . CYS A 1 6   ? 1.572   -2.058  -5.746  1.00 21.23 ? 6   CYS A SG  1 
ATOM   40   N N   . ILE A 1 7   ? 2.570   -0.411  -1.338  1.00 18.08 ? 7   ILE A N   1 
ATOM   41   C CA  . ILE A 1 7   ? 3.328   -0.514  -0.112  1.00 18.35 ? 7   ILE A CA  1 
ATOM   42   C C   . ILE A 1 7   ? 2.685   -1.666  0.659   1.00 19.15 ? 7   ILE A C   1 
ATOM   43   O O   . ILE A 1 7   ? 1.452   -1.813  0.732   1.00 19.31 ? 7   ILE A O   1 
ATOM   44   C CB  . ILE A 1 7   ? 3.237   0.806   0.678   1.00 19.33 ? 7   ILE A CB  1 
ATOM   45   C CG1 . ILE A 1 7   ? 4.089   0.785   1.962   1.00 18.42 ? 7   ILE A CG1 1 
ATOM   46   C CG2 . ILE A 1 7   ? 1.801   1.278   0.963   1.00 18.12 ? 7   ILE A CG2 1 
ATOM   47   C CD1 . ILE A 1 7   ? 4.435   2.172   2.500   1.00 19.18 ? 7   ILE A CD1 1 
ATOM   48   N N   . VAL A 1 8   ? 3.585   -2.488  1.291   1.00 18.24 ? 8   VAL A N   1 
ATOM   49   C CA  . VAL A 1 8   ? 3.221   -3.732  1.943   1.00 18.98 ? 8   VAL A CA  1 
ATOM   50   C C   . VAL A 1 8   ? 4.257   -3.995  3.034   1.00 20.43 ? 8   VAL A C   1 
ATOM   51   O O   . VAL A 1 8   ? 5.400   -3.566  2.896   1.00 19.13 ? 8   VAL A O   1 
ATOM   52   C CB  . VAL A 1 8   ? 3.130   -4.941  0.980   1.00 19.60 ? 8   VAL A CB  1 
ATOM   53   C CG1 . VAL A 1 8   ? 4.526   -5.263  0.447   1.00 21.78 ? 8   VAL A CG1 1 
ATOM   54   C CG2 . VAL A 1 8   ? 2.330   -6.078  1.529   1.00 19.76 ? 8   VAL A CG2 1 
ATOM   55   N N   . ALA A 1 9   ? 3.852   -4.683  4.061   1.00 19.40 ? 9   ALA A N   1 
ATOM   56   C CA  . ALA A 1 9   ? 4.746   -5.351  4.994   1.00 19.20 ? 9   ALA A CA  1 
ATOM   57   C C   . ALA A 1 9   ? 4.526   -6.872  4.809   1.00 22.24 ? 9   ALA A C   1 
ATOM   58   O O   . ALA A 1 9   ? 3.371   -7.325  4.840   1.00 20.88 ? 9   ALA A O   1 
ATOM   59   C CB  . ALA A 1 9   ? 4.474   -4.861  6.391   1.00 24.62 ? 9   ALA A CB  1 
ATOM   60   N N   . VAL A 1 10  ? 5.615   -7.657  4.741   1.00 20.17 ? 10  VAL A N   1 
ATOM   61   C CA  . VAL A 1 10  ? 5.466   -9.035  4.374   1.00 19.81 ? 10  VAL A CA  1 
ATOM   62   C C   . VAL A 1 10  ? 6.476   -9.870  5.180   1.00 22.70 ? 10  VAL A C   1 
ATOM   63   O O   . VAL A 1 10  ? 7.604   -9.462  5.421   1.00 22.47 ? 10  VAL A O   1 
ATOM   64   C CB  . VAL A 1 10  ? 5.713   -9.192  2.826   1.00 20.82 ? 10  VAL A CB  1 
ATOM   65   C CG1 . VAL A 1 10  ? 7.099   -8.828  2.379   1.00 22.57 ? 10  VAL A CG1 1 
ATOM   66   C CG2 . VAL A 1 10  ? 5.343   -10.550 2.321   1.00 23.46 ? 10  VAL A CG2 1 
ATOM   67   N N   . SER A 1 11  ? 5.966   -10.991 5.648   1.00 21.61 ? 11  SER A N   1 
ATOM   68   C CA  . SER A 1 11  ? 6.850   -11.934 6.440   1.00 22.44 ? 11  SER A CA  1 
ATOM   69   C C   . SER A 1 11  ? 7.734   -12.726 5.466   1.00 27.12 ? 11  SER A C   1 
ATOM   70   O O   . SER A 1 11  ? 7.569   -12.727 4.204   1.00 25.02 ? 11  SER A O   1 
ATOM   71   C CB  . SER A 1 11  ? 5.959   -12.872 7.268   1.00 25.67 ? 11  SER A CB  1 
ATOM   72   O OG  . SER A 1 11  ? 5.228   -13.789 6.436   1.00 24.31 ? 11  SER A OG  1 
ATOM   73   N N   . GLN A 1 12  ? 8.669   -13.520 6.038   1.00 25.71 ? 12  GLN A N   1 
ATOM   74   C CA  . GLN A 1 12  ? 9.572   -14.247 5.142   1.00 25.31 ? 12  GLN A CA  1 
ATOM   75   C C   . GLN A 1 12  ? 8.877   -15.233 4.218   1.00 24.45 ? 12  GLN A C   1 
ATOM   76   O O   . GLN A 1 12  ? 9.324   -15.455 3.106   1.00 30.53 ? 12  GLN A O   1 
ATOM   77   C CB  . GLN A 1 12  ? 10.527  -15.116 6.000   1.00 28.72 ? 12  GLN A CB  1 
ATOM   78   C CG  . GLN A 1 12  ? 11.759  -14.456 6.447   1.00 35.89 ? 12  GLN A CG  1 
ATOM   79   C CD  . GLN A 1 12  ? 12.681  -15.457 7.122   1.00 40.41 ? 12  GLN A CD  1 
ATOM   80   O OE1 . GLN A 1 12  ? 13.863  -15.153 7.331   1.00 46.41 ? 12  GLN A OE1 1 
ATOM   81   N NE2 . GLN A 1 12  ? 12.161  -16.672 7.443   1.00 39.09 ? 12  GLN A NE2 1 
ATOM   82   N N   . ASN A 1 13  ? 7.768   -15.831 4.704   1.00 27.56 ? 13  ASN A N   1 
ATOM   83   C CA  . ASN A 1 13  ? 6.963   -16.783 3.896   1.00 24.78 ? 13  ASN A CA  1 
ATOM   84   C C   . ASN A 1 13  ? 5.880   -16.041 3.115   1.00 27.47 ? 13  ASN A C   1 
ATOM   85   O O   . ASN A 1 13  ? 4.919   -16.646 2.694   1.00 28.04 ? 13  ASN A O   1 
ATOM   86   C CB  . ASN A 1 13  ? 6.284   -17.857 4.805   1.00 28.58 ? 13  ASN A CB  1 
ATOM   87   C CG  . ASN A 1 13  ? 5.515   -17.263 5.915   1.00 26.42 ? 13  ASN A CG  1 
ATOM   88   O OD1 . ASN A 1 13  ? 5.932   -16.338 6.603   1.00 25.94 ? 13  ASN A OD1 1 
ATOM   89   N ND2 . ASN A 1 13  ? 4.375   -17.878 6.176   1.00 29.61 ? 13  ASN A ND2 1 
ATOM   90   N N   . MET A 1 14  ? 6.092   -14.746 2.858   1.00 24.20 ? 14  MET A N   1 
ATOM   91   C CA  . MET A 1 14  ? 5.210   -13.987 1.908   1.00 24.53 ? 14  MET A CA  1 
ATOM   92   C C   . MET A 1 14  ? 3.837   -13.654 2.526   1.00 24.60 ? 14  MET A C   1 
ATOM   93   O O   . MET A 1 14  ? 2.941   -13.251 1.770   1.00 25.05 ? 14  MET A O   1 
ATOM   94   C CB  . MET A 1 14  ? 5.067   -14.651 0.539   1.00 30.87 ? 14  MET A CB  1 
ATOM   95   C CG  . MET A 1 14  ? 6.368   -14.759 -0.226  1.00 31.66 ? 14  MET A CG  1 
ATOM   96   S SD  . MET A 1 14  ? 7.222   -13.166 -0.358  1.00 36.37 ? 14  MET A SD  1 
ATOM   97   C CE  . MET A 1 14  ? 6.541   -12.561 -1.931  1.00 39.82 ? 14  MET A CE  1 
ATOM   98   N N   . GLY A 1 15  ? 3.727   -13.761 3.831   1.00 23.22 ? 15  GLY A N   1 
ATOM   99   C CA  . GLY A 1 15  ? 2.479   -13.472 4.491   1.00 21.32 ? 15  GLY A CA  1 
ATOM   100  C C   . GLY A 1 15  ? 2.245   -12.002 4.692   1.00 20.37 ? 15  GLY A C   1 
ATOM   101  O O   . GLY A 1 15  ? 3.114   -11.255 5.218   1.00 21.37 ? 15  GLY A O   1 
ATOM   102  N N   . ILE A 1 16  ? 0.972   -11.560 4.434   1.00 22.03 ? 16  ILE A N   1 
ATOM   103  C CA  . ILE A 1 16  ? 0.546   -10.176 4.770   1.00 19.09 ? 16  ILE A CA  1 
ATOM   104  C C   . ILE A 1 16  ? -0.620  -10.062 5.703   1.00 17.73 ? 16  ILE A C   1 
ATOM   105  O O   . ILE A 1 16  ? -0.825  -9.091  6.318   1.00 21.41 ? 16  ILE A O   1 
ATOM   106  C CB  . ILE A 1 16  ? 0.196   -9.337  3.520   1.00 18.57 ? 16  ILE A CB  1 
ATOM   107  C CG1 . ILE A 1 16  ? -0.972  -9.934  2.809   1.00 20.83 ? 16  ILE A CG1 1 
ATOM   108  C CG2 . ILE A 1 16  ? 1.465   -9.358  2.625   1.00 18.86 ? 16  ILE A CG2 1 
ATOM   109  C CD1 . ILE A 1 16  ? -1.474  -9.023  1.686   1.00 22.79 ? 16  ILE A CD1 1 
ATOM   110  N N   . GLY A 1 17  ? -1.399  -11.113 5.864   1.00 17.95 ? 17  GLY A N   1 
ATOM   111  C CA  . GLY A 1 17  ? -2.607  -11.067 6.717   1.00 17.52 ? 17  GLY A CA  1 
ATOM   112  C C   . GLY A 1 17  ? -2.871  -12.478 7.353   1.00 20.25 ? 17  GLY A C   1 
ATOM   113  O O   . GLY A 1 17  ? -2.495  -13.500 6.770   1.00 21.39 ? 17  GLY A O   1 
ATOM   114  N N   . LYS A 1 18  ? -3.614  -12.405 8.446   1.00 20.44 ? 18  LYS A N   1 
ATOM   115  C CA  . LYS A 1 18  ? -4.200  -13.545 9.123   1.00 20.91 ? 18  LYS A CA  1 
ATOM   116  C C   . LYS A 1 18  ? -5.478  -13.171 9.829   1.00 19.78 ? 18  LYS A C   1 
ATOM   117  O O   . LYS A 1 18  ? -5.421  -12.333 10.677  1.00 21.81 ? 18  LYS A O   1 
ATOM   118  C CB  . LYS A 1 18  ? -3.225  -14.184 10.084  1.00 21.74 ? 18  LYS A CB  1 
ATOM   119  C CG  . LYS A 1 18  ? -3.738  -15.649 10.376  1.00 25.01 ? 18  LYS A CG  1 
ATOM   120  C CD  . LYS A 1 18  ? -2.955  -16.348 11.452  1.00 32.14 ? 18  LYS A CD  1 
ATOM   121  C CE  . LYS A 1 18  ? -3.284  -15.749 12.845  1.00 34.56 ? 18  LYS A CE  1 
ATOM   122  N NZ  . LYS A 1 18  ? -3.521  -16.880 13.797  1.00 36.69 ? 18  LYS A NZ  1 
ATOM   123  N N   . ASN A 1 19  ? -6.557  -13.921 9.516   1.00 21.94 ? 19  ASN A N   1 
ATOM   124  C CA  . ASN A 1 19  ? -7.814  -13.724 10.251  1.00 26.06 ? 19  ASN A CA  1 
ATOM   125  C C   . ASN A 1 19  ? -8.188  -12.238 10.319  1.00 23.84 ? 19  ASN A C   1 
ATOM   126  O O   . ASN A 1 19  ? -8.753  -11.730 11.301  1.00 25.96 ? 19  ASN A O   1 
ATOM   127  C CB  . ASN A 1 19  ? -7.598  -14.253 11.701  1.00 25.09 ? 19  ASN A CB  1 
ATOM   128  C CG  . ASN A 1 19  ? -7.615  -15.800 11.773  1.00 33.17 ? 19  ASN A CG  1 
ATOM   129  O OD1 . ASN A 1 19  ? -8.112  -16.424 10.884  1.00 37.47 ? 19  ASN A OD1 1 
ATOM   130  N ND2 . ASN A 1 19  ? -7.173  -16.379 12.907  1.00 30.46 ? 19  ASN A ND2 1 
ATOM   131  N N   . GLY A 1 20  ? -7.887  -11.479 9.243   1.00 24.18 ? 20  GLY A N   1 
ATOM   132  C CA  . GLY A 1 20  ? -8.289  -10.109 9.209   1.00 23.59 ? 20  GLY A CA  1 
ATOM   133  C C   . GLY A 1 20  ? -7.381  -9.109  9.877   1.00 22.65 ? 20  GLY A C   1 
ATOM   134  O O   . GLY A 1 20  ? -7.768  -7.968  10.049  1.00 27.15 ? 20  GLY A O   1 
ATOM   135  N N   . ASP A 1 21  ? -6.214  -9.581  10.337  1.00 23.28 ? 21  ASP A N   1 
ATOM   136  C CA  . ASP A 1 21  ? -5.303  -8.670  11.014  1.00 24.62 ? 21  ASP A CA  1 
ATOM   137  C C   . ASP A 1 21  ? -3.915  -8.976  10.341  1.00 24.07 ? 21  ASP A C   1 
ATOM   138  O O   . ASP A 1 21  ? -3.835  -9.715  9.322   1.00 22.63 ? 21  ASP A O   1 
ATOM   139  C CB  . ASP A 1 21  ? -5.305  -8.943  12.520  1.00 29.62 ? 21  ASP A CB  1 
ATOM   140  C CG  . ASP A 1 21  ? -4.835  -7.697  13.361  1.00 39.02 ? 21  ASP A CG  1 
ATOM   141  O OD1 . ASP A 1 21  ? -4.051  -6.801  12.881  1.00 41.93 ? 21  ASP A OD1 1 
ATOM   142  O OD2 . ASP A 1 21  ? -5.240  -7.648  14.552  1.00 44.14 ? 21  ASP A OD2 1 
ATOM   143  N N   . LEU A 1 22  ? -2.888  -8.310  10.867  1.00 24.76 ? 22  LEU A N   1 
ATOM   144  C CA  . LEU A 1 22  ? -1.527  -8.642  10.378  1.00 26.08 ? 22  LEU A CA  1 
ATOM   145  C C   . LEU A 1 22  ? -1.079  -9.966  11.045  1.00 26.77 ? 22  LEU A C   1 
ATOM   146  O O   . LEU A 1 22  ? -1.636  -10.346 12.067  1.00 27.82 ? 22  LEU A O   1 
ATOM   147  C CB  . LEU A 1 22  ? -0.586  -7.506  10.769  1.00 27.77 ? 22  LEU A CB  1 
ATOM   148  C CG  . LEU A 1 22  ? -0.945  -6.090  10.261  1.00 31.81 ? 22  LEU A CG  1 
ATOM   149  C CD1 . LEU A 1 22  ? 0.028   -5.022  10.686  1.00 32.38 ? 22  LEU A CD1 1 
ATOM   150  C CD2 . LEU A 1 22  ? -1.105  -6.094  8.739   1.00 31.37 ? 22  LEU A CD2 1 
ATOM   151  N N   . PRO A 1 23  ? -0.173  -10.713 10.420  1.00 24.85 ? 23  PRO A N   1 
ATOM   152  C CA  . PRO A 1 23  ? 0.327   -11.986 10.947  1.00 24.28 ? 23  PRO A CA  1 
ATOM   153  C C   . PRO A 1 23  ? 1.118   -11.835 12.228  1.00 31.03 ? 23  PRO A C   1 
ATOM   154  O O   . PRO A 1 23  ? 1.148   -12.766 13.050  1.00 28.94 ? 23  PRO A O   1 
ATOM   155  C CB  . PRO A 1 23  ? 1.204   -12.503 9.885   1.00 26.04 ? 23  PRO A CB  1 
ATOM   156  C CG  . PRO A 1 23  ? 0.610   -11.916 8.587   1.00 24.96 ? 23  PRO A CG  1 
ATOM   157  C CD  . PRO A 1 23  ? 0.427   -10.523 9.081   1.00 24.59 ? 23  PRO A CD  1 
ATOM   158  N N   . TRP A 1 24  ? 1.648   -10.657 12.437  1.00 26.21 ? 24  TRP A N   1 
ATOM   159  C CA  . TRP A 1 24  ? 2.559   -10.339 13.548  1.00 27.30 ? 24  TRP A CA  1 
ATOM   160  C C   . TRP A 1 24  ? 1.847   -9.384  14.511  1.00 28.27 ? 24  TRP A C   1 
ATOM   161  O O   . TRP A 1 24  ? 0.933   -8.648  14.130  1.00 27.30 ? 24  TRP A O   1 
ATOM   162  C CB  . TRP A 1 24  ? 3.897   -9.720  12.995  1.00 25.73 ? 24  TRP A CB  1 
ATOM   163  C CG  . TRP A 1 24  ? 3.642   -8.650  11.954  1.00 23.65 ? 24  TRP A CG  1 
ATOM   164  C CD1 . TRP A 1 24  ? 3.439   -7.281  12.111  1.00 27.29 ? 24  TRP A CD1 1 
ATOM   165  C CD2 . TRP A 1 24  ? 3.629   -8.904  10.547  1.00 28.74 ? 24  TRP A CD2 1 
ATOM   166  N NE1 . TRP A 1 24  ? 3.185   -6.664  10.846  1.00 27.16 ? 24  TRP A NE1 1 
ATOM   167  C CE2 . TRP A 1 24  ? 3.306   -7.631  9.875   1.00 27.83 ? 24  TRP A CE2 1 
ATOM   168  C CE3 . TRP A 1 24  ? 3.846   -10.051 9.804   1.00 25.10 ? 24  TRP A CE3 1 
ATOM   169  C CZ2 . TRP A 1 24  ? 3.190   -7.593  8.509   1.00 25.55 ? 24  TRP A CZ2 1 
ATOM   170  C CZ3 . TRP A 1 24  ? 3.704   -10.010 8.419   1.00 25.27 ? 24  TRP A CZ3 1 
ATOM   171  C CH2 . TRP A 1 24  ? 3.387   -8.777  7.794   1.00 25.91 ? 24  TRP A CH2 1 
ATOM   172  N N   . PRO A 1 25  ? 2.314   -9.271  15.782  1.00 28.37 ? 25  PRO A N   1 
ATOM   173  C CA  . PRO A 1 25  ? 1.865   -8.241  16.720  1.00 32.37 ? 25  PRO A CA  1 
ATOM   174  C C   . PRO A 1 25  ? 2.123   -6.817  16.186  1.00 30.26 ? 25  PRO A C   1 
ATOM   175  O O   . PRO A 1 25  ? 3.030   -6.625  15.343  1.00 33.61 ? 25  PRO A O   1 
ATOM   176  C CB  . PRO A 1 25  ? 2.671   -8.511  17.994  1.00 32.01 ? 25  PRO A CB  1 
ATOM   177  C CG  . PRO A 1 25  ? 3.451   -9.732  17.734  1.00 33.78 ? 25  PRO A CG  1 
ATOM   178  C CD  . PRO A 1 25  ? 3.297   -10.204 16.335  1.00 27.31 ? 25  PRO A CD  1 
ATOM   179  N N   . PRO A 1 26  ? 1.352   -5.845  16.607  1.00 35.80 ? 26  PRO A N   1 
ATOM   180  C CA  . PRO A 1 26  ? 1.561   -4.501  16.052  1.00 36.23 ? 26  PRO A CA  1 
ATOM   181  C C   . PRO A 1 26  ? 2.992   -3.976  16.252  1.00 38.61 ? 26  PRO A C   1 
ATOM   182  O O   . PRO A 1 26  ? 3.609   -4.199  17.310  1.00 36.95 ? 26  PRO A O   1 
ATOM   183  C CB  . PRO A 1 26  ? 0.516   -3.660  16.783  1.00 37.88 ? 26  PRO A CB  1 
ATOM   184  C CG  . PRO A 1 26  ? -0.561  -4.603  17.147  1.00 35.65 ? 26  PRO A CG  1 
ATOM   185  C CD  . PRO A 1 26  ? 0.174   -5.893  17.495  1.00 31.10 ? 26  PRO A CD  1 
ATOM   186  N N   . LEU A 1 27  ? 3.561   -3.427  15.168  1.00 34.01 ? 27  LEU A N   1 
ATOM   187  C CA  . LEU A 1 27  ? 4.840   -2.738  15.182  1.00 35.39 ? 27  LEU A CA  1 
ATOM   188  C C   . LEU A 1 27  ? 4.555   -1.245  14.953  1.00 39.11 ? 27  LEU A C   1 
ATOM   189  O O   . LEU A 1 27  ? 4.285   -0.857  13.830  1.00 32.76 ? 27  LEU A O   1 
ATOM   190  C CB  . LEU A 1 27  ? 5.778   -3.356  14.123  1.00 31.37 ? 27  LEU A CB  1 
ATOM   191  C CG  . LEU A 1 27  ? 5.846   -4.897  14.021  1.00 31.17 ? 27  LEU A CG  1 
ATOM   192  C CD1 . LEU A 1 27  ? 6.446   -5.410  12.723  1.00 33.66 ? 27  LEU A CD1 1 
ATOM   193  C CD2 . LEU A 1 27  ? 6.667   -5.473  15.172  1.00 39.44 ? 27  LEU A CD2 1 
ATOM   194  N N   . ARG A 1 28  ? 4.581   -0.407  16.008  1.00 32.60 ? 28  ARG A N   1 
ATOM   195  C CA  . ARG A 1 28  ? 4.115   1.021   15.915  1.00 38.65 ? 28  ARG A CA  1 
ATOM   196  C C   . ARG A 1 28  ? 4.902   1.807   14.866  1.00 27.53 ? 28  ARG A C   1 
ATOM   197  O O   . ARG A 1 28  ? 4.373   2.636   14.123  1.00 33.69 ? 28  ARG A O   1 
ATOM   198  C CB  . ARG A 1 28  ? 4.243   1.757   17.276  1.00 39.19 ? 28  ARG A CB  1 
ATOM   199  C CG  . ARG A 1 28  ? 3.044   1.587   18.210  1.00 61.34 ? 28  ARG A CG  1 
ATOM   200  C CD  . ARG A 1 28  ? 3.478   1.626   19.685  1.00 67.93 ? 28  ARG A CD  1 
ATOM   201  N NE  . ARG A 1 28  ? 2.720   0.704   20.555  1.00 82.67 ? 28  ARG A NE  1 
ATOM   202  C CZ  . ARG A 1 28  ? 2.876   -0.630  20.620  1.00 79.78 ? 28  ARG A CZ  1 
ATOM   203  N NH1 . ARG A 1 28  ? 2.128   -1.340  21.460  1.00 77.84 ? 28  ARG A NH1 1 
ATOM   204  N NH2 . ARG A 1 28  ? 3.761   -1.269  19.854  1.00 77.97 ? 28  ARG A NH2 1 
ATOM   205  N N   . ASN A 1 29  ? 6.184   1.547   14.848  1.00 30.47 ? 29  ASN A N   1 
ATOM   206  C CA  . ASN A 1 29  ? 7.056   2.271   13.962  1.00 27.60 ? 29  ASN A CA  1 
ATOM   207  C C   . ASN A 1 29  ? 6.937   1.864   12.520  1.00 27.61 ? 29  ASN A C   1 
ATOM   208  O O   . ASN A 1 29  ? 7.162   2.706   11.640  1.00 30.70 ? 29  ASN A O   1 
ATOM   209  C CB  . ASN A 1 29  ? 8.484   2.198   14.453  1.00 33.30 ? 29  ASN A CB  1 
ATOM   210  C CG  . ASN A 1 29  ? 8.652   2.931   15.790  1.00 38.08 ? 29  ASN A CG  1 
ATOM   211  O OD1 . ASN A 1 29  ? 7.902   3.862   16.095  1.00 43.57 ? 29  ASN A OD1 1 
ATOM   212  N ND2 . ASN A 1 29  ? 9.644   2.524   16.544  1.00 40.10 ? 29  ASN A ND2 1 
ATOM   213  N N   . GLU A 1 30  ? 6.492   0.623   12.319  1.00 29.03 ? 30  GLU A N   1 
ATOM   214  C CA  . GLU A 1 30  ? 6.176   0.165   10.946  1.00 24.69 ? 30  GLU A CA  1 
ATOM   215  C C   . GLU A 1 30  ? 4.943   0.881   10.492  1.00 26.82 ? 30  GLU A C   1 
ATOM   216  O O   . GLU A 1 30  ? 4.873   1.412   9.386   1.00 25.40 ? 30  GLU A O   1 
ATOM   217  C CB  . GLU A 1 30  ? 5.984   -1.378  10.891  1.00 25.43 ? 30  GLU A CB  1 
ATOM   218  C CG  . GLU A 1 30  ? 6.323   -2.062  9.556   1.00 23.62 ? 30  GLU A CG  1 
ATOM   219  C CD  . GLU A 1 30  ? 5.358   -1.722  8.438   1.00 24.28 ? 30  GLU A CD  1 
ATOM   220  O OE1 . GLU A 1 30  ? 5.867   -1.330  7.352   1.00 23.35 ? 30  GLU A OE1 1 
ATOM   221  O OE2 . GLU A 1 30  ? 4.139   -1.777  8.648   1.00 24.19 ? 30  GLU A OE2 1 
ATOM   222  N N   . PHE A 1 31  ? 3.891   0.897   11.339  1.00 22.70 ? 31  PHE A N   1 
ATOM   223  C CA  . PHE A 1 31  ? 2.705   1.682   10.991  1.00 27.31 ? 31  PHE A CA  1 
ATOM   224  C C   . PHE A 1 31  ? 3.045   3.160   10.772  1.00 23.36 ? 31  PHE A C   1 
ATOM   225  O O   . PHE A 1 31  ? 2.511   3.818   9.905   1.00 24.69 ? 31  PHE A O   1 
ATOM   226  C CB  . PHE A 1 31  ? 1.688   1.559   12.124  1.00 27.92 ? 31  PHE A CB  1 
ATOM   227  C CG  . PHE A 1 31  ? 0.961   0.217   12.166  1.00 35.26 ? 31  PHE A CG  1 
ATOM   228  C CD1 . PHE A 1 31  ? 0.009   -0.121  11.221  1.00 34.51 ? 31  PHE A CD1 1 
ATOM   229  C CD2 . PHE A 1 31  ? 1.176   -0.673  13.223  1.00 34.38 ? 31  PHE A CD2 1 
ATOM   230  C CE1 . PHE A 1 31  ? -0.679  -1.361  11.301  1.00 36.05 ? 31  PHE A CE1 1 
ATOM   231  C CE2 . PHE A 1 31  ? 0.470   -1.879  13.324  1.00 40.34 ? 31  PHE A CE2 1 
ATOM   232  C CZ  . PHE A 1 31  ? -0.451  -2.222  12.365  1.00 38.61 ? 31  PHE A CZ  1 
ATOM   233  N N   . ARG A 1 32  ? 3.856   3.674   11.659  1.00 26.55 ? 32  ARG A N   1 
ATOM   234  C CA  . ARG A 1 32  ? 4.307   5.050   11.511  1.00 28.09 ? 32  ARG A CA  1 
ATOM   235  C C   . ARG A 1 32  ? 4.970   5.346   10.132  1.00 26.34 ? 32  ARG A C   1 
ATOM   236  O O   . ARG A 1 32  ? 4.710   6.387   9.533   1.00 27.06 ? 32  ARG A O   1 
ATOM   237  C CB  . ARG A 1 32  ? 5.329   5.444   12.613  1.00 36.62 ? 32  ARG A CB  1 
ATOM   238  C CG  . ARG A 1 32  ? 4.687   5.733   13.973  1.00 44.16 ? 32  ARG A CG  1 
ATOM   239  C CD  . ARG A 1 32  ? 5.552   6.708   14.782  1.00 56.90 ? 32  ARG A CD  1 
ATOM   240  N NE  . ARG A 1 32  ? 4.783   7.370   15.853  1.00 66.02 ? 32  ARG A NE  1 
ATOM   241  C CZ  . ARG A 1 32  ? 4.906   7.108   17.159  1.00 68.89 ? 32  ARG A CZ  1 
ATOM   242  N NH1 . ARG A 1 32  ? 4.149   7.766   18.033  1.00 63.24 ? 32  ARG A NH1 1 
ATOM   243  N NH2 . ARG A 1 32  ? 5.789   6.202   17.596  1.00 59.74 ? 32  ARG A NH2 1 
ATOM   244  N N   . TYR A 1 33  ? 5.797   4.407   9.717   1.00 25.73 ? 33  TYR A N   1 
ATOM   245  C CA  . TYR A 1 33  ? 6.446   4.532   8.413   1.00 24.89 ? 33  TYR A CA  1 
ATOM   246  C C   . TYR A 1 33  ? 5.377   4.536   7.288   1.00 22.85 ? 33  TYR A C   1 
ATOM   247  O O   . TYR A 1 33  ? 5.310   5.341   6.341   1.00 23.38 ? 33  TYR A O   1 
ATOM   248  C CB  . TYR A 1 33  ? 7.396   3.391   8.243   1.00 27.76 ? 33  TYR A CB  1 
ATOM   249  C CG  . TYR A 1 33  ? 7.957   3.237   6.823   1.00 26.73 ? 33  TYR A CG  1 
ATOM   250  C CD1 . TYR A 1 33  ? 8.892   4.117   6.350   1.00 29.85 ? 33  TYR A CD1 1 
ATOM   251  C CD2 . TYR A 1 33  ? 7.542   2.212   5.988   1.00 25.66 ? 33  TYR A CD2 1 
ATOM   252  C CE1 . TYR A 1 33  ? 9.428   3.950   5.099   1.00 27.80 ? 33  TYR A CE1 1 
ATOM   253  C CE2 . TYR A 1 33  ? 8.102   2.009   4.710   1.00 24.88 ? 33  TYR A CE2 1 
ATOM   254  C CZ  . TYR A 1 33  ? 8.999   2.940   4.262   1.00 25.03 ? 33  TYR A CZ  1 
ATOM   255  O OH  . TYR A 1 33  ? 9.574   2.801   3.027   1.00 23.92 ? 33  TYR A OH  1 
ATOM   256  N N   . PHE A 1 34  ? 4.475   3.510   7.371   1.00 21.42 ? 34  PHE A N   1 
ATOM   257  C CA  . PHE A 1 34  ? 3.405   3.451   6.425   1.00 20.43 ? 34  PHE A CA  1 
ATOM   258  C C   . PHE A 1 34  ? 2.665   4.782   6.298   1.00 21.15 ? 34  PHE A C   1 
ATOM   259  O O   . PHE A 1 34  ? 2.326   5.226   5.236   1.00 20.61 ? 34  PHE A O   1 
ATOM   260  C CB  . PHE A 1 34  ? 2.463   2.269   6.833   1.00 22.99 ? 34  PHE A CB  1 
ATOM   261  C CG  . PHE A 1 34  ? 1.158   2.348   6.160   1.00 20.80 ? 34  PHE A CG  1 
ATOM   262  C CD1 . PHE A 1 34  ? 0.984   1.822   4.893   1.00 19.65 ? 34  PHE A CD1 1 
ATOM   263  C CD2 . PHE A 1 34  ? 0.034   2.854   6.768   1.00 22.00 ? 34  PHE A CD2 1 
ATOM   264  C CE1 . PHE A 1 34  ? -0.156  1.935   4.169   1.00 22.67 ? 34  PHE A CE1 1 
ATOM   265  C CE2 . PHE A 1 34  ? -1.153  2.979   6.051   1.00 21.39 ? 34  PHE A CE2 1 
ATOM   266  C CZ  . PHE A 1 34  ? -1.314  2.484   4.792   1.00 22.96 ? 34  PHE A CZ  1 
ATOM   267  N N   . GLN A 1 35  ? 2.346   5.401   7.503   1.00 23.05 ? 35  GLN A N   1 
ATOM   268  C CA  . GLN A 1 35  ? 1.520   6.525   7.494   1.00 23.43 ? 35  GLN A CA  1 
ATOM   269  C C   . GLN A 1 35  ? 2.331   7.723   6.852   1.00 20.60 ? 35  GLN A C   1 
ATOM   270  O O   . GLN A 1 35  ? 1.839   8.378   5.976   1.00 23.37 ? 35  GLN A O   1 
ATOM   271  C CB  . GLN A 1 35  ? 1.098   6.849   8.934   1.00 30.78 ? 35  GLN A CB  1 
ATOM   272  C CG  . GLN A 1 35  ? 0.831   8.311   9.117   1.00 37.34 ? 35  GLN A CG  1 
ATOM   273  C CD  . GLN A 1 35  ? 1.194   8.680   10.523  1.00 51.27 ? 35  GLN A CD  1 
ATOM   274  O OE1 . GLN A 1 35  ? 0.316   8.662   11.390  1.00 45.99 ? 35  GLN A OE1 1 
ATOM   275  N NE2 . GLN A 1 35  ? 2.513   8.951   10.776  1.00 51.00 ? 35  GLN A NE2 1 
ATOM   276  N N   . ARG A 1 36  ? 3.580   7.751   7.244   1.00 25.38 ? 36  ARG A N   1 
ATOM   277  C CA  . ARG A 1 36  ? 4.445   8.860   6.723   1.00 27.22 ? 36  ARG A CA  1 
ATOM   278  C C   . ARG A 1 36  ? 4.610   8.743   5.207   1.00 24.21 ? 36  ARG A C   1 
ATOM   279  O O   . ARG A 1 36  ? 4.417   9.720   4.401   1.00 26.38 ? 36  ARG A O   1 
ATOM   280  C CB  . ARG A 1 36  ? 5.794   8.764   7.340   1.00 29.47 ? 36  ARG A CB  1 
ATOM   281  C CG  . ARG A 1 36  ? 6.699   9.816   6.677   1.00 30.70 ? 36  ARG A CG  1 
ATOM   282  C CD  . ARG A 1 36  ? 7.903   10.011  7.541   1.00 35.03 ? 36  ARG A CD  1 
ATOM   283  N NE  . ARG A 1 36  ? 8.730   8.800   7.745   1.00 31.70 ? 36  ARG A NE  1 
ATOM   284  C CZ  . ARG A 1 36  ? 9.588   8.303   6.819   1.00 35.02 ? 36  ARG A CZ  1 
ATOM   285  N NH1 . ARG A 1 36  ? 9.757   8.906   5.636   1.00 36.65 ? 36  ARG A NH1 1 
ATOM   286  N NH2 . ARG A 1 36  ? 10.319  7.223   7.079   1.00 36.50 ? 36  ARG A NH2 1 
ATOM   287  N N   . MET A 1 37  ? 4.905   7.507   4.754   1.00 23.71 ? 37  MET A N   1 
ATOM   288  C CA  . MET A 1 37  ? 5.196   7.370   3.313   1.00 26.00 ? 37  MET A CA  1 
ATOM   289  C C   . MET A 1 37  ? 3.971   7.609   2.485   1.00 24.89 ? 37  MET A C   1 
ATOM   290  O O   . MET A 1 37  ? 4.016   8.200   1.377   1.00 25.64 ? 37  MET A O   1 
ATOM   291  C CB  . MET A 1 37  ? 5.743   5.961   2.991   1.00 28.50 ? 37  MET A CB  1 
ATOM   292  C CG  . MET A 1 37  ? 7.095   5.637   3.646   1.00 27.80 ? 37  MET A CG  1 
ATOM   293  S SD  . MET A 1 37  ? 8.391   6.863   3.105   1.00 32.94 ? 37  MET A SD  1 
ATOM   294  C CE  . MET A 1 37  ? 7.776   7.009   1.365   1.00 33.53 ? 37  MET A CE  1 
ATOM   295  N N   . THR A 1 38  ? 2.806   7.064   2.992   1.00 22.16 ? 38  THR A N   1 
ATOM   296  C CA  . THR A 1 38  ? 1.601   7.280   2.210   1.00 21.42 ? 38  THR A CA  1 
ATOM   297  C C   . THR A 1 38  ? 1.019   8.734   2.243   1.00 17.22 ? 38  THR A C   1 
ATOM   298  O O   . THR A 1 38  ? 0.337   9.094   1.293   1.00 23.22 ? 38  THR A O   1 
ATOM   299  C CB  . THR A 1 38  ? 0.470   6.228   2.475   1.00 22.09 ? 38  THR A CB  1 
ATOM   300  O OG1 . THR A 1 38  ? 0.150   6.284   3.830   1.00 25.10 ? 38  THR A OG1 1 
ATOM   301  C CG2 . THR A 1 38  ? 1.004   4.844   2.091   1.00 27.23 ? 38  THR A CG2 1 
ATOM   302  N N   . THR A 1 39  ? 1.308   9.423   3.368   1.00 24.63 ? 39  THR A N   1 
ATOM   303  C CA  . THR A 1 39  ? 0.742   10.787  3.583   1.00 26.98 ? 39  THR A CA  1 
ATOM   304  C C   . THR A 1 39  ? 1.533   11.900  2.911   1.00 27.01 ? 39  THR A C   1 
ATOM   305  O O   . THR A 1 39  ? 0.945   12.744  2.259   1.00 27.30 ? 39  THR A O   1 
ATOM   306  C CB  . THR A 1 39  ? 0.582   11.158  5.045   1.00 28.91 ? 39  THR A CB  1 
ATOM   307  O OG1 . THR A 1 39  ? -0.191  10.101  5.655   1.00 28.70 ? 39  THR A OG1 1 
ATOM   308  C CG2 . THR A 1 39  ? -0.292  12.496  5.089   1.00 30.04 ? 39  THR A CG2 1 
ATOM   309  N N   . THR A 1 40  ? 2.844   11.680  2.810   1.00 28.34 ? 40  THR A N   1 
ATOM   310  C CA  . THR A 1 40  ? 3.767   12.780  2.447   1.00 29.65 ? 40  THR A CA  1 
ATOM   311  C C   . THR A 1 40  ? 3.692   12.980  0.939   1.00 28.92 ? 40  THR A C   1 
ATOM   312  O O   . THR A 1 40  ? 4.012   12.044  0.160   1.00 30.55 ? 40  THR A O   1 
ATOM   313  C CB  . THR A 1 40  ? 5.159   12.423  2.943   1.00 23.57 ? 40  THR A CB  1 
ATOM   314  O OG1 . THR A 1 40  ? 5.171   12.243  4.343   1.00 34.40 ? 40  THR A OG1 1 
ATOM   315  C CG2 . THR A 1 40  ? 6.290   13.537  2.649   1.00 30.02 ? 40  THR A CG2 1 
ATOM   316  N N   . SER A 1 41  ? 3.244   14.169  0.504   1.00 31.44 ? 41  SER A N   1 
ATOM   317  C CA  . SER A 1 41  ? 3.163   14.603  -0.899  1.00 29.26 ? 41  SER A CA  1 
ATOM   318  C C   . SER A 1 41  ? 4.520   15.267  -1.273  1.00 40.16 ? 41  SER A C   1 
ATOM   319  O O   . SER A 1 41  ? 5.258   15.737  -0.389  1.00 46.78 ? 41  SER A O   1 
ATOM   320  C CB  . SER A 1 41  ? 2.028   15.617  -1.116  1.00 43.82 ? 41  SER A CB  1 
ATOM   321  O OG  . SER A 1 41  ? 1.565   15.660  -2.457  1.00 47.96 ? 41  SER A OG  1 
ATOM   322  N N   . SER A 1 42  ? 4.878   15.295  -2.552  1.00 38.48 ? 42  SER A N   1 
ATOM   323  C CA  . SER A 1 42  ? 6.129   15.994  -2.942  1.00 45.32 ? 42  SER A CA  1 
ATOM   324  C C   . SER A 1 42  ? 5.735   17.239  -3.718  1.00 45.13 ? 42  SER A C   1 
ATOM   325  O O   . SER A 1 42  ? 6.532   17.746  -4.514  1.00 46.50 ? 42  SER A O   1 
ATOM   326  C CB  . SER A 1 42  ? 7.049   15.104  -3.796  1.00 44.03 ? 42  SER A CB  1 
ATOM   327  O OG  . SER A 1 42  ? 6.325   14.595  -4.911  1.00 40.47 ? 42  SER A OG  1 
ATOM   328  N N   . VAL A 1 43  ? 4.517   17.734  -3.466  1.00 39.00 ? 43  VAL A N   1 
ATOM   329  C CA  . VAL A 1 43  ? 3.891   18.855  -4.197  1.00 46.87 ? 43  VAL A CA  1 
ATOM   330  C C   . VAL A 1 43  ? 2.868   19.541  -3.267  1.00 58.69 ? 43  VAL A C   1 
ATOM   331  O O   . VAL A 1 43  ? 1.660   19.272  -3.388  1.00 60.12 ? 43  VAL A O   1 
ATOM   332  C CB  . VAL A 1 43  ? 3.071   18.409  -5.450  1.00 40.36 ? 43  VAL A CB  1 
ATOM   333  C CG1 . VAL A 1 43  ? 2.682   19.645  -6.263  1.00 45.31 ? 43  VAL A CG1 1 
ATOM   334  C CG2 . VAL A 1 43  ? 3.809   17.387  -6.337  1.00 34.01 ? 43  VAL A CG2 1 
ATOM   335  N N   . GLU A 1 44  ? 3.309   20.415  -2.359  1.00 68.04 ? 44  GLU A N   1 
ATOM   336  C CA  . GLU A 1 44  ? 2.356   21.024  -1.384  1.00 65.40 ? 44  GLU A CA  1 
ATOM   337  C C   . GLU A 1 44  ? 1.025   21.568  -1.996  1.00 60.75 ? 44  GLU A C   1 
ATOM   338  O O   . GLU A 1 44  ? 0.941   21.885  -3.209  1.00 47.40 ? 44  GLU A O   1 
ATOM   339  C CB  . GLU A 1 44  ? 3.034   22.027  -0.422  1.00 71.88 ? 44  GLU A CB  1 
ATOM   340  C CG  . GLU A 1 44  ? 4.100   22.947  -1.024  1.00 71.12 ? 44  GLU A CG  1 
ATOM   341  C CD  . GLU A 1 44  ? 3.541   24.245  -1.591  1.00 69.97 ? 44  GLU A CD  1 
ATOM   342  O OE1 . GLU A 1 44  ? 4.308   25.233  -1.687  1.00 65.93 ? 44  GLU A OE1 1 
ATOM   343  O OE2 . GLU A 1 44  ? 2.340   24.281  -1.939  1.00 66.41 ? 44  GLU A OE2 1 
ATOM   344  N N   . GLY A 1 45  ? -0.015  21.600  -1.156  1.00 63.04 ? 45  GLY A N   1 
ATOM   345  C CA  . GLY A 1 45  ? -1.387  21.873  -1.594  1.00 60.20 ? 45  GLY A CA  1 
ATOM   346  C C   . GLY A 1 45  ? -1.943  20.749  -2.449  1.00 58.32 ? 45  GLY A C   1 
ATOM   347  O O   . GLY A 1 45  ? -2.900  20.937  -3.201  1.00 59.97 ? 45  GLY A O   1 
ATOM   348  N N   . LYS A 1 46  ? -1.322  19.570  -2.367  1.00 60.96 ? 46  LYS A N   1 
ATOM   349  C CA  . LYS A 1 46  ? -1.813  18.379  -3.092  1.00 48.99 ? 46  LYS A CA  1 
ATOM   350  C C   . LYS A 1 46  ? -1.890  17.208  -2.120  1.00 39.37 ? 46  LYS A C   1 
ATOM   351  O O   . LYS A 1 46  ? -1.166  17.187  -1.138  1.00 38.90 ? 46  LYS A O   1 
ATOM   352  C CB  . LYS A 1 46  ? -0.916  18.049  -4.302  1.00 55.57 ? 46  LYS A CB  1 
ATOM   353  C CG  . LYS A 1 46  ? -0.737  19.216  -5.284  1.00 52.59 ? 46  LYS A CG  1 
ATOM   354  C CD  . LYS A 1 46  ? -0.817  18.749  -6.727  1.00 56.15 ? 46  LYS A CD  1 
ATOM   355  C CE  . LYS A 1 46  ? -2.056  17.911  -6.922  1.00 43.13 ? 46  LYS A CE  1 
ATOM   356  N NZ  . LYS A 1 46  ? -2.019  17.202  -8.223  1.00 49.03 ? 46  LYS A NZ  1 
ATOM   357  N N   . GLN A 1 47  ? -2.760  16.239  -2.393  1.00 36.69 ? 47  GLN A N   1 
ATOM   358  C CA  . GLN A 1 47  ? -2.880  15.059  -1.503  1.00 36.37 ? 47  GLN A CA  1 
ATOM   359  C C   . GLN A 1 47  ? -2.540  13.749  -2.179  1.00 34.71 ? 47  GLN A C   1 
ATOM   360  O O   . GLN A 1 47  ? -2.870  13.518  -3.354  1.00 32.46 ? 47  GLN A O   1 
ATOM   361  C CB  . GLN A 1 47  ? -4.299  14.953  -0.867  1.00 31.57 ? 47  GLN A CB  1 
ATOM   362  C CG  . GLN A 1 47  ? -4.433  15.871  0.302   1.00 44.73 ? 47  GLN A CG  1 
ATOM   363  C CD  . GLN A 1 47  ? -5.414  15.320  1.313   1.00 49.33 ? 47  GLN A CD  1 
ATOM   364  O OE1 . GLN A 1 47  ? -6.106  14.335  1.045   1.00 42.77 ? 47  GLN A OE1 1 
ATOM   365  N NE2 . GLN A 1 47  ? -5.477  15.955  2.500   1.00 54.87 ? 47  GLN A NE2 1 
ATOM   366  N N   . ASN A 1 48  ? -2.057  12.801  -1.378  1.00 30.09 ? 48  ASN A N   1 
ATOM   367  C CA  . ASN A 1 48  ? -1.986  11.412  -1.950  1.00 29.91 ? 48  ASN A CA  1 
ATOM   368  C C   . ASN A 1 48  ? -3.306  10.594  -1.913  1.00 24.34 ? 48  ASN A C   1 
ATOM   369  O O   . ASN A 1 48  ? -4.185  10.950  -0.984  1.00 26.61 ? 48  ASN A O   1 
ATOM   370  C CB  . ASN A 1 48  ? -0.886  10.638  -1.267  1.00 28.07 ? 48  ASN A CB  1 
ATOM   371  C CG  . ASN A 1 48  ? 0.517   11.181  -1.546  1.00 26.68 ? 48  ASN A CG  1 
ATOM   372  O OD1 . ASN A 1 48  ? 0.689   11.897  -2.539  1.00 30.21 ? 48  ASN A OD1 1 
ATOM   373  N ND2 . ASN A 1 48  ? 1.469   10.887  -0.694  1.00 25.22 ? 48  ASN A ND2 1 
ATOM   374  N N   . LEU A 1 49  ? -3.557  9.704   -2.877  1.00 27.07 ? 49  LEU A N   1 
ATOM   375  C CA  . LEU A 1 49  ? -4.723  8.802   -2.958  1.00 23.90 ? 49  LEU A CA  1 
ATOM   376  C C   . LEU A 1 49  ? -4.278  7.444   -2.416  1.00 26.70 ? 49  LEU A C   1 
ATOM   377  O O   . LEU A 1 49  ? -3.314  6.887   -2.963  1.00 26.25 ? 49  LEU A O   1 
ATOM   378  C CB  . LEU A 1 49  ? -5.262  8.582   -4.393  1.00 29.88 ? 49  LEU A CB  1 
ATOM   379  C CG  . LEU A 1 49  ? -6.301  7.444   -4.576  1.00 29.30 ? 49  LEU A CG  1 
ATOM   380  C CD1 . LEU A 1 49  ? -7.567  7.893   -3.904  1.00 28.53 ? 49  LEU A CD1 1 
ATOM   381  C CD2 . LEU A 1 49  ? -6.545  7.163   -6.046  1.00 37.95 ? 49  LEU A CD2 1 
ATOM   382  N N   . VAL A 1 50  ? -5.006  6.853   -1.485  1.00 25.04 ? 50  VAL A N   1 
ATOM   383  C CA  . VAL A 1 50  ? -4.716  5.412   -1.082  1.00 21.94 ? 50  VAL A CA  1 
ATOM   384  C C   . VAL A 1 50  ? -5.832  4.576   -1.616  1.00 23.59 ? 50  VAL A C   1 
ATOM   385  O O   . VAL A 1 50  ? -7.080  4.988   -1.506  1.00 25.66 ? 50  VAL A O   1 
ATOM   386  C CB  . VAL A 1 50  ? -4.535  5.141   0.452   1.00 21.78 ? 50  VAL A CB  1 
ATOM   387  C CG1 . VAL A 1 50  ? -3.309  5.835   1.003   1.00 23.60 ? 50  VAL A CG1 1 
ATOM   388  C CG2 . VAL A 1 50  ? -5.809  5.606   1.276   1.00 21.00 ? 50  VAL A CG2 1 
ATOM   389  N N   . ILE A 1 51  ? -5.485  3.490   -2.259  1.00 23.44 ? 51  ILE A N   1 
ATOM   390  C CA  . ILE A 1 51  ? -6.422  2.540   -2.871  1.00 22.08 ? 51  ILE A CA  1 
ATOM   391  C C   . ILE A 1 51  ? -6.276  1.257   -2.086  1.00 21.93 ? 51  ILE A C   1 
ATOM   392  O O   . ILE A 1 51  ? -5.171  0.783   -1.861  1.00 22.70 ? 51  ILE A O   1 
ATOM   393  C CB  . ILE A 1 51  ? -6.174  2.290   -4.362  1.00 23.91 ? 51  ILE A CB  1 
ATOM   394  C CG1 . ILE A 1 51  ? -6.305  3.623   -5.166  1.00 22.60 ? 51  ILE A CG1 1 
ATOM   395  C CG2 . ILE A 1 51  ? -6.938  1.060   -4.888  1.00 24.19 ? 51  ILE A CG2 1 
ATOM   396  C CD1 . ILE A 1 51  ? -6.037  3.291   -6.629  1.00 24.55 ? 51  ILE A CD1 1 
ATOM   397  N N   . MET A 1 52  ? -7.406  0.742   -1.532  1.00 21.08 ? 52  MET A N   1 
ATOM   398  C CA  . MET A 1 52  ? -7.396  -0.580  -0.900  1.00 22.39 ? 52  MET A CA  1 
ATOM   399  C C   . MET A 1 52  ? -8.595  -1.372  -1.167  1.00 20.52 ? 52  MET A C   1 
ATOM   400  O O   . MET A 1 52  ? -9.643  -0.785  -1.453  1.00 21.42 ? 52  MET A O   1 
ATOM   401  C CB  . MET A 1 52  ? -7.329  -0.397  0.549   1.00 20.38 ? 52  MET A CB  1 
ATOM   402  C CG  . MET A 1 52  ? -8.574  0.237   1.212   1.00 21.64 ? 52  MET A CG  1 
ATOM   403  S SD  . MET A 1 52  ? -8.240  0.899   2.791   1.00 23.78 ? 52  MET A SD  1 
ATOM   404  C CE  . MET A 1 52  ? -7.463  2.459   2.380   1.00 23.99 ? 52  MET A CE  1 
ATOM   405  N N   . GLY A 1 53  ? -8.493  -2.665  -1.058  1.00 21.17 ? 53  GLY A N   1 
ATOM   406  C CA  . GLY A 1 53  ? -9.651  -3.579  -1.070  1.00 21.19 ? 53  GLY A CA  1 
ATOM   407  C C   . GLY A 1 53  ? -10.524 -3.438  0.146   1.00 19.66 ? 53  GLY A C   1 
ATOM   408  O O   . GLY A 1 53  ? -10.164 -2.765  1.154   1.00 20.31 ? 53  GLY A O   1 
ATOM   409  N N   . LYS A 1 54  ? -11.677 -4.108  0.056   1.00 19.49 ? 54  LYS A N   1 
ATOM   410  C CA  . LYS A 1 54  ? -12.745 -3.965  1.065   1.00 21.18 ? 54  LYS A CA  1 
ATOM   411  C C   . LYS A 1 54  ? -12.235 -4.570  2.435   1.00 20.05 ? 54  LYS A C   1 
ATOM   412  O O   . LYS A 1 54  ? -12.427 -3.969  3.457   1.00 20.73 ? 54  LYS A O   1 
ATOM   413  C CB  . LYS A 1 54  ? -13.962 -4.723  0.642   1.00 23.49 ? 54  LYS A CB  1 
ATOM   414  C CG  . LYS A 1 54  ? -15.147 -4.446  1.557   1.00 21.34 ? 54  LYS A CG  1 
ATOM   415  C CD  . LYS A 1 54  ? -16.389 -5.149  1.045   1.00 22.71 ? 54  LYS A CD  1 
ATOM   416  C CE  . LYS A 1 54  ? -16.293 -6.687  1.022   1.00 21.38 ? 54  LYS A CE  1 
ATOM   417  N NZ  . LYS A 1 54  ? -17.464 -7.364  0.329   1.00 23.80 ? 54  LYS A NZ  1 
ATOM   418  N N   . LYS A 1 55  ? -11.616 -5.748  2.311   1.00 20.57 ? 55  LYS A N   1 
ATOM   419  C CA  . LYS A 1 55  ? -11.178 -6.407  3.555   1.00 21.71 ? 55  LYS A CA  1 
ATOM   420  C C   . LYS A 1 55  ? -10.091 -5.584  4.231   1.00 21.85 ? 55  LYS A C   1 
ATOM   421  O O   . LYS A 1 55  ? -10.021 -5.505  5.506   1.00 19.94 ? 55  LYS A O   1 
ATOM   422  C CB  . LYS A 1 55  ? -10.693 -7.778  3.269   1.00 21.27 ? 55  LYS A CB  1 
ATOM   423  C CG  . LYS A 1 55  ? -10.396 -8.555  4.574   1.00 21.99 ? 55  LYS A CG  1 
ATOM   424  C CD  . LYS A 1 55  ? -10.278 -10.074 4.319   1.00 21.70 ? 55  LYS A CD  1 
ATOM   425  C CE  . LYS A 1 55  ? -9.727  -10.803 5.546   1.00 21.13 ? 55  LYS A CE  1 
ATOM   426  N NZ  . LYS A 1 55  ? -9.602  -12.278 5.376   1.00 24.28 ? 55  LYS A NZ  1 
ATOM   427  N N   . THR A 1 56  ? -9.135  -5.009  3.429   1.00 17.74 ? 56  THR A N   1 
ATOM   428  C CA  . THR A 1 56  ? -8.211  -4.110  4.028   1.00 18.79 ? 56  THR A CA  1 
ATOM   429  C C   . THR A 1 56  ? -8.798  -2.952  4.770   1.00 20.29 ? 56  THR A C   1 
ATOM   430  O O   . THR A 1 56  ? -8.436  -2.614  5.885   1.00 18.15 ? 56  THR A O   1 
ATOM   431  C CB  . THR A 1 56  ? -7.171  -3.668  2.961   1.00 18.75 ? 56  THR A CB  1 
ATOM   432  O OG1 . THR A 1 56  ? -6.464  -4.821  2.508   1.00 18.47 ? 56  THR A OG1 1 
ATOM   433  C CG2 . THR A 1 56  ? -6.250  -2.658  3.477   1.00 20.07 ? 56  THR A CG2 1 
ATOM   434  N N   . TRP A 1 57  ? -9.754  -2.288  4.126   1.00 19.40 ? 57  TRP A N   1 
ATOM   435  C CA  . TRP A 1 57  ? -10.450 -1.268  4.807   1.00 18.33 ? 57  TRP A CA  1 
ATOM   436  C C   . TRP A 1 57  ? -10.924 -1.612  6.261   1.00 17.49 ? 57  TRP A C   1 
ATOM   437  O O   . TRP A 1 57  ? -10.606 -0.930  7.230   1.00 20.16 ? 57  TRP A O   1 
ATOM   438  C CB  . TRP A 1 57  ? -11.586 -0.677  3.898   1.00 19.84 ? 57  TRP A CB  1 
ATOM   439  C CG  . TRP A 1 57  ? -12.518 0.294   4.556   1.00 21.10 ? 57  TRP A CG  1 
ATOM   440  C CD1 . TRP A 1 57  ? -13.742 0.036   5.198   1.00 20.70 ? 57  TRP A CD1 1 
ATOM   441  C CD2 . TRP A 1 57  ? -12.249 1.705   4.780   1.00 21.75 ? 57  TRP A CD2 1 
ATOM   442  N NE1 . TRP A 1 57  ? -14.233 1.157   5.729   1.00 24.04 ? 57  TRP A NE1 1 
ATOM   443  C CE2 . TRP A 1 57  ? -13.412 2.238   5.531   1.00 23.13 ? 57  TRP A CE2 1 
ATOM   444  C CE3 . TRP A 1 57  ? -11.225 2.576   4.429   1.00 20.99 ? 57  TRP A CE3 1 
ATOM   445  C CZ2 . TRP A 1 57  ? -13.454 3.564   5.995   1.00 24.50 ? 57  TRP A CZ2 1 
ATOM   446  C CZ3 . TRP A 1 57  ? -11.261 3.913   4.903   1.00 22.98 ? 57  TRP A CZ3 1 
ATOM   447  C CH2 . TRP A 1 57  ? -12.403 4.430   5.604   1.00 22.54 ? 57  TRP A CH2 1 
ATOM   448  N N   . PHE A 1 58  ? -11.635 -2.774  6.274   1.00 21.18 ? 58  PHE A N   1 
ATOM   449  C CA  . PHE A 1 58  ? -12.267 -3.120  7.530   1.00 18.34 ? 58  PHE A CA  1 
ATOM   450  C C   . PHE A 1 58  ? -11.242 -3.660  8.503   1.00 20.21 ? 58  PHE A C   1 
ATOM   451  O O   . PHE A 1 58  ? -11.571 -3.820  9.645   1.00 23.74 ? 58  PHE A O   1 
ATOM   452  C CB  . PHE A 1 58  ? -13.420 -4.037  7.236   1.00 18.49 ? 58  PHE A CB  1 
ATOM   453  C CG  . PHE A 1 58  ? -14.656 -3.268  6.769   1.00 19.45 ? 58  PHE A CG  1 
ATOM   454  C CD1 . PHE A 1 58  ? -15.392 -2.454  7.658   1.00 20.65 ? 58  PHE A CD1 1 
ATOM   455  C CD2 . PHE A 1 58  ? -15.063 -3.403  5.448   1.00 20.04 ? 58  PHE A CD2 1 
ATOM   456  C CE1 . PHE A 1 58  ? -16.505 -1.779  7.110   1.00 19.57 ? 58  PHE A CE1 1 
ATOM   457  C CE2 . PHE A 1 58  ? -16.144 -2.673  4.948   1.00 19.96 ? 58  PHE A CE2 1 
ATOM   458  C CZ  . PHE A 1 58  ? -16.857 -1.889  5.802   1.00 21.46 ? 58  PHE A CZ  1 
ATOM   459  N N   A SER A 1 59  ? -10.050 -3.995  7.996   0.50 19.91 ? 59  SER A N   1 
ATOM   460  N N   B SER A 1 59  ? -10.005 -3.916  8.051   0.50 19.48 ? 59  SER A N   1 
ATOM   461  C CA  A SER A 1 59  ? -9.020  -4.497  8.920   0.50 19.85 ? 59  SER A CA  1 
ATOM   462  C CA  B SER A 1 59  ? -8.946  -4.417  8.981   0.50 18.38 ? 59  SER A CA  1 
ATOM   463  C C   A SER A 1 59  ? -8.278  -3.342  9.568   0.50 20.37 ? 59  SER A C   1 
ATOM   464  C C   B SER A 1 59  ? -8.308  -3.263  9.676   0.50 20.32 ? 59  SER A C   1 
ATOM   465  O O   A SER A 1 59  ? -7.555  -3.591  10.522  0.50 22.08 ? 59  SER A O   1 
ATOM   466  O O   B SER A 1 59  ? -7.640  -3.405  10.709  0.50 20.14 ? 59  SER A O   1 
ATOM   467  C CB  A SER A 1 59  ? -8.040  -5.439  8.191   0.50 20.54 ? 59  SER A CB  1 
ATOM   468  C CB  B SER A 1 59  ? -7.825  -5.008  8.152   0.50 16.58 ? 59  SER A CB  1 
ATOM   469  O OG  A SER A 1 59  ? -7.126  -4.790  7.331   0.50 19.99 ? 59  SER A OG  1 
ATOM   470  O OG  B SER A 1 59  ? -8.242  -6.117  7.381   0.50 19.23 ? 59  SER A OG  1 
ATOM   471  N N   . ILE A 1 60  ? -8.483  -2.077  9.138   1.00 23.52 ? 60  ILE A N   1 
ATOM   472  C CA  . ILE A 1 60  ? -7.874  -0.892  9.771   1.00 23.64 ? 60  ILE A CA  1 
ATOM   473  C C   . ILE A 1 60  ? -8.746  -0.573  10.997  1.00 25.62 ? 60  ILE A C   1 
ATOM   474  O O   . ILE A 1 60  ? -9.974  -0.536  10.858  1.00 24.79 ? 60  ILE A O   1 
ATOM   475  C CB  . ILE A 1 60  ? -7.795  0.336   8.804   1.00 22.85 ? 60  ILE A CB  1 
ATOM   476  C CG1 . ILE A 1 60  ? -6.950  -0.039  7.591   1.00 25.46 ? 60  ILE A CG1 1 
ATOM   477  C CG2 . ILE A 1 60  ? -7.234  1.608   9.450   1.00 23.10 ? 60  ILE A CG2 1 
ATOM   478  C CD1 . ILE A 1 60  ? -7.078  0.959   6.425   1.00 27.89 ? 60  ILE A CD1 1 
ATOM   479  N N   . PRO A 1 61  ? -8.093  -0.297  12.179  1.00 27.87 ? 61  PRO A N   1 
ATOM   480  C CA  . PRO A 1 61  ? -8.901  0.093   13.335  1.00 29.87 ? 61  PRO A CA  1 
ATOM   481  C C   . PRO A 1 61  ? -9.738  1.343   13.024  1.00 27.77 ? 61  PRO A C   1 
ATOM   482  O O   . PRO A 1 61  ? -9.229  2.290   12.377  1.00 30.99 ? 61  PRO A O   1 
ATOM   483  C CB  . PRO A 1 61  ? -7.862  0.297   14.437  1.00 31.96 ? 61  PRO A CB  1 
ATOM   484  C CG  . PRO A 1 61  ? -6.649  -0.478  14.004  1.00 32.57 ? 61  PRO A CG  1 
ATOM   485  C CD  . PRO A 1 61  ? -6.665  -0.487  12.504  1.00 30.46 ? 61  PRO A CD  1 
ATOM   486  N N   . GLU A 1 62  ? -11.010 1.283   13.398  1.00 30.35 ? 62  GLU A N   1 
ATOM   487  C CA  . GLU A 1 62  ? -11.993 2.347   13.102  1.00 33.53 ? 62  GLU A CA  1 
ATOM   488  C C   . GLU A 1 62  ? -11.479 3.738   13.500  1.00 35.22 ? 62  GLU A C   1 
ATOM   489  O O   . GLU A 1 62  ? -11.760 4.752   12.828  1.00 35.98 ? 62  GLU A O   1 
ATOM   490  C CB  . GLU A 1 62  ? -13.270 2.085   13.873  1.00 35.19 ? 62  GLU A CB  1 
ATOM   491  C CG  . GLU A 1 62  ? -14.546 2.531   13.200  1.00 39.35 ? 62  GLU A CG  1 
ATOM   492  C CD  . GLU A 1 62  ? -15.703 1.590   13.577  1.00 53.71 ? 62  GLU A CD  1 
ATOM   493  O OE1 . GLU A 1 62  ? -15.462 0.457   14.089  1.00 55.72 ? 62  GLU A OE1 1 
ATOM   494  O OE2 . GLU A 1 62  ? -16.863 1.964   13.348  1.00 56.73 ? 62  GLU A OE2 1 
ATOM   495  N N   . LYS A 1 63  ? -10.694 3.807   14.571  1.00 38.81 ? 63  LYS A N   1 
ATOM   496  C CA  . LYS A 1 63  ? -10.165 5.115   14.930  1.00 44.36 ? 63  LYS A CA  1 
ATOM   497  C C   . LYS A 1 63  ? -9.103  5.651   13.974  1.00 46.22 ? 63  LYS A C   1 
ATOM   498  O O   . LYS A 1 63  ? -8.764  6.830   14.030  1.00 44.89 ? 63  LYS A O   1 
ATOM   499  C CB  . LYS A 1 63  ? -9.712  5.172   16.382  1.00 44.87 ? 63  LYS A CB  1 
ATOM   500  C CG  . LYS A 1 63  ? -8.722  4.103   16.784  1.00 43.81 ? 63  LYS A CG  1 
ATOM   501  C CD  . LYS A 1 63  ? -7.287  4.561   16.743  1.00 43.78 ? 63  LYS A CD  1 
ATOM   502  C CE  . LYS A 1 63  ? -6.484  3.957   17.917  1.00 42.09 ? 63  LYS A CE  1 
ATOM   503  N NZ  . LYS A 1 63  ? -4.994  4.132   17.752  1.00 47.97 ? 63  LYS A NZ  1 
ATOM   504  N N   . ASN A 1 64  ? -8.554  4.787   13.117  1.00 37.05 ? 64  ASN A N   1 
ATOM   505  C CA  . ASN A 1 64  ? -7.585  5.196   12.103  1.00 36.37 ? 64  ASN A CA  1 
ATOM   506  C C   . ASN A 1 64  ? -8.192  5.321   10.694  1.00 32.55 ? 64  ASN A C   1 
ATOM   507  O O   . ASN A 1 64  ? -7.440  5.545   9.724   1.00 32.33 ? 64  ASN A O   1 
ATOM   508  C CB  . ASN A 1 64  ? -6.403  4.239   12.032  1.00 36.03 ? 64  ASN A CB  1 
ATOM   509  C CG  . ASN A 1 64  ? -5.574  4.219   13.305  1.00 35.41 ? 64  ASN A CG  1 
ATOM   510  O OD1 . ASN A 1 64  ? -4.992  5.231   13.690  1.00 47.24 ? 64  ASN A OD1 1 
ATOM   511  N ND2 . ASN A 1 64  ? -5.494  3.085   13.939  1.00 42.82 ? 64  ASN A ND2 1 
ATOM   512  N N   . ARG A 1 65  ? -9.506  5.139   10.560  1.00 29.60 ? 65  ARG A N   1 
ATOM   513  C CA  . ARG A 1 65  ? -10.262 5.251   9.325   1.00 28.61 ? 65  ARG A CA  1 
ATOM   514  C C   . ARG A 1 65  ? -11.030 6.569   9.324   1.00 29.15 ? 65  ARG A C   1 
ATOM   515  O O   . ARG A 1 65  ? -11.633 6.960   10.347  1.00 30.11 ? 65  ARG A O   1 
ATOM   516  C CB  . ARG A 1 65  ? -11.267 4.111   9.122   1.00 29.75 ? 65  ARG A CB  1 
ATOM   517  C CG  . ARG A 1 65  ? -10.601 2.777   8.971   1.00 27.74 ? 65  ARG A CG  1 
ATOM   518  C CD  . ARG A 1 65  ? -11.555 1.666   8.522   1.00 23.73 ? 65  ARG A CD  1 
ATOM   519  N NE  . ARG A 1 65  ? -12.923 1.631   9.079   1.00 28.38 ? 65  ARG A NE  1 
ATOM   520  C CZ  . ARG A 1 65  ? -13.494 0.606   9.719   1.00 31.96 ? 65  ARG A CZ  1 
ATOM   521  N NH1 . ARG A 1 65  ? -14.770 0.643   10.098  1.00 28.73 ? 65  ARG A NH1 1 
ATOM   522  N NH2 . ARG A 1 65  ? -12.787 -0.468  10.093  1.00 29.90 ? 65  ARG A NH2 1 
ATOM   523  N N   . PRO A 1 66  ? -11.024 7.279   8.205   1.00 26.84 ? 66  PRO A N   1 
ATOM   524  C CA  . PRO A 1 66  ? -10.150 7.056   7.041   1.00 25.86 ? 66  PRO A CA  1 
ATOM   525  C C   . PRO A 1 66  ? -8.712  7.327   7.400   1.00 25.60 ? 66  PRO A C   1 
ATOM   526  O O   . PRO A 1 66  ? -8.429  8.022   8.343   1.00 27.37 ? 66  PRO A O   1 
ATOM   527  C CB  . PRO A 1 66  ? -10.625 8.112   6.053   1.00 26.66 ? 66  PRO A CB  1 
ATOM   528  C CG  . PRO A 1 66  ? -11.116 9.220   6.950   1.00 30.77 ? 66  PRO A CG  1 
ATOM   529  C CD  . PRO A 1 66  ? -11.818 8.528   8.100   1.00 29.81 ? 66  PRO A CD  1 
ATOM   530  N N   . LEU A 1 67  ? -7.791  6.777   6.581   1.00 26.90 ? 67  LEU A N   1 
ATOM   531  C CA  . LEU A 1 67  ? -6.409  7.133   6.851   1.00 26.20 ? 67  LEU A CA  1 
ATOM   532  C C   . LEU A 1 67  ? -6.219  8.677   6.640   1.00 23.76 ? 67  LEU A C   1 
ATOM   533  O O   . LEU A 1 67  ? -6.522  9.185   5.527   1.00 24.34 ? 67  LEU A O   1 
ATOM   534  C CB  . LEU A 1 67  ? -5.467  6.329   5.928   1.00 26.50 ? 67  LEU A CB  1 
ATOM   535  C CG  . LEU A 1 67  ? -5.628  4.785   6.068   1.00 26.03 ? 67  LEU A CG  1 
ATOM   536  C CD1 . LEU A 1 67  ? -4.711  4.162   5.029   1.00 26.77 ? 67  LEU A CD1 1 
ATOM   537  C CD2 . LEU A 1 67  ? -5.111  4.467   7.454   1.00 25.32 ? 67  LEU A CD2 1 
ATOM   538  N N   . LYS A 1 68  ? -5.766  9.341   7.684   1.00 27.71 ? 68  LYS A N   1 
ATOM   539  C CA  . LYS A 1 68  ? -6.063  10.780  7.732   1.00 26.44 ? 68  LYS A CA  1 
ATOM   540  C C   . LYS A 1 68  ? -5.047  11.438  6.759   1.00 27.47 ? 68  LYS A C   1 
ATOM   541  O O   . LYS A 1 68  ? -3.939  10.914  6.539   1.00 27.11 ? 68  LYS A O   1 
ATOM   542  C CB  . LYS A 1 68  ? -5.903  11.288  9.156   1.00 32.32 ? 68  LYS A CB  1 
ATOM   543  C CG  . LYS A 1 68  ? -4.586  10.926  9.808   1.00 36.16 ? 68  LYS A CG  1 
ATOM   544  C CD  . LYS A 1 68  ? -4.553  11.341  11.272  1.00 43.79 ? 68  LYS A CD  1 
ATOM   545  C CE  . LYS A 1 68  ? -3.278  10.819  11.936  1.00 47.51 ? 68  LYS A CE  1 
ATOM   546  N NZ  . LYS A 1 68  ? -3.173  11.113  13.394  1.00 60.07 ? 68  LYS A NZ  1 
ATOM   547  N N   . GLY A 1 69  ? -5.436  12.567  6.176   1.00 27.67 ? 69  GLY A N   1 
ATOM   548  C CA  . GLY A 1 69  ? -4.528  13.337  5.315   1.00 27.78 ? 69  GLY A CA  1 
ATOM   549  C C   . GLY A 1 69  ? -4.398  12.787  3.903   1.00 33.78 ? 69  GLY A C   1 
ATOM   550  O O   . GLY A 1 69  ? -3.644  13.310  3.082   1.00 33.49 ? 69  GLY A O   1 
ATOM   551  N N   . ARG A 1 70  ? -5.144  11.737  3.608   1.00 26.41 ? 70  ARG A N   1 
ATOM   552  C CA  . ARG A 1 70  ? -5.155  11.033  2.353   1.00 24.85 ? 70  ARG A CA  1 
ATOM   553  C C   . ARG A 1 70  ? -6.522  10.854  1.843   1.00 29.91 ? 70  ARG A C   1 
ATOM   554  O O   . ARG A 1 70  ? -7.460  10.690  2.689   1.00 27.50 ? 70  ARG A O   1 
ATOM   555  C CB  . ARG A 1 70  ? -4.452  9.631   2.444   1.00 24.31 ? 70  ARG A CB  1 
ATOM   556  C CG  . ARG A 1 70  ? -2.968  9.759   2.720   1.00 25.68 ? 70  ARG A CG  1 
ATOM   557  C CD  . ARG A 1 70  ? -2.489  8.549   3.466   1.00 26.37 ? 70  ARG A CD  1 
ATOM   558  N NE  . ARG A 1 70  ? -2.867  8.724   4.850   1.00 26.59 ? 70  ARG A NE  1 
ATOM   559  C CZ  . ARG A 1 70  ? -2.488  7.983   5.872   1.00 27.87 ? 70  ARG A CZ  1 
ATOM   560  N NH1 . ARG A 1 70  ? -1.864  6.827   5.705   1.00 28.20 ? 70  ARG A NH1 1 
ATOM   561  N NH2 . ARG A 1 70  ? -2.844  8.312   7.102   1.00 27.78 ? 70  ARG A NH2 1 
ATOM   562  N N   . ILE A 1 71  ? -6.721  10.878  0.552   1.00 27.10 ? 71  ILE A N   1 
ATOM   563  C CA  . ILE A 1 71  ? -7.964  10.452  -0.080  1.00 25.47 ? 71  ILE A CA  1 
ATOM   564  C C   . ILE A 1 71  ? -8.069  8.938   0.007   1.00 28.65 ? 71  ILE A C   1 
ATOM   565  O O   . ILE A 1 71  ? -7.212  8.201   -0.528  1.00 27.12 ? 71  ILE A O   1 
ATOM   566  C CB  . ILE A 1 71  ? -8.154  10.989  -1.552  1.00 27.19 ? 71  ILE A CB  1 
ATOM   567  C CG1 . ILE A 1 71  ? -7.996  12.511  -1.582  1.00 31.30 ? 71  ILE A CG1 1 
ATOM   568  C CG2 . ILE A 1 71  ? -9.473  10.551  -2.130  1.00 30.65 ? 71  ILE A CG2 1 
ATOM   569  C CD1 . ILE A 1 71  ? -8.021  13.099  -3.008  1.00 33.55 ? 71  ILE A CD1 1 
ATOM   570  N N   . ASN A 1 72  ? -9.124  8.437   0.645   1.00 25.14 ? 72  ASN A N   1 
ATOM   571  C CA  . ASN A 1 72  ? -9.314  6.968   0.827   1.00 25.38 ? 72  ASN A CA  1 
ATOM   572  C C   . ASN A 1 72  ? -10.248 6.450   -0.102  1.00 21.41 ? 72  ASN A C   1 
ATOM   573  O O   . ASN A 1 72  ? -11.413 6.891   -0.049  1.00 23.49 ? 72  ASN A O   1 
ATOM   574  C CB  . ASN A 1 72  ? -9.847  6.698   2.220   1.00 24.03 ? 72  ASN A CB  1 
ATOM   575  C CG  . ASN A 1 72  ? -8.803  6.879   3.271   1.00 23.68 ? 72  ASN A CG  1 
ATOM   576  O OD1 . ASN A 1 72  ? -8.538  5.943   4.081   1.00 24.53 ? 72  ASN A OD1 1 
ATOM   577  N ND2 . ASN A 1 72  ? -8.192  8.098   3.368   1.00 23.01 ? 72  ASN A ND2 1 
ATOM   578  N N   . LEU A 1 73  ? -9.831  5.565   -0.971  1.00 24.04 ? 73  LEU A N   1 
ATOM   579  C CA  . LEU A 1 73  ? -10.589 4.898   -1.940  1.00 22.82 ? 73  LEU A CA  1 
ATOM   580  C C   . LEU A 1 73  ? -10.641 3.423   -1.737  1.00 24.05 ? 73  LEU A C   1 
ATOM   581  O O   . LEU A 1 73  ? -9.587  2.790   -1.584  1.00 21.34 ? 73  LEU A O   1 
ATOM   582  C CB  . LEU A 1 73  ? -10.118 5.300   -3.404  1.00 24.24 ? 73  LEU A CB  1 
ATOM   583  C CG  . LEU A 1 73  ? -10.870 4.717   -4.588  1.00 26.65 ? 73  LEU A CG  1 
ATOM   584  C CD1 . LEU A 1 73  ? -10.612 5.595   -5.820  1.00 28.07 ? 73  LEU A CD1 1 
ATOM   585  C CD2 . LEU A 1 73  ? -10.675 3.278   -4.996  1.00 29.36 ? 73  LEU A CD2 1 
ATOM   586  N N   . VAL A 1 74  ? -11.840 2.836   -1.597  1.00 24.97 ? 74  VAL A N   1 
ATOM   587  C CA  . VAL A 1 74  ? -12.033 1.425   -1.431  1.00 25.76 ? 74  VAL A CA  1 
ATOM   588  C C   . VAL A 1 74  ? -12.561 0.717   -2.659  1.00 25.57 ? 74  VAL A C   1 
ATOM   589  O O   . VAL A 1 74  ? -13.380 1.375   -3.410  1.00 25.81 ? 74  VAL A O   1 
ATOM   590  C CB  . VAL A 1 74  ? -13.036 1.223   -0.259  1.00 26.46 ? 74  VAL A CB  1 
ATOM   591  C CG1 . VAL A 1 74  ? -13.399 -0.280  -0.056  1.00 25.24 ? 74  VAL A CG1 1 
ATOM   592  C CG2 . VAL A 1 74  ? -12.514 1.858   0.962   1.00 24.06 ? 74  VAL A CG2 1 
ATOM   593  N N   . LEU A 1 75  ? -12.032 -0.443  -3.066  1.00 22.80 ? 75  LEU A N   1 
ATOM   594  C CA  . LEU A 1 75  ? -12.438 -1.271  -4.141  1.00 22.21 ? 75  LEU A CA  1 
ATOM   595  C C   . LEU A 1 75  ? -13.457 -2.275  -3.631  1.00 23.85 ? 75  LEU A C   1 
ATOM   596  O O   . LEU A 1 75  ? -13.153 -3.098  -2.708  1.00 22.95 ? 75  LEU A O   1 
ATOM   597  C CB  . LEU A 1 75  ? -11.279 -2.018  -4.798  1.00 23.02 ? 75  LEU A CB  1 
ATOM   598  C CG  . LEU A 1 75  ? -10.169 -1.114  -5.296  1.00 25.65 ? 75  LEU A CG  1 
ATOM   599  C CD1 . LEU A 1 75  ? -9.000  -1.997  -5.647  1.00 26.14 ? 75  LEU A CD1 1 
ATOM   600  C CD2 . LEU A 1 75  ? -10.633 -0.375  -6.554  1.00 30.07 ? 75  LEU A CD2 1 
ATOM   601  N N   . SER A 1 76  ? -14.608 -2.401  -4.288  1.00 23.67 ? 76  SER A N   1 
ATOM   602  C CA  . SER A 1 76  ? -15.592 -3.381  -4.065  1.00 23.19 ? 76  SER A CA  1 
ATOM   603  C C   . SER A 1 76  ? -16.555 -3.354  -5.204  1.00 23.21 ? 76  SER A C   1 
ATOM   604  O O   . SER A 1 76  ? -16.979 -2.261  -5.695  1.00 27.09 ? 76  SER A O   1 
ATOM   605  C CB  . SER A 1 76  ? -16.360 -3.082  -2.780  1.00 23.14 ? 76  SER A CB  1 
ATOM   606  O OG  . SER A 1 76  ? -17.405 -4.002  -2.631  1.00 21.72 ? 76  SER A OG  1 
ATOM   607  N N   . ARG A 1 77  ? -17.023 -4.547  -5.510  1.00 24.74 ? 77  ARG A N   1 
ATOM   608  C CA  . ARG A 1 77  ? -18.147 -4.713  -6.470  1.00 28.02 ? 77  ARG A CA  1 
ATOM   609  C C   . ARG A 1 77  ? -19.456 -5.044  -5.770  1.00 30.77 ? 77  ARG A C   1 
ATOM   610  O O   . ARG A 1 77  ? -20.490 -4.987  -6.422  1.00 32.93 ? 77  ARG A O   1 
ATOM   611  C CB  . ARG A 1 77  ? -17.769 -5.769  -7.464  1.00 27.66 ? 77  ARG A CB  1 
ATOM   612  C CG  . ARG A 1 77  ? -16.600 -5.338  -8.322  1.00 35.01 ? 77  ARG A CG  1 
ATOM   613  C CD  . ARG A 1 77  ? -16.251 -6.314  -9.435  1.00 38.54 ? 77  ARG A CD  1 
ATOM   614  N NE  . ARG A 1 77  ? -17.220 -6.333  -10.549 1.00 43.13 ? 77  ARG A NE  1 
ATOM   615  C CZ  . ARG A 1 77  ? -17.309 -5.456  -11.570 1.00 44.39 ? 77  ARG A CZ  1 
ATOM   616  N NH1 . ARG A 1 77  ? -18.232 -5.625  -12.532 1.00 45.41 ? 77  ARG A NH1 1 
ATOM   617  N NH2 . ARG A 1 77  ? -16.517 -4.393  -11.645 1.00 43.86 ? 77  ARG A NH2 1 
ATOM   618  N N   . GLU A 1 78  ? -19.430 -5.402  -4.462  1.00 27.51 ? 78  GLU A N   1 
ATOM   619  C CA  . GLU A 1 78  ? -20.706 -5.659  -3.684  1.00 25.74 ? 78  GLU A CA  1 
ATOM   620  C C   . GLU A 1 78  ? -21.209 -4.370  -3.120  1.00 28.97 ? 78  GLU A C   1 
ATOM   621  O O   . GLU A 1 78  ? -22.447 -4.099  -3.124  1.00 29.49 ? 78  GLU A O   1 
ATOM   622  C CB  . GLU A 1 78  ? -20.450 -6.688  -2.558  1.00 29.34 ? 78  GLU A CB  1 
ATOM   623  C CG  . GLU A 1 78  ? -20.086 -8.117  -2.991  1.00 28.34 ? 78  GLU A CG  1 
ATOM   624  C CD  . GLU A 1 78  ? -19.847 -9.037  -1.773  1.00 39.00 ? 78  GLU A CD  1 
ATOM   625  O OE1 . GLU A 1 78  ? -19.745 -8.517  -0.651  1.00 46.41 ? 78  GLU A OE1 1 
ATOM   626  O OE2 . GLU A 1 78  ? -19.817 -10.275 -1.929  1.00 48.60 ? 78  GLU A OE2 1 
ATOM   627  N N   . LEU A 1 79  ? -20.336 -3.487  -2.641  1.00 26.10 ? 79  LEU A N   1 
ATOM   628  C CA  . LEU A 1 79  ? -20.809 -2.306  -1.980  1.00 27.10 ? 79  LEU A CA  1 
ATOM   629  C C   . LEU A 1 79  ? -21.569 -1.409  -3.018  1.00 29.60 ? 79  LEU A C   1 
ATOM   630  O O   . LEU A 1 79  ? -21.237 -1.390  -4.215  1.00 31.95 ? 79  LEU A O   1 
ATOM   631  C CB  . LEU A 1 79  ? -19.695 -1.517  -1.284  1.00 24.73 ? 79  LEU A CB  1 
ATOM   632  C CG  . LEU A 1 79  ? -18.930 -2.281  -0.119  1.00 24.57 ? 79  LEU A CG  1 
ATOM   633  C CD1 . LEU A 1 79  ? -17.969 -1.297  0.516   1.00 23.47 ? 79  LEU A CD1 1 
ATOM   634  C CD2 . LEU A 1 79  ? -19.876 -2.836  0.984   1.00 24.31 ? 79  LEU A CD2 1 
ATOM   635  N N   . LYS A 1 80  ? -22.550 -0.693  -2.512  1.00 32.00 ? 80  LYS A N   1 
ATOM   636  C CA  . LYS A 1 80  ? -23.165 0.278   -3.421  1.00 35.19 ? 80  LYS A CA  1 
ATOM   637  C C   . LYS A 1 80  ? -22.775 1.721   -3.050  1.00 33.20 ? 80  LYS A C   1 
ATOM   638  O O   . LYS A 1 80  ? -23.157 2.627   -3.792  1.00 37.19 ? 80  LYS A O   1 
ATOM   639  C CB  . LYS A 1 80  ? -24.676 0.008   -3.689  1.00 40.99 ? 80  LYS A CB  1 
ATOM   640  C CG  . LYS A 1 80  ? -25.007 -1.378  -4.293  1.00 47.30 ? 80  LYS A CG  1 
ATOM   641  C CD  . LYS A 1 80  ? -24.458 -1.552  -5.724  1.00 52.45 ? 80  LYS A CD  1 
ATOM   642  C CE  . LYS A 1 80  ? -25.215 -2.588  -6.549  1.00 60.87 ? 80  LYS A CE  1 
ATOM   643  N NZ  . LYS A 1 80  ? -26.074 -2.011  -7.644  1.00 57.44 ? 80  LYS A NZ  1 
ATOM   644  N N   . GLU A 1 81  ? -22.064 1.983   -1.964  1.00 27.23 ? 81  GLU A N   1 
ATOM   645  C CA  . GLU A 1 81  ? -21.516 3.311   -1.725  1.00 26.94 ? 81  GLU A CA  1 
ATOM   646  C C   . GLU A 1 81  ? -20.247 3.218   -0.893  1.00 26.98 ? 81  GLU A C   1 
ATOM   647  O O   . GLU A 1 81  ? -19.995 2.142   -0.300  1.00 27.61 ? 81  GLU A O   1 
ATOM   648  C CB  . GLU A 1 81  ? -22.622 4.228   -1.086  1.00 24.96 ? 81  GLU A CB  1 
ATOM   649  C CG  . GLU A 1 81  ? -22.741 4.104   0.426   1.00 28.08 ? 81  GLU A CG  1 
ATOM   650  C CD  . GLU A 1 81  ? -23.700 5.183   1.001   1.00 26.88 ? 81  GLU A CD  1 
ATOM   651  O OE1 . GLU A 1 81  ? -23.291 6.332   1.277   1.00 30.20 ? 81  GLU A OE1 1 
ATOM   652  O OE2 . GLU A 1 81  ? -24.845 4.837   1.197   1.00 35.60 ? 81  GLU A OE2 1 
ATOM   653  N N   . PRO A 1 82  ? -19.448 4.293   -0.789  1.00 27.23 ? 82  PRO A N   1 
ATOM   654  C CA  . PRO A 1 82  ? -18.231 4.095   0.018   1.00 25.89 ? 82  PRO A CA  1 
ATOM   655  C C   . PRO A 1 82  ? -18.657 3.714   1.439   1.00 28.42 ? 82  PRO A C   1 
ATOM   656  O O   . PRO A 1 82  ? -19.663 4.202   1.950   1.00 27.74 ? 82  PRO A O   1 
ATOM   657  C CB  . PRO A 1 82  ? -17.530 5.478   0.037   1.00 25.76 ? 82  PRO A CB  1 
ATOM   658  C CG  . PRO A 1 82  ? -18.067 6.126   -1.233  1.00 26.04 ? 82  PRO A CG  1 
ATOM   659  C CD  . PRO A 1 82  ? -19.497 5.645   -1.360  1.00 28.42 ? 82  PRO A CD  1 
ATOM   660  N N   . PRO A 1 83  ? -17.880 2.898   2.149   1.00 25.19 ? 83  PRO A N   1 
ATOM   661  C CA  . PRO A 1 83  ? -18.126 2.681   3.562   1.00 25.74 ? 83  PRO A CA  1 
ATOM   662  C C   . PRO A 1 83  ? -18.087 3.969   4.410   1.00 22.85 ? 83  PRO A C   1 
ATOM   663  O O   . PRO A 1 83  ? -17.469 4.954   4.038   1.00 23.43 ? 83  PRO A O   1 
ATOM   664  C CB  . PRO A 1 83  ? -16.975 1.753   3.974   1.00 29.76 ? 83  PRO A CB  1 
ATOM   665  C CG  . PRO A 1 83  ? -16.304 1.278   2.739   1.00 27.94 ? 83  PRO A CG  1 
ATOM   666  C CD  . PRO A 1 83  ? -16.905 1.961   1.510   1.00 28.07 ? 83  PRO A CD  1 
ATOM   667  N N   . GLN A 1 84  ? -18.761 3.979   5.571   1.00 22.22 ? 84  GLN A N   1 
ATOM   668  C CA  . GLN A 1 84  ? -18.699 5.013   6.590   1.00 29.67 ? 84  GLN A CA  1 
ATOM   669  C C   . GLN A 1 84  ? -17.254 5.403   6.793   1.00 28.22 ? 84  GLN A C   1 
ATOM   670  O O   . GLN A 1 84  ? -16.400 4.552   7.122   1.00 26.32 ? 84  GLN A O   1 
ATOM   671  C CB  . GLN A 1 84  ? -19.290 4.461   7.912   1.00 34.22 ? 84  GLN A CB  1 
ATOM   672  C CG  . GLN A 1 84  ? -19.108 5.363   9.156   1.00 37.75 ? 84  GLN A CG  1 
ATOM   673  C CD  . GLN A 1 84  ? -19.959 4.877   10.350  1.00 38.62 ? 84  GLN A CD  1 
ATOM   674  O OE1 . GLN A 1 84  ? -20.336 3.689   10.456  1.00 40.95 ? 84  GLN A OE1 1 
ATOM   675  N NE2 . GLN A 1 84  ? -20.355 5.826   11.194  1.00 45.04 ? 84  GLN A NE2 1 
ATOM   676  N N   . GLY A 1 85  ? -16.985 6.707   6.574   1.00 26.68 ? 85  GLY A N   1 
ATOM   677  C CA  . GLY A 1 85  ? -15.655 7.277   6.706   1.00 28.80 ? 85  GLY A CA  1 
ATOM   678  C C   . GLY A 1 85  ? -14.729 7.218   5.511   1.00 26.24 ? 85  GLY A C   1 
ATOM   679  O O   . GLY A 1 85  ? -13.772 8.012   5.545   1.00 26.78 ? 85  GLY A O   1 
ATOM   680  N N   . ALA A 1 86  ? -15.052 6.413   4.484   1.00 24.52 ? 86  ALA A N   1 
ATOM   681  C CA  . ALA A 1 86  ? -14.239 6.319   3.256   1.00 27.65 ? 86  ALA A CA  1 
ATOM   682  C C   . ALA A 1 86  ? -14.719 7.476   2.384   1.00 30.61 ? 86  ALA A C   1 
ATOM   683  O O   . ALA A 1 86  ? -15.665 8.158   2.809   1.00 30.33 ? 86  ALA A O   1 
ATOM   684  C CB  . ALA A 1 86  ? -14.410 5.012   2.574   1.00 26.76 ? 86  ALA A CB  1 
ATOM   685  N N   . HIS A 1 87  ? -14.047 7.705   1.221   1.00 29.06 ? 87  HIS A N   1 
ATOM   686  C CA  . HIS A 1 87  ? -14.372 8.815   0.253   1.00 28.35 ? 87  HIS A CA  1 
ATOM   687  C C   . HIS A 1 87  ? -14.866 8.391   -1.059  1.00 34.46 ? 87  HIS A C   1 
ATOM   688  O O   . HIS A 1 87  ? -15.732 9.018   -1.668  1.00 37.73 ? 87  HIS A O   1 
ATOM   689  C CB  . HIS A 1 87  ? -13.104 9.679   0.071   1.00 27.11 ? 87  HIS A CB  1 
ATOM   690  C CG  . HIS A 1 87  ? -12.468 10.133  1.351   1.00 27.52 ? 87  HIS A CG  1 
ATOM   691  N ND1 . HIS A 1 87  ? -13.143 10.813  2.341   1.00 30.35 ? 87  HIS A ND1 1 
ATOM   692  C CD2 . HIS A 1 87  ? -11.133 10.155  1.748   1.00 24.93 ? 87  HIS A CD2 1 
ATOM   693  C CE1 . HIS A 1 87  ? -12.290 11.150  3.319   1.00 25.34 ? 87  HIS A CE1 1 
ATOM   694  N NE2 . HIS A 1 87  ? -11.040 10.687  2.937   1.00 32.60 ? 87  HIS A NE2 1 
ATOM   695  N N   . PHE A 1 88  ? -14.323 7.352   -1.608  1.00 27.72 ? 88  PHE A N   1 
ATOM   696  C CA  . PHE A 1 88  ? -14.572 7.000   -2.915  1.00 30.34 ? 88  PHE A CA  1 
ATOM   697  C C   . PHE A 1 88  ? -14.674 5.560   -2.831  1.00 30.74 ? 88  PHE A C   1 
ATOM   698  O O   . PHE A 1 88  ? -13.970 4.937   -1.955  1.00 26.29 ? 88  PHE A O   1 
ATOM   699  C CB  . PHE A 1 88  ? -13.377 7.426   -3.780  1.00 32.56 ? 88  PHE A CB  1 
ATOM   700  C CG  . PHE A 1 88  ? -13.359 8.902   -4.131  1.00 33.03 ? 88  PHE A CG  1 
ATOM   701  C CD1 . PHE A 1 88  ? -14.188 9.395   -5.176  1.00 40.46 ? 88  PHE A CD1 1 
ATOM   702  C CD2 . PHE A 1 88  ? -12.557 9.802   -3.433  1.00 36.40 ? 88  PHE A CD2 1 
ATOM   703  C CE1 . PHE A 1 88  ? -14.158 10.758  -5.478  1.00 33.23 ? 88  PHE A CE1 1 
ATOM   704  C CE2 . PHE A 1 88  ? -12.555 11.165  -3.739  1.00 36.79 ? 88  PHE A CE2 1 
ATOM   705  C CZ  . PHE A 1 88  ? -13.359 11.631  -4.759  1.00 36.44 ? 88  PHE A CZ  1 
ATOM   706  N N   . LEU A 1 89  ? -15.455 5.010   -3.752  1.00 27.43 ? 89  LEU A N   1 
ATOM   707  C CA  . LEU A 1 89  ? -15.683 3.600   -3.976  1.00 28.73 ? 89  LEU A CA  1 
ATOM   708  C C   . LEU A 1 89  ? -15.476 3.416   -5.413  1.00 32.78 ? 89  LEU A C   1 
ATOM   709  O O   . LEU A 1 89  ? -16.032 4.228   -6.226  1.00 33.04 ? 89  LEU A O   1 
ATOM   710  C CB  . LEU A 1 89  ? -17.093 3.149   -3.578  1.00 26.48 ? 89  LEU A CB  1 
ATOM   711  C CG  . LEU A 1 89  ? -17.517 1.820   -4.089  1.00 25.59 ? 89  LEU A CG  1 
ATOM   712  C CD1 . LEU A 1 89  ? -16.790 0.594   -3.458  1.00 27.84 ? 89  LEU A CD1 1 
ATOM   713  C CD2 . LEU A 1 89  ? -19.004 1.719   -3.800  1.00 26.03 ? 89  LEU A CD2 1 
ATOM   714  N N   . SER A 1 90  ? -14.654 2.446   -5.784  1.00 29.50 ? 90  SER A N   1 
ATOM   715  C CA  . SER A 1 90  ? -14.566 1.956   -7.191  1.00 27.31 ? 90  SER A CA  1 
ATOM   716  C C   . SER A 1 90  ? -14.707 0.492   -7.413  1.00 32.90 ? 90  SER A C   1 
ATOM   717  O O   . SER A 1 90  ? -14.471 -0.340  -6.506  1.00 26.62 ? 90  SER A O   1 
ATOM   718  C CB  . SER A 1 90  ? -13.293 2.384   -7.958  1.00 28.55 ? 90  SER A CB  1 
ATOM   719  O OG  . SER A 1 90  ? -13.146 3.774   -7.954  1.00 34.35 ? 90  SER A OG  1 
ATOM   720  N N   . ARG A 1 91  ? -15.090 0.107   -8.612  1.00 27.94 ? 91  ARG A N   1 
ATOM   721  C CA  . ARG A 1 91  ? -15.406 -1.277  -8.925  1.00 26.66 ? 91  ARG A CA  1 
ATOM   722  C C   . ARG A 1 91  ? -14.258 -2.076  -9.578  1.00 26.07 ? 91  ARG A C   1 
ATOM   723  O O   . ARG A 1 91  ? -14.387 -3.240  -9.883  1.00 29.82 ? 91  ARG A O   1 
ATOM   724  C CB  . ARG A 1 91  ? -16.671 -1.300  -9.837  1.00 28.71 ? 91  ARG A CB  1 
ATOM   725  C CG  . ARG A 1 91  ? -17.938 -0.898  -9.046  1.00 29.58 ? 91  ARG A CG  1 
ATOM   726  C CD  . ARG A 1 91  ? -19.260 -0.937  -9.856  1.00 33.18 ? 91  ARG A CD  1 
ATOM   727  N NE  . ARG A 1 91  ? -19.424 -2.258  -10.486 1.00 34.42 ? 91  ARG A NE  1 
ATOM   728  C CZ  . ARG A 1 91  ? -19.925 -3.340  -9.862  1.00 37.21 ? 91  ARG A CZ  1 
ATOM   729  N NH1 . ARG A 1 91  ? -20.302 -3.268  -8.594  1.00 40.15 ? 91  ARG A NH1 1 
ATOM   730  N NH2 . ARG A 1 91  ? -20.022 -4.494  -10.503 1.00 40.03 ? 91  ARG A NH2 1 
ATOM   731  N N   . SER A 1 92  ? -13.177 -1.396  -9.944  1.00 30.31 ? 92  SER A N   1 
ATOM   732  C CA  . SER A 1 92  ? -11.971 -2.032  -10.497 1.00 30.24 ? 92  SER A CA  1 
ATOM   733  C C   . SER A 1 92  ? -10.812 -1.117  -10.293 1.00 28.36 ? 92  SER A C   1 
ATOM   734  O O   . SER A 1 92  ? -10.978 0.070   -9.943  1.00 29.31 ? 92  SER A O   1 
ATOM   735  C CB  . SER A 1 92  ? -12.074 -2.486  -11.971 1.00 30.24 ? 92  SER A CB  1 
ATOM   736  O OG  . SER A 1 92  ? -12.098 -1.314  -12.787 1.00 35.19 ? 92  SER A OG  1 
ATOM   737  N N   . LEU A 1 93  ? -9.608  -1.726  -10.412 1.00 30.83 ? 93  LEU A N   1 
ATOM   738  C CA  . LEU A 1 93  ? -8.385  -0.950  -10.288 1.00 31.64 ? 93  LEU A CA  1 
ATOM   739  C C   . LEU A 1 93  ? -8.307  0.089   -11.456 1.00 27.19 ? 93  LEU A C   1 
ATOM   740  O O   . LEU A 1 93  ? -8.070  1.250   -11.167 1.00 31.57 ? 93  LEU A O   1 
ATOM   741  C CB  . LEU A 1 93  ? -7.130  -1.813  -10.211 1.00 28.82 ? 93  LEU A CB  1 
ATOM   742  C CG  . LEU A 1 93  ? -5.798  -1.025  -10.273 1.00 26.13 ? 93  LEU A CG  1 
ATOM   743  C CD1 . LEU A 1 93  ? -5.677  -0.069  -9.118  1.00 25.54 ? 93  LEU A CD1 1 
ATOM   744  C CD2 . LEU A 1 93  ? -4.698  -2.113  -10.200 1.00 26.52 ? 93  LEU A CD2 1 
ATOM   745  N N   . ASP A 1 94  ? -8.630  -0.346  -12.667 1.00 33.28 ? 94  ASP A N   1 
ATOM   746  C CA  . ASP A 1 94  ? -8.752  0.557   -13.802 1.00 34.85 ? 94  ASP A CA  1 
ATOM   747  C C   . ASP A 1 94  ? -9.672  1.730   -13.500 1.00 35.32 ? 94  ASP A C   1 
ATOM   748  O O   . ASP A 1 94  ? -9.283  2.868   -13.728 1.00 40.88 ? 94  ASP A O   1 
ATOM   749  C CB  . ASP A 1 94  ? -9.178  -0.223  -15.031 1.00 40.37 ? 94  ASP A CB  1 
ATOM   750  C CG  . ASP A 1 94  ? -7.999  -1.018  -15.614 1.00 50.28 ? 94  ASP A CG  1 
ATOM   751  O OD1 . ASP A 1 94  ? -6.841  -0.570  -15.404 1.00 51.22 ? 94  ASP A OD1 1 
ATOM   752  O OD2 . ASP A 1 94  ? -8.218  -2.102  -16.212 1.00 62.35 ? 94  ASP A OD2 1 
ATOM   753  N N   . ASP A 1 95  ? -10.832 1.465   -12.900 1.00 36.34 ? 95  ASP A N   1 
ATOM   754  C CA  . ASP A 1 95  ? -11.785 2.517   -12.653 1.00 32.86 ? 95  ASP A CA  1 
ATOM   755  C C   . ASP A 1 95  ? -11.231 3.477   -11.660 1.00 31.95 ? 95  ASP A C   1 
ATOM   756  O O   . ASP A 1 95  ? -11.405 4.697   -11.780 1.00 39.73 ? 95  ASP A O   1 
ATOM   757  C CB  . ASP A 1 95  ? -13.137 1.962   -12.191 1.00 33.40 ? 95  ASP A CB  1 
ATOM   758  C CG  . ASP A 1 95  ? -13.914 1.230   -13.312 1.00 38.85 ? 95  ASP A CG  1 
ATOM   759  O OD1 . ASP A 1 95  ? -13.450 1.125   -14.459 1.00 41.04 ? 95  ASP A OD1 1 
ATOM   760  O OD2 . ASP A 1 95  ? -14.989 0.717   -13.016 1.00 35.94 ? 95  ASP A OD2 1 
ATOM   761  N N   . ALA A 1 96  ? -10.568 2.986   -10.594 1.00 27.26 ? 96  ALA A N   1 
ATOM   762  C CA  . ALA A 1 96  ? -10.025 3.903   -9.646  1.00 29.61 ? 96  ALA A CA  1 
ATOM   763  C C   . ALA A 1 96  ? -9.002  4.761   -10.320 1.00 26.72 ? 96  ALA A C   1 
ATOM   764  O O   . ALA A 1 96  ? -8.939  5.907   -9.955  1.00 31.05 ? 96  ALA A O   1 
ATOM   765  C CB  . ALA A 1 96  ? -9.329  3.213   -8.476  1.00 29.08 ? 96  ALA A CB  1 
ATOM   766  N N   . LEU A 1 97  ? -8.167  4.196   -11.182 1.00 32.52 ? 97  LEU A N   1 
ATOM   767  C CA  . LEU A 1 97  ? -7.038  4.953   -11.768 1.00 38.19 ? 97  LEU A CA  1 
ATOM   768  C C   . LEU A 1 97  ? -7.576  5.966   -12.784 1.00 39.48 ? 97  LEU A C   1 
ATOM   769  O O   . LEU A 1 97  ? -7.228  7.165   -12.720 1.00 46.59 ? 97  LEU A O   1 
ATOM   770  C CB  . LEU A 1 97  ? -6.022  4.014   -12.412 1.00 35.50 ? 97  LEU A CB  1 
ATOM   771  C CG  . LEU A 1 97  ? -5.258  3.095   -11.455 1.00 36.16 ? 97  LEU A CG  1 
ATOM   772  C CD1 . LEU A 1 97  ? -4.361  2.139   -12.231 1.00 41.67 ? 97  LEU A CD1 1 
ATOM   773  C CD2 . LEU A 1 97  ? -4.471  3.930   -10.459 1.00 39.94 ? 97  LEU A CD2 1 
ATOM   774  N N   . LYS A 1 98  ? -8.469  5.474   -13.647 1.00 50.30 ? 98  LYS A N   1 
ATOM   775  C CA  . LYS A 1 98  ? -9.233  6.274   -14.621 1.00 51.87 ? 98  LYS A CA  1 
ATOM   776  C C   . LYS A 1 98  ? -9.976  7.402   -13.902 1.00 51.83 ? 98  LYS A C   1 
ATOM   777  O O   . LYS A 1 98  ? -10.083 8.500   -14.442 1.00 53.62 ? 98  LYS A O   1 
ATOM   778  C CB  . LYS A 1 98  ? -10.201 5.367   -15.400 1.00 53.17 ? 98  LYS A CB  1 
ATOM   779  C CG  . LYS A 1 98  ? -11.044 6.013   -16.478 1.00 55.66 ? 98  LYS A CG  1 
ATOM   780  C CD  . LYS A 1 98  ? -12.515 5.679   -16.245 1.00 59.90 ? 98  LYS A CD  1 
ATOM   781  C CE  . LYS A 1 98  ? -12.949 4.328   -16.817 1.00 68.57 ? 98  LYS A CE  1 
ATOM   782  N NZ  . LYS A 1 98  ? -12.147 3.157   -16.343 1.00 69.17 ? 98  LYS A NZ  1 
ATOM   783  N N   . LEU A 1 99  ? -10.432 7.137   -12.671 1.00 53.29 ? 99  LEU A N   1 
ATOM   784  C CA  . LEU A 1 99  ? -11.089 8.124   -11.785 1.00 46.50 ? 99  LEU A CA  1 
ATOM   785  C C   . LEU A 1 99  ? -10.143 9.237   -11.348 1.00 54.81 ? 99  LEU A C   1 
ATOM   786  O O   . LEU A 1 99  ? -10.580 10.356  -11.040 1.00 55.58 ? 99  LEU A O   1 
ATOM   787  C CB  . LEU A 1 99  ? -11.684 7.425   -10.544 1.00 49.85 ? 99  LEU A CB  1 
ATOM   788  C CG  . LEU A 1 99  ? -12.634 8.029   -9.499  1.00 45.33 ? 99  LEU A CG  1 
ATOM   789  C CD1 . LEU A 1 99  ? -13.393 6.960   -8.736  1.00 42.69 ? 99  LEU A CD1 1 
ATOM   790  C CD2 . LEU A 1 99  ? -11.969 8.895   -8.454  1.00 51.13 ? 99  LEU A CD2 1 
ATOM   791  N N   . THR A 1 100 ? -8.845  8.930   -11.311 1.00 55.88 ? 100 THR A N   1 
ATOM   792  C CA  . THR A 1 100 ? -7.824  9.951   -11.026 1.00 61.59 ? 100 THR A CA  1 
ATOM   793  C C   . THR A 1 100 ? -7.579  10.866  -12.250 1.00 59.70 ? 100 THR A C   1 
ATOM   794  O O   . THR A 1 100 ? -6.945  11.916  -12.137 1.00 68.14 ? 100 THR A O   1 
ATOM   795  C CB  . THR A 1 100 ? -6.501  9.340   -10.462 1.00 63.28 ? 100 THR A CB  1 
ATOM   796  O OG1 . THR A 1 100 ? -6.787  8.186   -9.655  1.00 63.71 ? 100 THR A OG1 1 
ATOM   797  C CG2 . THR A 1 100 ? -5.827  10.328  -9.558  1.00 62.24 ? 100 THR A CG2 1 
ATOM   798  N N   . GLU A 1 101 ? -8.112  10.468  -13.404 1.00 66.50 ? 101 GLU A N   1 
ATOM   799  C CA  . GLU A 1 101 ? -8.072  11.293  -14.619 1.00 70.03 ? 101 GLU A CA  1 
ATOM   800  C C   . GLU A 1 101 ? -9.226  12.311  -14.692 1.00 72.21 ? 101 GLU A C   1 
ATOM   801  O O   . GLU A 1 101 ? -9.167  13.230  -15.494 1.00 71.20 ? 101 GLU A O   1 
ATOM   802  C CB  . GLU A 1 101 ? -8.058  10.424  -15.908 1.00 71.64 ? 101 GLU A CB  1 
ATOM   803  C CG  . GLU A 1 101 ? -6.954  9.369   -16.020 1.00 71.71 ? 101 GLU A CG  1 
ATOM   804  C CD  . GLU A 1 101 ? -5.544  9.950   -15.925 1.00 78.18 ? 101 GLU A CD  1 
ATOM   805  O OE1 . GLU A 1 101 ? -4.659  9.487   -16.689 1.00 73.31 ? 101 GLU A OE1 1 
ATOM   806  O OE2 . GLU A 1 101 ? -5.311  10.865  -15.087 1.00 81.30 ? 101 GLU A OE2 1 
ATOM   807  N N   . GLN A 1 102 ? -10.276 12.138  -13.887 1.00 67.24 ? 102 GLN A N   1 
ATOM   808  C CA  . GLN A 1 102 ? -11.370 13.121  -13.829 1.00 63.54 ? 102 GLN A CA  1 
ATOM   809  C C   . GLN A 1 102 ? -10.819 14.467  -13.362 1.00 64.70 ? 102 GLN A C   1 
ATOM   810  O O   . GLN A 1 102 ? -9.884  14.493  -12.561 1.00 62.41 ? 102 GLN A O   1 
ATOM   811  C CB  . GLN A 1 102 ? -12.499 12.687  -12.886 1.00 68.52 ? 102 GLN A CB  1 
ATOM   812  C CG  . GLN A 1 102 ? -13.089 11.300  -13.121 1.00 72.80 ? 102 GLN A CG  1 
ATOM   813  C CD  . GLN A 1 102 ? -13.478 11.042  -14.562 1.00 75.34 ? 102 GLN A CD  1 
ATOM   814  O OE1 . GLN A 1 102 ? -14.113 11.887  -15.211 1.00 77.39 ? 102 GLN A OE1 1 
ATOM   815  N NE2 . GLN A 1 102 ? -13.115 9.862   -15.072 1.00 66.44 ? 102 GLN A NE2 1 
ATOM   816  N N   . PRO A 1 103 ? -11.394 15.587  -13.869 1.00 60.05 ? 103 PRO A N   1 
ATOM   817  C CA  . PRO A 1 103 ? -10.902 16.967  -13.612 1.00 63.36 ? 103 PRO A CA  1 
ATOM   818  C C   . PRO A 1 103 ? -10.771 17.271  -12.116 1.00 63.71 ? 103 PRO A C   1 
ATOM   819  O O   . PRO A 1 103 ? -9.714  17.736  -11.647 1.00 66.96 ? 103 PRO A O   1 
ATOM   820  C CB  . PRO A 1 103 ? -11.986 17.861  -14.249 1.00 58.22 ? 103 PRO A CB  1 
ATOM   821  C CG  . PRO A 1 103 ? -13.154 16.948  -14.563 1.00 60.06 ? 103 PRO A CG  1 
ATOM   822  C CD  . PRO A 1 103 ? -12.560 15.582  -14.772 1.00 53.80 ? 103 PRO A CD  1 
ATOM   823  N N   . GLU A 1 104 ? -11.862 17.004  -11.401 1.00 56.14 ? 104 GLU A N   1 
ATOM   824  C CA  . GLU A 1 104 ? -11.936 16.983  -9.944  1.00 69.88 ? 104 GLU A CA  1 
ATOM   825  C C   . GLU A 1 104 ? -10.661 16.416  -9.247  1.00 71.64 ? 104 GLU A C   1 
ATOM   826  O O   . GLU A 1 104 ? -9.967  17.133  -8.502  1.00 76.43 ? 104 GLU A O   1 
ATOM   827  C CB  . GLU A 1 104 ? -13.196 16.184  -9.548  1.00 66.96 ? 104 GLU A CB  1 
ATOM   828  C CG  . GLU A 1 104 ? -13.769 15.353  -10.703 1.00 68.76 ? 104 GLU A CG  1 
ATOM   829  C CD  . GLU A 1 104 ? -14.376 14.017  -10.279 1.00 73.24 ? 104 GLU A CD  1 
ATOM   830  O OE1 . GLU A 1 104 ? -14.894 13.288  -11.163 1.00 66.62 ? 104 GLU A OE1 1 
ATOM   831  O OE2 . GLU A 1 104 ? -14.342 13.684  -9.072  1.00 76.27 ? 104 GLU A OE2 1 
ATOM   832  N N   . LEU A 1 105 ? -10.354 15.146  -9.524  1.00 69.15 ? 105 LEU A N   1 
ATOM   833  C CA  . LEU A 1 105 ? -9.239  14.427  -8.889  1.00 62.78 ? 105 LEU A CA  1 
ATOM   834  C C   . LEU A 1 105 ? -7.866  14.819  -9.436  1.00 60.48 ? 105 LEU A C   1 
ATOM   835  O O   . LEU A 1 105 ? -6.930  15.101  -8.673  1.00 55.59 ? 105 LEU A O   1 
ATOM   836  C CB  . LEU A 1 105 ? -9.442  12.908  -9.032  1.00 61.38 ? 105 LEU A CB  1 
ATOM   837  C CG  . LEU A 1 105 ? -10.463 12.237  -8.098  1.00 61.01 ? 105 LEU A CG  1 
ATOM   838  C CD1 . LEU A 1 105 ? -10.051 10.783  -7.899  1.00 52.44 ? 105 LEU A CD1 1 
ATOM   839  C CD2 . LEU A 1 105 ? -10.578 12.934  -6.741  1.00 56.55 ? 105 LEU A CD2 1 
ATOM   840  N N   . ALA A 1 106 ? -7.769  14.850  -10.766 1.00 65.98 ? 106 ALA A N   1 
ATOM   841  C CA  . ALA A 1 106 ? -6.477  14.986  -11.455 1.00 65.09 ? 106 ALA A CA  1 
ATOM   842  C C   . ALA A 1 106 ? -5.570  16.030  -10.821 1.00 57.93 ? 106 ALA A C   1 
ATOM   843  O O   . ALA A 1 106 ? -4.399  15.742  -10.527 1.00 66.35 ? 106 ALA A O   1 
ATOM   844  C CB  . ALA A 1 106 ? -6.659  15.224  -12.958 1.00 61.16 ? 106 ALA A CB  1 
ATOM   845  N N   . ASN A 1 107 ? -6.104  17.222  -10.566 1.00 48.54 ? 107 ASN A N   1 
ATOM   846  C CA  . ASN A 1 107 ? -5.232  18.287  -10.064 1.00 51.83 ? 107 ASN A CA  1 
ATOM   847  C C   . ASN A 1 107 ? -5.152  18.372  -8.525  1.00 41.08 ? 107 ASN A C   1 
ATOM   848  O O   . ASN A 1 107 ? -4.508  19.261  -7.989  1.00 51.83 ? 107 ASN A O   1 
ATOM   849  C CB  . ASN A 1 107 ? -5.527  19.636  -10.760 1.00 54.19 ? 107 ASN A CB  1 
ATOM   850  C CG  . ASN A 1 107 ? -6.992  20.057  -10.651 1.00 64.21 ? 107 ASN A CG  1 
ATOM   851  O OD1 . ASN A 1 107 ? -7.905  19.223  -10.490 1.00 67.90 ? 107 ASN A OD1 1 
ATOM   852  N ND2 . ASN A 1 107 ? -7.225  21.374  -10.730 1.00 64.98 ? 107 ASN A ND2 1 
ATOM   853  N N   . LYS A 1 108 ? -5.780  17.434  -7.810  1.00 47.78 ? 108 LYS A N   1 
ATOM   854  C CA  . LYS A 1 108 ? -5.660  17.399  -6.337  1.00 46.06 ? 108 LYS A CA  1 
ATOM   855  C C   . LYS A 1 108 ? -4.708  16.267  -5.833  1.00 39.50 ? 108 LYS A C   1 
ATOM   856  O O   . LYS A 1 108 ? -4.038  16.437  -4.798  1.00 38.22 ? 108 LYS A O   1 
ATOM   857  C CB  . LYS A 1 108 ? -7.047  17.298  -5.679  1.00 53.40 ? 108 LYS A CB  1 
ATOM   858  C CG  . LYS A 1 108 ? -7.948  18.536  -5.866  1.00 53.21 ? 108 LYS A CG  1 
ATOM   859  C CD  . LYS A 1 108 ? -9.243  18.358  -5.052  1.00 60.42 ? 108 LYS A CD  1 
ATOM   860  C CE  . LYS A 1 108 ? -9.921  19.663  -4.633  1.00 57.46 ? 108 LYS A CE  1 
ATOM   861  N NZ  . LYS A 1 108 ? -11.285 19.823  -5.229  1.00 60.87 ? 108 LYS A NZ  1 
ATOM   862  N N   . VAL A 1 109 ? -4.625  15.205  -6.629  1.00 35.90 ? 109 VAL A N   1 
ATOM   863  C CA  . VAL A 1 109 ? -3.828  13.985  -6.241  1.00 38.25 ? 109 VAL A CA  1 
ATOM   864  C C   . VAL A 1 109 ? -2.325  14.063  -6.678  1.00 34.09 ? 109 VAL A C   1 
ATOM   865  O O   . VAL A 1 109 ? -2.095  14.323  -7.888  1.00 35.42 ? 109 VAL A O   1 
ATOM   866  C CB  . VAL A 1 109 ? -4.468  12.712  -6.814  1.00 40.96 ? 109 VAL A CB  1 
ATOM   867  C CG1 . VAL A 1 109 ? -3.665  11.505  -6.331  1.00 39.94 ? 109 VAL A CG1 1 
ATOM   868  C CG2 . VAL A 1 109 ? -5.960  12.583  -6.401  1.00 45.18 ? 109 VAL A CG2 1 
ATOM   869  N N   . ASP A 1 110 ? -1.374  14.049  -5.721  1.00 31.39 ? 110 ASP A N   1 
ATOM   870  C CA  . ASP A 1 110 ? 0.067   13.645  -6.042  1.00 29.66 ? 110 ASP A CA  1 
ATOM   871  C C   . ASP A 1 110 ? 0.299   12.073  -6.296  1.00 27.88 ? 110 ASP A C   1 
ATOM   872  O O   . ASP A 1 110 ? -0.005  11.589  -7.353  1.00 26.46 ? 110 ASP A O   1 
ATOM   873  C CB  . ASP A 1 110 ? 1.084   14.253  -5.081  1.00 32.44 ? 110 ASP A CB  1 
ATOM   874  C CG  . ASP A 1 110 ? 2.498   13.965  -5.498  1.00 31.27 ? 110 ASP A CG  1 
ATOM   875  O OD1 . ASP A 1 110 ? 2.616   13.742  -6.729  1.00 33.31 ? 110 ASP A OD1 1 
ATOM   876  O OD2 . ASP A 1 110 ? 3.435   13.857  -4.675  1.00 32.20 ? 110 ASP A OD2 1 
ATOM   877  N N   . MET A 1 111 ? 0.736   11.347  -5.252  1.00 26.45 ? 111 MET A N   1 
ATOM   878  C CA  . MET A 1 111 ? 1.032   9.889   -5.403  1.00 26.98 ? 111 MET A CA  1 
ATOM   879  C C   . MET A 1 111 ? -0.189  9.044   -5.175  1.00 24.99 ? 111 MET A C   1 
ATOM   880  O O   . MET A 1 111 ? -1.120  9.461   -4.394  1.00 24.94 ? 111 MET A O   1 
ATOM   881  C CB  . MET A 1 111 ? 2.075   9.538   -4.409  1.00 28.97 ? 111 MET A CB  1 
ATOM   882  C CG  . MET A 1 111 ? 3.320   10.435  -4.375  1.00 28.86 ? 111 MET A CG  1 
ATOM   883  S SD  . MET A 1 111 ? 4.481   9.883   -3.142  1.00 32.08 ? 111 MET A SD  1 
ATOM   884  C CE  . MET A 1 111 ? 5.617   11.293  -2.932  1.00 34.64 ? 111 MET A CE  1 
ATOM   885  N N   . VAL A 1 112 ? -0.292  7.980   -5.945  1.00 22.47 ? 112 VAL A N   1 
ATOM   886  C CA  . VAL A 1 112 ? -1.330  6.969   -5.745  1.00 21.41 ? 112 VAL A CA  1 
ATOM   887  C C   . VAL A 1 112 ? -0.621  5.848   -4.988  1.00 25.90 ? 112 VAL A C   1 
ATOM   888  O O   . VAL A 1 112 ? 0.343   5.280   -5.524  1.00 20.64 ? 112 VAL A O   1 
ATOM   889  C CB  . VAL A 1 112 ? -1.967  6.461   -6.956  1.00 24.77 ? 112 VAL A CB  1 
ATOM   890  C CG1 . VAL A 1 112 ? -2.982  5.374   -6.623  1.00 27.02 ? 112 VAL A CG1 1 
ATOM   891  C CG2 . VAL A 1 112 ? -2.721  7.625   -7.635  1.00 26.91 ? 112 VAL A CG2 1 
ATOM   892  N N   . TRP A 1 113 ? -1.152  5.468   -3.824  1.00 25.89 ? 113 TRP A N   1 
ATOM   893  C CA  . TRP A 1 113 ? -0.567  4.325   -3.055  1.00 20.13 ? 113 TRP A CA  1 
ATOM   894  C C   . TRP A 1 113 ? -1.510  3.148   -2.989  1.00 19.63 ? 113 TRP A C   1 
ATOM   895  O O   . TRP A 1 113 ? -2.646  3.317   -2.451  1.00 21.63 ? 113 TRP A O   1 
ATOM   896  C CB  . TRP A 1 113 ? -0.229  4.663   -1.663  1.00 18.85 ? 113 TRP A CB  1 
ATOM   897  C CG  . TRP A 1 113 ? 0.919   5.637   -1.556  1.00 19.58 ? 113 TRP A CG  1 
ATOM   898  C CD1 . TRP A 1 113 ? 0.906   7.017   -1.604  1.00 23.24 ? 113 TRP A CD1 1 
ATOM   899  C CD2 . TRP A 1 113 ? 2.320   5.246   -1.453  1.00 20.01 ? 113 TRP A CD2 1 
ATOM   900  N NE1 . TRP A 1 113 ? 2.165   7.500   -1.530  1.00 23.47 ? 113 TRP A NE1 1 
ATOM   901  C CE2 . TRP A 1 113 ? 3.090   6.458   -1.330  1.00 21.99 ? 113 TRP A CE2 1 
ATOM   902  C CE3 . TRP A 1 113 ? 2.982   4.044   -1.310  1.00 21.16 ? 113 TRP A CE3 1 
ATOM   903  C CZ2 . TRP A 1 113 ? 4.497   6.455   -1.272  1.00 23.88 ? 113 TRP A CZ2 1 
ATOM   904  C CZ3 . TRP A 1 113 ? 4.342   4.037   -1.190  1.00 22.43 ? 113 TRP A CZ3 1 
ATOM   905  C CH2 . TRP A 1 113 ? 5.111   5.236   -1.113  1.00 21.48 ? 113 TRP A CH2 1 
ATOM   906  N N   . ILE A 1 114 ? -1.190  1.992   -3.516  1.00 20.48 ? 114 ILE A N   1 
ATOM   907  C CA  . ILE A 1 114 ? -1.995  0.733   -3.337  1.00 18.61 ? 114 ILE A CA  1 
ATOM   908  C C   . ILE A 1 114 ? -1.506  0.089   -2.031  1.00 19.71 ? 114 ILE A C   1 
ATOM   909  O O   . ILE A 1 114 ? -0.339  -0.232  -1.866  1.00 20.60 ? 114 ILE A O   1 
ATOM   910  C CB  . ILE A 1 114 ? -1.893  -0.141  -4.544  1.00 21.83 ? 114 ILE A CB  1 
ATOM   911  C CG1 . ILE A 1 114 ? -2.512  0.585   -5.781  1.00 25.63 ? 114 ILE A CG1 1 
ATOM   912  C CG2 . ILE A 1 114 ? -2.394  -1.604  -4.327  1.00 23.34 ? 114 ILE A CG2 1 
ATOM   913  C CD1 . ILE A 1 114 ? -1.965  -0.070  -7.037  1.00 26.96 ? 114 ILE A CD1 1 
ATOM   914  N N   . VAL A 1 115 ? -2.452  -0.036  -1.107  1.00 19.73 ? 115 VAL A N   1 
ATOM   915  C CA  . VAL A 1 115 ? -2.039  -0.425  0.227   1.00 21.35 ? 115 VAL A CA  1 
ATOM   916  C C   . VAL A 1 115 ? -2.643  -1.773  0.635   1.00 21.74 ? 115 VAL A C   1 
ATOM   917  O O   . VAL A 1 115 ? -2.535  -2.122  1.798   1.00 23.16 ? 115 VAL A O   1 
ATOM   918  C CB  . VAL A 1 115 ? -2.491  0.625   1.261   1.00 21.30 ? 115 VAL A CB  1 
ATOM   919  C CG1 . VAL A 1 115 ? -1.891  2.001   0.869   1.00 21.91 ? 115 VAL A CG1 1 
ATOM   920  C CG2 . VAL A 1 115 ? -4.027  0.755   1.514   1.00 20.43 ? 115 VAL A CG2 1 
ATOM   921  N N   . GLY A 1 116 ? -3.088  -2.513  -0.359  1.00 19.99 ? 116 GLY A N   1 
ATOM   922  C CA  . GLY A 1 116 ? -3.538  -3.937  -0.231  1.00 23.54 ? 116 GLY A CA  1 
ATOM   923  C C   . GLY A 1 116 ? -4.997  -4.151  -0.507  1.00 22.42 ? 116 GLY A C   1 
ATOM   924  O O   . GLY A 1 116 ? -5.690  -3.165  -0.719  1.00 21.73 ? 116 GLY A O   1 
ATOM   925  N N   . GLY A 1 117 ? -5.389  -5.406  -0.717  1.00 19.94 ? 117 GLY A N   1 
ATOM   926  C CA  . GLY A 1 117 ? -4.643  -6.686  -0.388  1.00 19.76 ? 117 GLY A CA  1 
ATOM   927  C C   . GLY A 1 117 ? -4.180  -7.384  -1.627  1.00 20.66 ? 117 GLY A C   1 
ATOM   928  O O   . GLY A 1 117 ? -3.815  -6.703  -2.602  1.00 20.43 ? 117 GLY A O   1 
ATOM   929  N N   . SER A 1 118 ? -4.190  -8.709  -1.580  1.00 21.67 ? 118 SER A N   1 
ATOM   930  C CA  . SER A 1 118 ? -3.368  -9.461  -2.503  1.00 22.25 ? 118 SER A CA  1 
ATOM   931  C C   . SER A 1 118 ? -3.775  -9.242  -3.944  1.00 25.00 ? 118 SER A C   1 
ATOM   932  O O   . SER A 1 118 ? -2.900  -9.015  -4.792  1.00 23.35 ? 118 SER A O   1 
ATOM   933  C CB  . SER A 1 118 ? -3.459  -10.930 -2.222  1.00 25.48 ? 118 SER A CB  1 
ATOM   934  O OG  . SER A 1 118 ? -3.278  -11.152 -0.860  1.00 35.06 ? 118 SER A OG  1 
ATOM   935  N N   . SER A 1 119 ? -5.066  -9.291  -4.269  1.00 24.91 ? 119 SER A N   1 
ATOM   936  C CA  . SER A 1 119 ? -5.452  -9.127  -5.637  1.00 26.71 ? 119 SER A CA  1 
ATOM   937  C C   . SER A 1 119 ? -5.151  -7.775  -6.280  1.00 26.97 ? 119 SER A C   1 
ATOM   938  O O   . SER A 1 119 ? -4.798  -7.742  -7.483  1.00 27.73 ? 119 SER A O   1 
ATOM   939  C CB  . SER A 1 119 ? -6.916  -9.517  -5.764  1.00 31.19 ? 119 SER A CB  1 
ATOM   940  O OG  . SER A 1 119 ? -7.675  -8.460  -5.223  1.00 40.74 ? 119 SER A OG  1 
ATOM   941  N N   . VAL A 1 120 ? -5.315  -6.691  -5.515  1.00 24.05 ? 120 VAL A N   1 
ATOM   942  C CA  . VAL A 1 120 ? -4.988  -5.340  -6.016  1.00 27.01 ? 120 VAL A CA  1 
ATOM   943  C C   . VAL A 1 120 ? -3.473  -5.248  -6.210  1.00 23.18 ? 120 VAL A C   1 
ATOM   944  O O   . VAL A 1 120 ? -2.988  -4.783  -7.285  1.00 22.95 ? 120 VAL A O   1 
ATOM   945  C CB  . VAL A 1 120 ? -5.440  -4.194  -5.116  1.00 27.11 ? 120 VAL A CB  1 
ATOM   946  C CG1 . VAL A 1 120 ? -5.625  -2.933  -6.009  1.00 30.22 ? 120 VAL A CG1 1 
ATOM   947  C CG2 . VAL A 1 120 ? -6.697  -4.542  -4.281  1.00 34.98 ? 120 VAL A CG2 1 
ATOM   948  N N   . TYR A 1 121 ? -2.704  -5.826  -5.265  1.00 22.46 ? 121 TYR A N   1 
ATOM   949  C CA  . TYR A 1 121 ? -1.257  -5.798  -5.572  1.00 20.12 ? 121 TYR A CA  1 
ATOM   950  C C   . TYR A 1 121 ? -0.853  -6.574  -6.801  1.00 21.25 ? 121 TYR A C   1 
ATOM   951  O O   . TYR A 1 121 ? -0.041  -6.177  -7.604  1.00 23.43 ? 121 TYR A O   1 
ATOM   952  C CB  . TYR A 1 121 ? -0.482  -6.421  -4.409  1.00 20.42 ? 121 TYR A CB  1 
ATOM   953  C CG  . TYR A 1 121 ? -0.441  -5.720  -3.089  1.00 19.27 ? 121 TYR A CG  1 
ATOM   954  C CD1 . TYR A 1 121 ? -0.052  -4.373  -2.948  1.00 20.03 ? 121 TYR A CD1 1 
ATOM   955  C CD2 . TYR A 1 121 ? -0.724  -6.488  -1.901  1.00 20.56 ? 121 TYR A CD2 1 
ATOM   956  C CE1 . TYR A 1 121 ? 0.041   -3.751  -1.715  1.00 20.01 ? 121 TYR A CE1 1 
ATOM   957  C CE2 . TYR A 1 121 ? -0.679  -5.878  -0.697  1.00 19.37 ? 121 TYR A CE2 1 
ATOM   958  C CZ  . TYR A 1 121 ? -0.221  -4.532  -0.587  1.00 18.61 ? 121 TYR A CZ  1 
ATOM   959  O OH  . TYR A 1 121 ? -0.104  -3.947  0.630   1.00 19.36 ? 121 TYR A OH  1 
ATOM   960  N N   . LYS A 1 122 ? -1.406  -7.777  -6.966  1.00 23.14 ? 122 LYS A N   1 
ATOM   961  C CA  . LYS A 1 122 ? -1.060  -8.630  -8.138  1.00 24.35 ? 122 LYS A CA  1 
ATOM   962  C C   . LYS A 1 122 ? -1.367  -7.921  -9.475  1.00 25.54 ? 122 LYS A C   1 
ATOM   963  O O   . LYS A 1 122 ? -0.552  -7.942  -10.371 1.00 24.99 ? 122 LYS A O   1 
ATOM   964  C CB  . LYS A 1 122 ? -1.839  -9.955  -8.036  1.00 28.43 ? 122 LYS A CB  1 
ATOM   965  C CG  . LYS A 1 122 ? -1.514  -10.863 -9.174  1.00 32.73 ? 122 LYS A CG  1 
ATOM   966  C CD  . LYS A 1 122 ? -1.988  -12.303 -8.951  1.00 35.52 ? 122 LYS A CD  1 
ATOM   967  C CE  . LYS A 1 122 ? -1.443  -13.189 -10.037 1.00 43.93 ? 122 LYS A CE  1 
ATOM   968  N NZ  . LYS A 1 122 ? -1.622  -14.591 -9.576  1.00 48.04 ? 122 LYS A NZ  1 
ATOM   969  N N   . GLU A 1 123 ? -2.522  -7.291  -9.562  1.00 24.77 ? 123 GLU A N   1 
ATOM   970  C CA  . GLU A 1 123 ? -2.910  -6.628  -10.804 1.00 24.28 ? 123 GLU A CA  1 
ATOM   971  C C   . GLU A 1 123 ? -2.002  -5.482  -11.082 1.00 24.74 ? 123 GLU A C   1 
ATOM   972  O O   . GLU A 1 123 ? -1.533  -5.366  -12.174 1.00 25.37 ? 123 GLU A O   1 
ATOM   973  C CB  . GLU A 1 123 ? -4.342  -6.151  -10.696 1.00 30.22 ? 123 GLU A CB  1 
ATOM   974  C CG  . GLU A 1 123 ? -4.889  -5.600  -12.038 1.00 30.00 ? 123 GLU A CG  1 
ATOM   975  C CD  . GLU A 1 123 ? -6.289  -5.012  -11.958 1.00 31.01 ? 123 GLU A CD  1 
ATOM   976  O OE1 . GLU A 1 123 ? -7.102  -5.358  -11.069 1.00 32.48 ? 123 GLU A OE1 1 
ATOM   977  O OE2 . GLU A 1 123 ? -6.629  -4.238  -12.900 1.00 32.60 ? 123 GLU A OE2 1 
ATOM   978  N N   . ALA A 1 124 ? -1.779  -4.609  -10.088 1.00 23.54 ? 124 ALA A N   1 
ATOM   979  C CA  . ALA A 1 124 ? -0.893  -3.466  -10.318 1.00 21.84 ? 124 ALA A CA  1 
ATOM   980  C C   . ALA A 1 124 ? 0.481   -3.972  -10.735 1.00 23.79 ? 124 ALA A C   1 
ATOM   981  O O   . ALA A 1 124 ? 1.112   -3.399  -11.584 1.00 26.83 ? 124 ALA A O   1 
ATOM   982  C CB  . ALA A 1 124 ? -0.769  -2.598  -9.072  1.00 24.34 ? 124 ALA A CB  1 
ATOM   983  N N   . MET A 1 125 ? 0.993   -4.999  -10.018 1.00 23.64 ? 125 MET A N   1 
ATOM   984  C CA  . MET A 1 125 ? 2.387   -5.476  -10.207 1.00 25.11 ? 125 MET A CA  1 
ATOM   985  C C   . MET A 1 125 ? 2.659   -6.042  -11.527 1.00 28.89 ? 125 MET A C   1 
ATOM   986  O O   . MET A 1 125 ? 3.818   -6.099  -12.014 1.00 27.70 ? 125 MET A O   1 
ATOM   987  C CB  . MET A 1 125 ? 2.860   -6.448  -9.133  1.00 23.39 ? 125 MET A CB  1 
ATOM   988  C CG  . MET A 1 125 ? 3.064   -5.760  -7.799  1.00 25.46 ? 125 MET A CG  1 
ATOM   989  S SD  . MET A 1 125 ? 3.058   -6.875  -6.361  1.00 25.72 ? 125 MET A SD  1 
ATOM   990  C CE  . MET A 1 125 ? 4.594   -7.784  -6.640  1.00 24.53 ? 125 MET A CE  1 
ATOM   991  N N   . ASN A 1 126 ? 1.571   -6.456  -12.159 1.00 26.62 ? 126 ASN A N   1 
ATOM   992  C CA  . ASN A 1 126 ? 1.761   -7.195  -13.432 1.00 29.23 ? 126 ASN A CA  1 
ATOM   993  C C   . ASN A 1 126 ? 1.286   -6.349  -14.585 1.00 35.10 ? 126 ASN A C   1 
ATOM   994  O O   . ASN A 1 126 ? 1.276   -6.752  -15.736 1.00 37.51 ? 126 ASN A O   1 
ATOM   995  C CB  . ASN A 1 126 ? 1.101   -8.577  -13.317 1.00 31.21 ? 126 ASN A CB  1 
ATOM   996  C CG  . ASN A 1 126 ? 1.895   -9.511  -12.370 1.00 29.19 ? 126 ASN A CG  1 
ATOM   997  O OD1 . ASN A 1 126 ? 1.668   -9.572  -11.136 1.00 31.20 ? 126 ASN A OD1 1 
ATOM   998  N ND2 . ASN A 1 126 ? 2.901   -10.199 -12.940 1.00 34.12 ? 126 ASN A ND2 1 
ATOM   999  N N   . HIS A 1 127 ? 0.966   -5.119  -14.269 1.00 30.30 ? 127 HIS A N   1 
ATOM   1000 C CA  . HIS A 1 127 ? 0.488   -4.217  -15.302 1.00 32.50 ? 127 HIS A CA  1 
ATOM   1001 C C   . HIS A 1 127 ? 1.681   -3.494  -15.890 1.00 30.85 ? 127 HIS A C   1 
ATOM   1002 O O   . HIS A 1 127 ? 2.490   -2.968  -15.140 1.00 30.58 ? 127 HIS A O   1 
ATOM   1003 C CB  . HIS A 1 127 ? -0.484  -3.242  -14.682 1.00 33.86 ? 127 HIS A CB  1 
ATOM   1004 C CG  . HIS A 1 127 ? -1.206  -2.421  -15.687 1.00 43.95 ? 127 HIS A CG  1 
ATOM   1005 N ND1 . HIS A 1 127 ? -0.632  -1.346  -16.307 1.00 47.15 ? 127 HIS A ND1 1 
ATOM   1006 C CD2 . HIS A 1 127 ? -2.459  -2.587  -16.248 1.00 44.16 ? 127 HIS A CD2 1 
ATOM   1007 C CE1 . HIS A 1 127 ? -1.489  -0.851  -17.212 1.00 42.64 ? 127 HIS A CE1 1 
ATOM   1008 N NE2 . HIS A 1 127 ? -2.621  -1.598  -17.168 1.00 50.71 ? 127 HIS A NE2 1 
ATOM   1009 N N   . PRO A 1 128 ? 1.813   -3.360  -17.243 1.00 31.39 ? 128 PRO A N   1 
ATOM   1010 C CA  . PRO A 1 128 ? 2.966   -2.489  -17.688 1.00 28.65 ? 128 PRO A CA  1 
ATOM   1011 C C   . PRO A 1 128 ? 2.955   -1.028  -17.179 1.00 29.10 ? 128 PRO A C   1 
ATOM   1012 O O   . PRO A 1 128 ? 1.891   -0.447  -16.908 1.00 31.29 ? 128 PRO A O   1 
ATOM   1013 C CB  . PRO A 1 128 ? 2.854   -2.494  -19.214 1.00 26.61 ? 128 PRO A CB  1 
ATOM   1014 C CG  . PRO A 1 128 ? 1.997   -3.714  -19.542 1.00 32.99 ? 128 PRO A CG  1 
ATOM   1015 C CD  . PRO A 1 128 ? 1.039   -3.874  -18.407 1.00 29.92 ? 128 PRO A CD  1 
ATOM   1016 N N   . GLY A 1 129 ? 4.143   -0.474  -16.983 1.00 26.28 ? 129 GLY A N   1 
ATOM   1017 C CA  . GLY A 1 129 ? 4.334   0.890   -16.585 1.00 25.36 ? 129 GLY A CA  1 
ATOM   1018 C C   . GLY A 1 129 ? 5.354   1.017   -15.470 1.00 23.30 ? 129 GLY A C   1 
ATOM   1019 O O   . GLY A 1 129 ? 6.052   0.072   -15.138 1.00 24.94 ? 129 GLY A O   1 
ATOM   1020 N N   . HIS A 1 130 ? 5.522   2.262   -15.046 1.00 26.05 ? 130 HIS A N   1 
ATOM   1021 C CA  . HIS A 1 130 ? 6.414   2.628   -13.970 1.00 23.29 ? 130 HIS A CA  1 
ATOM   1022 C C   . HIS A 1 130 ? 5.708   2.387   -12.650 1.00 20.15 ? 130 HIS A C   1 
ATOM   1023 O O   . HIS A 1 130 ? 4.623   2.942   -12.349 1.00 24.38 ? 130 HIS A O   1 
ATOM   1024 C CB  . HIS A 1 130 ? 6.756   4.054   -14.197 1.00 24.87 ? 130 HIS A CB  1 
ATOM   1025 C CG  . HIS A 1 130 ? 7.884   4.579   -13.381 1.00 21.71 ? 130 HIS A CG  1 
ATOM   1026 N ND1 . HIS A 1 130 ? 8.675   3.888   -12.513 1.00 26.29 ? 130 HIS A ND1 1 
ATOM   1027 C CD2 . HIS A 1 130 ? 8.359   5.899   -13.376 1.00 27.22 ? 130 HIS A CD2 1 
ATOM   1028 C CE1 . HIS A 1 130 ? 9.598   4.809   -11.964 1.00 21.86 ? 130 HIS A CE1 1 
ATOM   1029 N NE2 . HIS A 1 130 ? 9.367   5.995   -12.534 1.00 29.32 ? 130 HIS A NE2 1 
ATOM   1030 N N   . LEU A 1 131 ? 6.344   1.548   -11.793 1.00 19.78 ? 131 LEU A N   1 
ATOM   1031 C CA  . LEU A 1 131 ? 5.691   1.225   -10.504 1.00 20.25 ? 131 LEU A CA  1 
ATOM   1032 C C   . LEU A 1 131 ? 6.799   0.952   -9.492  1.00 18.58 ? 131 LEU A C   1 
ATOM   1033 O O   . LEU A 1 131 ? 7.841   0.330   -9.849  1.00 20.53 ? 131 LEU A O   1 
ATOM   1034 C CB  . LEU A 1 131 ? 4.798   -0.001  -10.693 1.00 18.57 ? 131 LEU A CB  1 
ATOM   1035 C CG  . LEU A 1 131 ? 4.083   -0.559  -9.410  1.00 21.53 ? 131 LEU A CG  1 
ATOM   1036 C CD1 . LEU A 1 131 ? 2.965   0.454   -9.046  1.00 22.73 ? 131 LEU A CD1 1 
ATOM   1037 C CD2 . LEU A 1 131 ? 3.451   -1.949  -9.622  1.00 19.96 ? 131 LEU A CD2 1 
ATOM   1038 N N   . LYS A 1 132 ? 6.674   1.522   -8.304  1.00 17.72 ? 132 LYS A N   1 
ATOM   1039 C CA  . LYS A 1 132 ? 7.572   1.204   -7.229  1.00 17.63 ? 132 LYS A CA  1 
ATOM   1040 C C   . LYS A 1 132 ? 6.774   0.378   -6.286  1.00 17.43 ? 132 LYS A C   1 
ATOM   1041 O O   . LYS A 1 132 ? 5.613   0.622   -5.950  1.00 19.39 ? 132 LYS A O   1 
ATOM   1042 C CB  . LYS A 1 132 ? 8.113   2.448   -6.586  1.00 19.30 ? 132 LYS A CB  1 
ATOM   1043 C CG  . LYS A 1 132 ? 9.119   3.156   -7.473  1.00 22.16 ? 132 LYS A CG  1 
ATOM   1044 C CD  . LYS A 1 132 ? 9.839   4.211   -6.603  1.00 27.29 ? 132 LYS A CD  1 
ATOM   1045 C CE  . LYS A 1 132 ? 8.931   5.418   -6.320  1.00 27.40 ? 132 LYS A CE  1 
ATOM   1046 N NZ  . LYS A 1 132 ? 8.045   6.058   -7.353  1.00 32.42 ? 132 LYS A NZ  1 
ATOM   1047 N N   . LEU A 1 133 ? 7.531   -0.497  -5.567  1.00 18.59 ? 133 LEU A N   1 
ATOM   1048 C CA  . LEU A 1 133 ? 7.047   -1.328  -4.404  1.00 19.51 ? 133 LEU A CA  1 
ATOM   1049 C C   . LEU A 1 133 ? 7.859   -0.961  -3.162  1.00 18.02 ? 133 LEU A C   1 
ATOM   1050 O O   . LEU A 1 133 ? 9.073   -1.094  -3.174  1.00 19.16 ? 133 LEU A O   1 
ATOM   1051 C CB  . LEU A 1 133 ? 7.099   -2.882  -4.662  1.00 20.44 ? 133 LEU A CB  1 
ATOM   1052 C CG  . LEU A 1 133 ? 6.800   -3.401  -6.105  1.00 19.82 ? 133 LEU A CG  1 
ATOM   1053 C CD1 . LEU A 1 133 ? 7.122   -4.907  -6.151  1.00 21.38 ? 133 LEU A CD1 1 
ATOM   1054 C CD2 . LEU A 1 133 ? 5.302   -3.125  -6.399  1.00 21.55 ? 133 LEU A CD2 1 
ATOM   1055 N N   . PHE A 1 134 ? 7.156   -0.470  -2.189  1.00 17.64 ? 134 PHE A N   1 
ATOM   1056 C CA  . PHE A 1 134 ? 7.783   -0.251  -0.868  1.00 19.34 ? 134 PHE A CA  1 
ATOM   1057 C C   . PHE A 1 134 ? 7.442   -1.416  -0.014  1.00 18.82 ? 134 PHE A C   1 
ATOM   1058 O O   . PHE A 1 134 ? 6.281   -1.602  0.514   1.00 19.69 ? 134 PHE A O   1 
ATOM   1059 C CB  . PHE A 1 134 ? 7.205   1.074   -0.275  1.00 19.94 ? 134 PHE A CB  1 
ATOM   1060 C CG  . PHE A 1 134 ? 7.726   2.312   -1.058  1.00 16.54 ? 134 PHE A CG  1 
ATOM   1061 C CD1 . PHE A 1 134 ? 7.187   2.584   -2.297  1.00 18.04 ? 134 PHE A CD1 1 
ATOM   1062 C CD2 . PHE A 1 134 ? 8.605   3.287   -0.502  1.00 20.37 ? 134 PHE A CD2 1 
ATOM   1063 C CE1 . PHE A 1 134 ? 7.656   3.633   -3.080  1.00 21.50 ? 134 PHE A CE1 1 
ATOM   1064 C CE2 . PHE A 1 134 ? 9.094   4.319   -1.320  1.00 20.62 ? 134 PHE A CE2 1 
ATOM   1065 C CZ  . PHE A 1 134 ? 8.555   4.566   -2.538  1.00 19.92 ? 134 PHE A CZ  1 
ATOM   1066 N N   . VAL A 1 135 ? 8.442   -2.241  0.193   1.00 20.11 ? 135 VAL A N   1 
ATOM   1067 C CA  . VAL A 1 135 ? 8.258   -3.504  0.846   1.00 20.23 ? 135 VAL A CA  1 
ATOM   1068 C C   . VAL A 1 135 ? 8.956   -3.491  2.237   1.00 18.73 ? 135 VAL A C   1 
ATOM   1069 O O   . VAL A 1 135 ? 10.178  -3.304  2.256   1.00 20.72 ? 135 VAL A O   1 
ATOM   1070 C CB  . VAL A 1 135 ? 8.865   -4.579  -0.038  1.00 17.86 ? 135 VAL A CB  1 
ATOM   1071 C CG1 . VAL A 1 135 ? 8.657   -5.936  0.648   1.00 19.87 ? 135 VAL A CG1 1 
ATOM   1072 C CG2 . VAL A 1 135 ? 8.150   -4.669  -1.352  1.00 18.45 ? 135 VAL A CG2 1 
ATOM   1073 N N   . THR A 1 136 ? 8.198   -3.725  3.303   1.00 18.22 ? 136 THR A N   1 
ATOM   1074 C CA  . THR A 1 136 ? 8.922   -3.980  4.592   1.00 18.11 ? 136 THR A CA  1 
ATOM   1075 C C   . THR A 1 136 ? 9.040   -5.492  4.744   1.00 22.67 ? 136 THR A C   1 
ATOM   1076 O O   . THR A 1 136 ? 8.039   -6.244  4.700   1.00 20.22 ? 136 THR A O   1 
ATOM   1077 C CB  . THR A 1 136 ? 8.048   -3.435  5.741   1.00 19.01 ? 136 THR A CB  1 
ATOM   1078 O OG1 . THR A 1 136 ? 7.780   -2.026  5.579   1.00 21.35 ? 136 THR A OG1 1 
ATOM   1079 C CG2 . THR A 1 136 ? 8.786   -3.803  7.150   1.00 23.93 ? 136 THR A CG2 1 
ATOM   1080 N N   . ARG A 1 137 ? 10.299  -5.947  4.839   1.00 23.17 ? 137 ARG A N   1 
ATOM   1081 C CA  . ARG A 1 137 ? 10.586  -7.322  5.121   1.00 24.61 ? 137 ARG A CA  1 
ATOM   1082 C C   . ARG A 1 137 ? 10.561  -7.577  6.596   1.00 26.41 ? 137 ARG A C   1 
ATOM   1083 O O   . ARG A 1 137 ? 11.472  -7.163  7.311   1.00 27.21 ? 137 ARG A O   1 
ATOM   1084 C CB  . ARG A 1 137 ? 11.978  -7.706  4.504   1.00 24.18 ? 137 ARG A CB  1 
ATOM   1085 C CG  . ARG A 1 137 ? 12.038  -7.527  2.948   1.00 24.83 ? 137 ARG A CG  1 
ATOM   1086 C CD  . ARG A 1 137 ? 11.254  -8.607  2.164   1.00 21.96 ? 137 ARG A CD  1 
ATOM   1087 N NE  . ARG A 1 137 ? 11.422  -8.394  0.733   1.00 21.25 ? 137 ARG A NE  1 
ATOM   1088 C CZ  . ARG A 1 137 ? 10.830  -9.106  -0.197  1.00 27.01 ? 137 ARG A CZ  1 
ATOM   1089 N NH1 . ARG A 1 137 ? 9.966   -10.022 0.180   1.00 27.51 ? 137 ARG A NH1 1 
ATOM   1090 N NH2 . ARG A 1 137 ? 11.036  -8.861  -1.471  1.00 27.61 ? 137 ARG A NH2 1 
ATOM   1091 N N   . ILE A 1 138 ? 9.489   -8.254  7.044   1.00 25.67 ? 138 ILE A N   1 
ATOM   1092 C CA  . ILE A 1 138 ? 9.419   -8.781  8.392   1.00 25.85 ? 138 ILE A CA  1 
ATOM   1093 C C   . ILE A 1 138 ? 10.236  -10.089 8.388   1.00 26.51 ? 138 ILE A C   1 
ATOM   1094 O O   . ILE A 1 138 ? 9.892   -11.077 7.703   1.00 25.49 ? 138 ILE A O   1 
ATOM   1095 C CB  . ILE A 1 138 ? 7.958   -9.064  8.877   1.00 25.81 ? 138 ILE A CB  1 
ATOM   1096 C CG1 . ILE A 1 138 ? 7.028   -7.801  8.816   1.00 29.16 ? 138 ILE A CG1 1 
ATOM   1097 C CG2 . ILE A 1 138 ? 8.053   -9.850  10.194  1.00 30.46 ? 138 ILE A CG2 1 
ATOM   1098 C CD1 . ILE A 1 138 ? 7.389   -6.703  9.756   1.00 31.10 ? 138 ILE A CD1 1 
ATOM   1099 N N   . MET A 1 139 ? 11.317  -10.063 9.222   1.00 26.19 ? 139 MET A N   1 
ATOM   1100 C CA  . MET A 1 139 ? 12.417  -11.065 9.019   1.00 29.25 ? 139 MET A CA  1 
ATOM   1101 C C   . MET A 1 139 ? 12.251  -12.401 9.750   1.00 33.95 ? 139 MET A C   1 
ATOM   1102 O O   . MET A 1 139 ? 13.183  -12.965 10.300  1.00 35.20 ? 139 MET A O   1 
ATOM   1103 C CB  . MET A 1 139 ? 13.775  -10.366 9.292   1.00 26.17 ? 139 MET A CB  1 
ATOM   1104 C CG  . MET A 1 139 ? 14.052  -9.264  8.246   1.00 25.02 ? 139 MET A CG  1 
ATOM   1105 S SD  . MET A 1 139 ? 15.273  -8.017  8.819   1.00 29.89 ? 139 MET A SD  1 
ATOM   1106 C CE  . MET A 1 139 ? 16.614  -9.162  9.204   1.00 31.95 ? 139 MET A CE  1 
ATOM   1107 N N   . GLN A 1 140 ? 11.015  -12.869 9.798   1.00 29.27 ? 140 GLN A N   1 
ATOM   1108 C CA  . GLN A 1 140 ? 10.688  -14.220 10.202  1.00 32.15 ? 140 GLN A CA  1 
ATOM   1109 C C   . GLN A 1 140 ? 9.463   -14.746 9.519   1.00 34.85 ? 140 GLN A C   1 
ATOM   1110 O O   . GLN A 1 140 ? 8.753   -14.030 8.744   1.00 28.61 ? 140 GLN A O   1 
ATOM   1111 C CB  . GLN A 1 140 ? 10.589  -14.355 11.715  1.00 36.20 ? 140 GLN A CB  1 
ATOM   1112 C CG  . GLN A 1 140 ? 10.064  -13.157 12.467  1.00 40.69 ? 140 GLN A CG  1 
ATOM   1113 C CD  . GLN A 1 140 ? 10.109  -13.306 13.987  1.00 41.42 ? 140 GLN A CD  1 
ATOM   1114 O OE1 . GLN A 1 140 ? 9.229   -13.936 14.587  1.00 35.02 ? 140 GLN A OE1 1 
ATOM   1115 N NE2 . GLN A 1 140 ? 11.070  -12.669 14.622  1.00 40.46 ? 140 GLN A NE2 1 
ATOM   1116 N N   . ASP A 1 141 ? 9.190   -16.001 9.788   1.00 33.84 ? 141 ASP A N   1 
ATOM   1117 C CA  . ASP A 1 141 ? 7.960   -16.628 9.311   1.00 34.87 ? 141 ASP A CA  1 
ATOM   1118 C C   . ASP A 1 141 ? 6.860   -16.309 10.269  1.00 33.78 ? 141 ASP A C   1 
ATOM   1119 O O   . ASP A 1 141 ? 7.039   -16.274 11.492  1.00 34.30 ? 141 ASP A O   1 
ATOM   1120 C CB  . ASP A 1 141 ? 8.062   -18.155 9.124   1.00 36.57 ? 141 ASP A CB  1 
ATOM   1121 C CG  . ASP A 1 141 ? 8.879   -18.588 7.879   1.00 48.43 ? 141 ASP A CG  1 
ATOM   1122 O OD1 . ASP A 1 141 ? 9.319   -17.764 7.054   1.00 46.72 ? 141 ASP A OD1 1 
ATOM   1123 O OD2 . ASP A 1 141 ? 9.111   -19.812 7.725   1.00 53.41 ? 141 ASP A OD2 1 
ATOM   1124 N N   . PHE A 1 142 ? 5.677   -16.010 9.702   1.00 28.64 ? 142 PHE A N   1 
ATOM   1125 C CA  . PHE A 1 142 ? 4.469   -15.930 10.524  1.00 29.56 ? 142 PHE A CA  1 
ATOM   1126 C C   . PHE A 1 142 ? 3.324   -16.649 9.849   1.00 27.70 ? 142 PHE A C   1 
ATOM   1127 O O   . PHE A 1 142 ? 3.152   -16.554 8.593   1.00 26.60 ? 142 PHE A O   1 
ATOM   1128 C CB  . PHE A 1 142 ? 3.995   -14.529 10.799  1.00 28.36 ? 142 PHE A CB  1 
ATOM   1129 C CG  . PHE A 1 142 ? 4.796   -13.786 11.844  1.00 31.35 ? 142 PHE A CG  1 
ATOM   1130 C CD1 . PHE A 1 142 ? 4.447   -13.858 13.184  1.00 27.13 ? 142 PHE A CD1 1 
ATOM   1131 C CD2 . PHE A 1 142 ? 5.871   -12.968 11.508  1.00 29.54 ? 142 PHE A CD2 1 
ATOM   1132 C CE1 . PHE A 1 142 ? 5.159   -13.211 14.172  1.00 30.53 ? 142 PHE A CE1 1 
ATOM   1133 C CE2 . PHE A 1 142 ? 6.566   -12.259 12.492  1.00 29.48 ? 142 PHE A CE2 1 
ATOM   1134 C CZ  . PHE A 1 142 ? 6.225   -12.360 13.830  1.00 29.08 ? 142 PHE A CZ  1 
ATOM   1135 N N   . GLU A 1 143 ? 2.501   -17.320 10.659  1.00 29.58 ? 143 GLU A N   1 
ATOM   1136 C CA  . GLU A 1 143 ? 1.339   -17.975 10.105  1.00 25.24 ? 143 GLU A CA  1 
ATOM   1137 C C   . GLU A 1 143 ? 0.362   -16.936 9.500   1.00 21.59 ? 143 GLU A C   1 
ATOM   1138 O O   . GLU A 1 143 ? 0.024   -15.984 10.172  1.00 25.97 ? 143 GLU A O   1 
ATOM   1139 C CB  . GLU A 1 143 ? 0.566   -18.823 11.128  1.00 32.16 ? 143 GLU A CB  1 
ATOM   1140 C CG  . GLU A 1 143 ? -0.101  -20.018 10.403  1.00 34.35 ? 143 GLU A CG  1 
ATOM   1141 C CD  . GLU A 1 143 ? 0.879   -21.194 10.145  1.00 47.51 ? 143 GLU A CD  1 
ATOM   1142 O OE1 . GLU A 1 143 ? 0.849   -21.803 9.045   1.00 50.54 ? 143 GLU A OE1 1 
ATOM   1143 O OE2 . GLU A 1 143 ? 1.679   -21.528 11.047  1.00 55.65 ? 143 GLU A OE2 1 
ATOM   1144 N N   . SER A 1 144 ? 0.045   -17.251 8.260   1.00 23.28 ? 144 SER A N   1 
ATOM   1145 C CA  . SER A 1 144 ? -0.642  -16.299 7.351   1.00 24.14 ? 144 SER A CA  1 
ATOM   1146 C C   . SER A 1 144 ? -1.707  -17.002 6.600   1.00 22.05 ? 144 SER A C   1 
ATOM   1147 O O   . SER A 1 144 ? -1.673  -18.191 6.301   1.00 25.26 ? 144 SER A O   1 
ATOM   1148 C CB  . SER A 1 144 ? 0.387   -15.585 6.453   1.00 22.74 ? 144 SER A CB  1 
ATOM   1149 O OG  . SER A 1 144 ? 1.269   -14.779 7.213   1.00 28.05 ? 144 SER A OG  1 
ATOM   1150 N N   . ASP A 1 145 ? -2.740  -16.202 6.191   1.00 21.99 ? 145 ASP A N   1 
ATOM   1151 C CA  . ASP A 1 145 ? -3.773  -16.741 5.286   1.00 21.65 ? 145 ASP A CA  1 
ATOM   1152 C C   . ASP A 1 145 ? -3.999  -15.898 4.043   1.00 22.19 ? 145 ASP A C   1 
ATOM   1153 O O   . ASP A 1 145 ? -4.775  -16.236 3.156   1.00 25.99 ? 145 ASP A O   1 
ATOM   1154 C CB  . ASP A 1 145 ? -5.102  -16.982 6.069   1.00 19.83 ? 145 ASP A CB  1 
ATOM   1155 C CG  . ASP A 1 145 ? -5.831  -15.687 6.458   1.00 23.87 ? 145 ASP A CG  1 
ATOM   1156 O OD1 . ASP A 1 145 ? -5.497  -14.540 6.063   1.00 22.38 ? 145 ASP A OD1 1 
ATOM   1157 O OD2 . ASP A 1 145 ? -6.736  -15.694 7.262   1.00 22.94 ? 145 ASP A OD2 1 
ATOM   1158 N N   . THR A 1 146 ? -3.160  -14.858 3.926   1.00 22.46 ? 146 THR A N   1 
ATOM   1159 C CA  . THR A 1 146 ? -3.198  -13.920 2.786   1.00 23.68 ? 146 THR A CA  1 
ATOM   1160 C C   . THR A 1 146 ? -1.731  -13.598 2.502   1.00 23.22 ? 146 THR A C   1 
ATOM   1161 O O   . THR A 1 146 ? -0.971  -13.414 3.466   1.00 22.83 ? 146 THR A O   1 
ATOM   1162 C CB  . THR A 1 146 ? -3.919  -12.565 3.159   1.00 22.95 ? 146 THR A CB  1 
ATOM   1163 O OG1 . THR A 1 146 ? -5.122  -12.841 3.918   1.00 23.07 ? 146 THR A OG1 1 
ATOM   1164 C CG2 . THR A 1 146 ? -4.265  -11.774 2.008   1.00 23.66 ? 146 THR A CG2 1 
ATOM   1165 N N   . PHE A 1 147 ? -1.356  -13.596 1.224   1.00 22.90 ? 147 PHE A N   1 
ATOM   1166 C CA  . PHE A 1 147 ? 0.062   -13.527 0.789   1.00 23.37 ? 147 PHE A CA  1 
ATOM   1167 C C   . PHE A 1 147 ? 0.284   -12.481 -0.259  1.00 24.28 ? 147 PHE A C   1 
ATOM   1168 O O   . PHE A 1 147 ? -0.577  -12.139 -1.101  1.00 25.43 ? 147 PHE A O   1 
ATOM   1169 C CB  . PHE A 1 147 ? 0.517   -14.876 0.229   1.00 24.83 ? 147 PHE A CB  1 
ATOM   1170 C CG  . PHE A 1 147 ? 0.391   -15.948 1.248   1.00 25.34 ? 147 PHE A CG  1 
ATOM   1171 C CD1 . PHE A 1 147 ? -0.834  -16.595 1.447   1.00 28.46 ? 147 PHE A CD1 1 
ATOM   1172 C CD2 . PHE A 1 147 ? 1.467   -16.300 2.051   1.00 26.17 ? 147 PHE A CD2 1 
ATOM   1173 C CE1 . PHE A 1 147 ? -0.939  -17.538 2.457   1.00 26.18 ? 147 PHE A CE1 1 
ATOM   1174 C CE2 . PHE A 1 147 ? 1.358   -17.250 3.057   1.00 28.32 ? 147 PHE A CE2 1 
ATOM   1175 C CZ  . PHE A 1 147 ? 0.166   -17.924 3.221   1.00 24.78 ? 147 PHE A CZ  1 
ATOM   1176 N N   . PHE A 1 148 ? 1.516   -12.004 -0.291  1.00 26.54 ? 148 PHE A N   1 
ATOM   1177 C CA  . PHE A 1 148 ? 1.911   -11.035 -1.250  1.00 23.65 ? 148 PHE A CA  1 
ATOM   1178 C C   . PHE A 1 148 ? 2.310   -11.708 -2.544  1.00 22.51 ? 148 PHE A C   1 
ATOM   1179 O O   . PHE A 1 148 ? 2.978   -12.746 -2.478  1.00 24.97 ? 148 PHE A O   1 
ATOM   1180 C CB  . PHE A 1 148 ? 3.092   -10.208 -0.692  1.00 20.78 ? 148 PHE A CB  1 
ATOM   1181 C CG  . PHE A 1 148 ? 3.406   -8.953  -1.506  1.00 21.13 ? 148 PHE A CG  1 
ATOM   1182 C CD1 . PHE A 1 148 ? 2.493   -7.887  -1.510  1.00 23.16 ? 148 PHE A CD1 1 
ATOM   1183 C CD2 . PHE A 1 148 ? 4.560   -8.891  -2.325  1.00 21.47 ? 148 PHE A CD2 1 
ATOM   1184 C CE1 . PHE A 1 148 ? 2.763   -6.743  -2.229  1.00 21.62 ? 148 PHE A CE1 1 
ATOM   1185 C CE2 . PHE A 1 148 ? 4.834   -7.697  -3.034  1.00 23.22 ? 148 PHE A CE2 1 
ATOM   1186 C CZ  . PHE A 1 148 ? 3.885   -6.651  -3.034  1.00 23.81 ? 148 PHE A CZ  1 
ATOM   1187 N N   . PRO A 1 149 ? 1.902   -11.183 -3.690  1.00 24.10 ? 149 PRO A N   1 
ATOM   1188 C CA  . PRO A 1 149 ? 2.276   -11.859 -4.955  1.00 23.41 ? 149 PRO A CA  1 
ATOM   1189 C C   . PRO A 1 149 ? 3.781   -11.877 -5.180  1.00 21.93 ? 149 PRO A C   1 
ATOM   1190 O O   . PRO A 1 149 ? 4.535   -11.048 -4.568  1.00 22.24 ? 149 PRO A O   1 
ATOM   1191 C CB  . PRO A 1 149 ? 1.574   -11.053 -6.049  1.00 25.67 ? 149 PRO A CB  1 
ATOM   1192 C CG  . PRO A 1 149 ? 0.651   -10.138 -5.369  1.00 26.10 ? 149 PRO A CG  1 
ATOM   1193 C CD  . PRO A 1 149 ? 1.123   -9.970  -3.934  1.00 21.38 ? 149 PRO A CD  1 
ATOM   1194 N N   . GLU A 1 150 ? 4.239   -12.784 -6.032  1.00 24.66 ? 150 GLU A N   1 
ATOM   1195 C CA  . GLU A 1 150 ? 5.643   -12.878 -6.437  1.00 24.07 ? 150 GLU A CA  1 
ATOM   1196 C C   . GLU A 1 150 ? 6.174   -11.583 -7.010  1.00 21.21 ? 150 GLU A C   1 
ATOM   1197 O O   . GLU A 1 150 ? 5.504   -10.956 -7.860  1.00 23.36 ? 150 GLU A O   1 
ATOM   1198 C CB  . GLU A 1 150 ? 5.782   -13.949 -7.525  1.00 26.51 ? 150 GLU A CB  1 
ATOM   1199 C CG  . GLU A 1 150 ? 7.222   -14.124 -7.969  1.00 25.63 ? 150 GLU A CG  1 
ATOM   1200 C CD  . GLU A 1 150 ? 7.449   -15.157 -9.017  1.00 27.65 ? 150 GLU A CD  1 
ATOM   1201 O OE1 . GLU A 1 150 ? 8.639   -15.356 -9.395  1.00 25.54 ? 150 GLU A OE1 1 
ATOM   1202 O OE2 . GLU A 1 150 ? 6.453   -15.714 -9.485  1.00 31.57 ? 150 GLU A OE2 1 
ATOM   1203 N N   . ILE A 1 151 ? 7.311   -11.158 -6.514  1.00 21.95 ? 151 ILE A N   1 
ATOM   1204 C CA  . ILE A 1 151 ? 8.068   -10.076 -7.060  1.00 21.51 ? 151 ILE A CA  1 
ATOM   1205 C C   . ILE A 1 151 ? 9.065   -10.629 -8.109  1.00 20.93 ? 151 ILE A C   1 
ATOM   1206 O O   . ILE A 1 151 ? 10.008  -11.386 -7.789  1.00 21.76 ? 151 ILE A O   1 
ATOM   1207 C CB  . ILE A 1 151 ? 8.871   -9.283  -5.999  1.00 20.31 ? 151 ILE A CB  1 
ATOM   1208 C CG1 . ILE A 1 151 ? 7.880   -8.705  -4.997  1.00 22.30 ? 151 ILE A CG1 1 
ATOM   1209 C CG2 . ILE A 1 151 ? 9.645   -8.176  -6.701  1.00 22.93 ? 151 ILE A CG2 1 
ATOM   1210 C CD1 . ILE A 1 151 ? 8.574   -7.926  -3.857  1.00 24.75 ? 151 ILE A CD1 1 
ATOM   1211 N N   . ASP A 1 152 ? 8.776   -10.390 -9.395  1.00 20.43 ? 152 ASP A N   1 
ATOM   1212 C CA  . ASP A 1 152 ? 9.715   -10.785 -10.461 1.00 19.54 ? 152 ASP A CA  1 
ATOM   1213 C C   . ASP A 1 152 ? 10.922  -9.825  -10.474 1.00 21.86 ? 152 ASP A C   1 
ATOM   1214 O O   . ASP A 1 152 ? 10.856  -8.696  -10.934 1.00 22.46 ? 152 ASP A O   1 
ATOM   1215 C CB  . ASP A 1 152 ? 8.931   -10.702 -11.810 1.00 20.40 ? 152 ASP A CB  1 
ATOM   1216 C CG  . ASP A 1 152 ? 9.792   -11.014 -13.006 1.00 22.13 ? 152 ASP A CG  1 
ATOM   1217 O OD1 . ASP A 1 152 ? 10.990  -11.269 -12.900 1.00 22.86 ? 152 ASP A OD1 1 
ATOM   1218 O OD2 . ASP A 1 152 ? 9.186   -10.879 -14.108 1.00 29.03 ? 152 ASP A OD2 1 
ATOM   1219 N N   . LEU A 1 153 ? 12.091  -10.380 -10.024 1.00 20.62 ? 153 LEU A N   1 
ATOM   1220 C CA  . LEU A 1 153 ? 13.304  -9.612  -9.866  1.00 21.55 ? 153 LEU A CA  1 
ATOM   1221 C C   . LEU A 1 153 ? 13.977  -9.390  -11.233 1.00 21.56 ? 153 LEU A C   1 
ATOM   1222 O O   . LEU A 1 153 ? 14.874  -8.581  -11.327 1.00 23.81 ? 153 LEU A O   1 
ATOM   1223 C CB  . LEU A 1 153 ? 14.236  -10.294 -8.876  1.00 20.82 ? 153 LEU A CB  1 
ATOM   1224 C CG  . LEU A 1 153 ? 13.694  -10.484 -7.441  1.00 23.11 ? 153 LEU A CG  1 
ATOM   1225 C CD1 . LEU A 1 153 ? 14.631  -11.279 -6.526  1.00 21.99 ? 153 LEU A CD1 1 
ATOM   1226 C CD2 . LEU A 1 153 ? 13.396  -9.170  -6.782  1.00 21.60 ? 153 LEU A CD2 1 
ATOM   1227 N N   . GLU A 1 154 ? 13.489  -10.033 -12.317 1.00 22.00 ? 154 GLU A N   1 
ATOM   1228 C CA  . GLU A 1 154 ? 13.997  -9.633  -13.599 1.00 23.46 ? 154 GLU A CA  1 
ATOM   1229 C C   . GLU A 1 154 ? 13.481  -8.198  -13.974 1.00 26.04 ? 154 GLU A C   1 
ATOM   1230 O O   . GLU A 1 154 ? 14.183  -7.442  -14.672 1.00 29.47 ? 154 GLU A O   1 
ATOM   1231 C CB  . GLU A 1 154 ? 13.576  -10.562 -14.745 1.00 24.76 ? 154 GLU A CB  1 
ATOM   1232 C CG  . GLU A 1 154 ? 14.401  -10.286 -15.987 1.00 25.96 ? 154 GLU A CG  1 
ATOM   1233 C CD  . GLU A 1 154 ? 15.846  -10.768 -15.933 1.00 24.71 ? 154 GLU A CD  1 
ATOM   1234 O OE1 . GLU A 1 154 ? 16.048  -11.900 -15.424 1.00 26.91 ? 154 GLU A OE1 1 
ATOM   1235 O OE2 . GLU A 1 154 ? 16.706  -9.922  -16.329 1.00 30.54 ? 154 GLU A OE2 1 
ATOM   1236 N N   A LYS A 1 155 ? 12.277  -7.875  -13.479 0.50 25.63 ? 155 LYS A N   1 
ATOM   1237 N N   B LYS A 1 155 ? 12.276  -7.845  -13.522 0.50 24.69 ? 155 LYS A N   1 
ATOM   1238 C CA  A LYS A 1 155 ? 11.553  -6.626  -13.752 0.50 26.30 ? 155 LYS A CA  1 
ATOM   1239 C CA  B LYS A 1 155 ? 11.735  -6.527  -13.858 0.50 23.99 ? 155 LYS A CA  1 
ATOM   1240 C C   A LYS A 1 155 ? 11.836  -5.609  -12.629 0.50 23.41 ? 155 LYS A C   1 
ATOM   1241 C C   B LYS A 1 155 ? 11.777  -5.572  -12.640 0.50 22.52 ? 155 LYS A C   1 
ATOM   1242 O O   A LYS A 1 155 ? 12.241  -4.443  -12.848 0.50 25.06 ? 155 LYS A O   1 
ATOM   1243 O O   B LYS A 1 155 ? 11.997  -4.373  -12.838 0.50 26.17 ? 155 LYS A O   1 
ATOM   1244 C CB  A LYS A 1 155 ? 10.025  -6.884  -13.715 0.50 28.24 ? 155 LYS A CB  1 
ATOM   1245 C CB  B LYS A 1 155 ? 10.304  -6.571  -14.435 0.50 23.42 ? 155 LYS A CB  1 
ATOM   1246 C CG  A LYS A 1 155 ? 9.424   -7.766  -14.808 0.50 33.46 ? 155 LYS A CG  1 
ATOM   1247 C CG  B LYS A 1 155 ? 10.055  -7.382  -15.711 0.50 22.61 ? 155 LYS A CG  1 
ATOM   1248 C CD  A LYS A 1 155 ? 7.939   -7.419  -14.992 0.50 29.13 ? 155 LYS A CD  1 
ATOM   1249 C CD  B LYS A 1 155 ? 8.555   -7.686  -16.019 0.50 29.85 ? 155 LYS A CD  1 
ATOM   1250 C CE  A LYS A 1 155 ? 7.134   -7.545  -13.712 0.50 30.51 ? 155 LYS A CE  1 
ATOM   1251 C CE  B LYS A 1 155 ? 8.345   -8.635  -17.215 0.50 28.87 ? 155 LYS A CE  1 
ATOM   1252 N NZ  A LYS A 1 155 ? 5.672   -7.418  -13.976 0.50 25.42 ? 155 LYS A NZ  1 
ATOM   1253 N NZ  B LYS A 1 155 ? 7.006   -9.273  -17.206 0.50 32.60 ? 155 LYS A NZ  1 
ATOM   1254 N N   . TYR A 1 156 ? 11.659  -6.087  -11.418 1.00 20.16 ? 156 TYR A N   1 
ATOM   1255 C CA  . TYR A 1 156 ? 11.696  -5.163  -10.223 1.00 22.30 ? 156 TYR A CA  1 
ATOM   1256 C C   . TYR A 1 156 ? 13.110  -5.109  -9.685  1.00 21.48 ? 156 TYR A C   1 
ATOM   1257 O O   . TYR A 1 156 ? 13.555  -6.068  -9.033  1.00 23.68 ? 156 TYR A O   1 
ATOM   1258 C CB  . TYR A 1 156 ? 10.772  -5.650  -9.101  1.00 21.36 ? 156 TYR A CB  1 
ATOM   1259 C CG  . TYR A 1 156 ? 9.330   -5.356  -9.428  1.00 21.66 ? 156 TYR A CG  1 
ATOM   1260 C CD1 . TYR A 1 156 ? 8.832   -4.074  -9.268  1.00 21.70 ? 156 TYR A CD1 1 
ATOM   1261 C CD2 . TYR A 1 156 ? 8.522   -6.352  -9.971  1.00 19.83 ? 156 TYR A CD2 1 
ATOM   1262 C CE1 . TYR A 1 156 ? 7.515   -3.752  -9.573  1.00 19.60 ? 156 TYR A CE1 1 
ATOM   1263 C CE2 . TYR A 1 156 ? 7.201   -6.079  -10.269 1.00 26.81 ? 156 TYR A CE2 1 
ATOM   1264 C CZ  . TYR A 1 156 ? 6.743   -4.805  -10.130 1.00 21.63 ? 156 TYR A CZ  1 
ATOM   1265 O OH  . TYR A 1 156 ? 5.427   -4.494  -10.504 1.00 23.77 ? 156 TYR A OH  1 
ATOM   1266 N N   . LYS A 1 157 ? 13.750  -3.961  -9.814  1.00 21.13 ? 157 LYS A N   1 
ATOM   1267 C CA  . LYS A 1 157 ? 15.079  -3.803  -9.204  1.00 23.37 ? 157 LYS A CA  1 
ATOM   1268 C C   . LYS A 1 157 ? 15.054  -3.275  -7.821  1.00 21.97 ? 157 LYS A C   1 
ATOM   1269 O O   . LYS A 1 157 ? 14.327  -2.359  -7.530  1.00 21.58 ? 157 LYS A O   1 
ATOM   1270 C CB  . LYS A 1 157 ? 15.862  -2.796  -10.076 1.00 29.43 ? 157 LYS A CB  1 
ATOM   1271 C CG  . LYS A 1 157 ? 15.961  -3.232  -11.545 1.00 36.01 ? 157 LYS A CG  1 
ATOM   1272 C CD  . LYS A 1 157 ? 16.890  -4.437  -11.894 1.00 41.59 ? 157 LYS A CD  1 
ATOM   1273 C CE  . LYS A 1 157 ? 16.202  -5.832  -11.946 1.00 43.60 ? 157 LYS A CE  1 
ATOM   1274 N NZ  . LYS A 1 157 ? 16.915  -7.144  -12.368 1.00 35.32 ? 157 LYS A NZ  1 
ATOM   1275 N N   . LEU A 1 158 ? 15.732  -3.970  -6.879  1.00 20.98 ? 158 LEU A N   1 
ATOM   1276 C CA  . LEU A 1 158 ? 15.848  -3.497  -5.495  1.00 20.25 ? 158 LEU A CA  1 
ATOM   1277 C C   . LEU A 1 158 ? 16.811  -2.319  -5.468  1.00 21.11 ? 158 LEU A C   1 
ATOM   1278 O O   . LEU A 1 158 ? 17.937  -2.395  -5.997  1.00 22.82 ? 158 LEU A O   1 
ATOM   1279 C CB  . LEU A 1 158 ? 16.374  -4.652  -4.665  1.00 20.10 ? 158 LEU A CB  1 
ATOM   1280 C CG  . LEU A 1 158 ? 16.684  -4.280  -3.251  1.00 19.65 ? 158 LEU A CG  1 
ATOM   1281 C CD1 . LEU A 1 158 ? 15.481  -3.757  -2.465  1.00 20.16 ? 158 LEU A CD1 1 
ATOM   1282 C CD2 . LEU A 1 158 ? 17.134  -5.536  -2.502  1.00 21.45 ? 158 LEU A CD2 1 
ATOM   1283 N N   . LEU A 1 159 ? 16.353  -1.195  -5.040  1.00 20.51 ? 159 LEU A N   1 
ATOM   1284 C CA  . LEU A 1 159 ? 17.184  0.034   -4.991  1.00 20.55 ? 159 LEU A CA  1 
ATOM   1285 C C   . LEU A 1 159 ? 18.121  0.033   -3.841  1.00 24.23 ? 159 LEU A C   1 
ATOM   1286 O O   . LEU A 1 159 ? 17.788  -0.415  -2.736  1.00 25.27 ? 159 LEU A O   1 
ATOM   1287 C CB  . LEU A 1 159 ? 16.263  1.254   -4.914  1.00 21.18 ? 159 LEU A CB  1 
ATOM   1288 C CG  . LEU A 1 159 ? 15.267  1.427   -6.041  1.00 22.07 ? 159 LEU A CG  1 
ATOM   1289 C CD1 . LEU A 1 159 ? 14.533  2.764   -5.770  1.00 20.64 ? 159 LEU A CD1 1 
ATOM   1290 C CD2 . LEU A 1 159 ? 15.901  1.286   -7.455  1.00 23.71 ? 159 LEU A CD2 1 
ATOM   1291 N N   . PRO A 1 160 ? 19.331  0.565   -4.064  1.00 23.09 ? 160 PRO A N   1 
ATOM   1292 C CA  . PRO A 1 160 ? 20.313  0.537   -2.957  1.00 25.37 ? 160 PRO A CA  1 
ATOM   1293 C C   . PRO A 1 160 ? 20.095  1.518   -1.898  1.00 26.66 ? 160 PRO A C   1 
ATOM   1294 O O   . PRO A 1 160 ? 20.787  1.402   -0.903  1.00 34.21 ? 160 PRO A O   1 
ATOM   1295 C CB  . PRO A 1 160 ? 21.632  0.916   -3.635  1.00 27.67 ? 160 PRO A CB  1 
ATOM   1296 C CG  . PRO A 1 160 ? 21.217  1.524   -4.953  1.00 31.74 ? 160 PRO A CG  1 
ATOM   1297 C CD  . PRO A 1 160 ? 19.968  0.762   -5.354  1.00 23.71 ? 160 PRO A CD  1 
ATOM   1298 N N   . GLU A 1 161 ? 19.212  2.480   -2.081  1.00 25.73 ? 161 GLU A N   1 
ATOM   1299 C CA  . GLU A 1 161 ? 18.867  3.559   -1.132  1.00 27.98 ? 161 GLU A CA  1 
ATOM   1300 C C   . GLU A 1 161 ? 17.678  4.300   -1.646  1.00 24.84 ? 161 GLU A C   1 
ATOM   1301 O O   . GLU A 1 161 ? 17.389  4.190   -2.817  1.00 24.85 ? 161 GLU A O   1 
ATOM   1302 C CB  . GLU A 1 161 ? 20.077  4.559   -0.991  1.00 36.73 ? 161 GLU A CB  1 
ATOM   1303 C CG  . GLU A 1 161 ? 20.403  5.303   -2.283  1.00 39.97 ? 161 GLU A CG  1 
ATOM   1304 C CD  . GLU A 1 161 ? 21.815  5.907   -2.316  1.00 37.43 ? 161 GLU A CD  1 
ATOM   1305 O OE1 . GLU A 1 161 ? 22.313  6.294   -1.221  1.00 35.41 ? 161 GLU A OE1 1 
ATOM   1306 O OE2 . GLU A 1 161 ? 22.402  5.946   -3.439  1.00 36.77 ? 161 GLU A OE2 1 
ATOM   1307 N N   . TYR A 1 162 ? 16.915  5.046   -0.842  1.00 25.59 ? 162 TYR A N   1 
ATOM   1308 C CA  . TYR A 1 162 ? 15.818  5.862   -1.235  1.00 26.01 ? 162 TYR A CA  1 
ATOM   1309 C C   . TYR A 1 162 ? 15.570  6.939   -0.161  1.00 25.54 ? 162 TYR A C   1 
ATOM   1310 O O   . TYR A 1 162 ? 15.656  6.585   1.067   1.00 28.11 ? 162 TYR A O   1 
ATOM   1311 C CB  . TYR A 1 162 ? 14.537  5.002   -1.409  1.00 21.98 ? 162 TYR A CB  1 
ATOM   1312 C CG  . TYR A 1 162 ? 13.550  5.693   -2.182  1.00 19.85 ? 162 TYR A CG  1 
ATOM   1313 C CD1 . TYR A 1 162 ? 13.666  5.697   -3.602  1.00 22.06 ? 162 TYR A CD1 1 
ATOM   1314 C CD2 . TYR A 1 162 ? 12.470  6.397   -1.636  1.00 22.39 ? 162 TYR A CD2 1 
ATOM   1315 C CE1 . TYR A 1 162 ? 12.817  6.380   -4.384  1.00 22.65 ? 162 TYR A CE1 1 
ATOM   1316 C CE2 . TYR A 1 162 ? 11.554  7.044   -2.436  1.00 22.62 ? 162 TYR A CE2 1 
ATOM   1317 C CZ  . TYR A 1 162 ? 11.753  7.095   -3.807  1.00 21.08 ? 162 TYR A CZ  1 
ATOM   1318 O OH  . TYR A 1 162 ? 10.917  7.704   -4.622  1.00 26.40 ? 162 TYR A OH  1 
ATOM   1319 N N   . PRO A 1 163 ? 15.401  8.223   -0.601  1.00 28.84 ? 163 PRO A N   1 
ATOM   1320 C CA  . PRO A 1 163 ? 15.214  9.315   0.343   1.00 33.96 ? 163 PRO A CA  1 
ATOM   1321 C C   . PRO A 1 163 ? 14.054  9.027   1.300   1.00 35.36 ? 163 PRO A C   1 
ATOM   1322 O O   . PRO A 1 163 ? 12.940  8.720   0.874   1.00 32.84 ? 163 PRO A O   1 
ATOM   1323 C CB  . PRO A 1 163 ? 14.842  10.506  -0.582  1.00 32.00 ? 163 PRO A CB  1 
ATOM   1324 C CG  . PRO A 1 163 ? 15.602  10.196  -1.819  1.00 32.64 ? 163 PRO A CG  1 
ATOM   1325 C CD  . PRO A 1 163 ? 15.459  8.711   -1.979  1.00 29.67 ? 163 PRO A CD  1 
ATOM   1326 N N   . GLY A 1 164 ? 14.325  9.186   2.591   1.00 36.83 ? 164 GLY A N   1 
ATOM   1327 C CA  . GLY A 1 164 ? 13.266  9.151   3.590   1.00 31.45 ? 164 GLY A CA  1 
ATOM   1328 C C   . GLY A 1 164 ? 12.980  7.711   3.983   1.00 33.04 ? 164 GLY A C   1 
ATOM   1329 O O   . GLY A 1 164 ? 12.005  7.447   4.636   1.00 34.22 ? 164 GLY A O   1 
ATOM   1330 N N   . VAL A 1 165 ? 13.829  6.781   3.568   1.00 26.68 ? 165 VAL A N   1 
ATOM   1331 C CA  . VAL A 1 165 ? 13.584  5.346   3.866   1.00 23.46 ? 165 VAL A CA  1 
ATOM   1332 C C   . VAL A 1 165 ? 14.794  4.856   4.584   1.00 26.01 ? 165 VAL A C   1 
ATOM   1333 O O   . VAL A 1 165 ? 15.907  4.704   4.039   1.00 30.46 ? 165 VAL A O   1 
ATOM   1334 C CB  . VAL A 1 165 ? 13.326  4.428   2.615   1.00 22.00 ? 165 VAL A CB  1 
ATOM   1335 C CG1 . VAL A 1 165 ? 13.262  2.926   3.062   1.00 24.91 ? 165 VAL A CG1 1 
ATOM   1336 C CG2 . VAL A 1 165 ? 12.115  4.885   1.818   1.00 24.39 ? 165 VAL A CG2 1 
ATOM   1337 N N   . LEU A 1 166 ? 14.677  4.717   5.886   1.00 28.53 ? 166 LEU A N   1 
ATOM   1338 C CA  . LEU A 1 166 ? 15.790  4.014   6.600   1.00 30.18 ? 166 LEU A CA  1 
ATOM   1339 C C   . LEU A 1 166 ? 16.076  2.672   6.044   1.00 31.59 ? 166 LEU A C   1 
ATOM   1340 O O   . LEU A 1 166 ? 15.197  1.814   5.875   1.00 32.32 ? 166 LEU A O   1 
ATOM   1341 C CB  . LEU A 1 166 ? 15.604  3.902   8.136   1.00 35.45 ? 166 LEU A CB  1 
ATOM   1342 C CG  . LEU A 1 166 ? 15.450  4.929   9.206   1.00 42.79 ? 166 LEU A CG  1 
ATOM   1343 C CD1 . LEU A 1 166 ? 14.046  5.443   9.097   1.00 47.18 ? 166 LEU A CD1 1 
ATOM   1344 C CD2 . LEU A 1 166 ? 15.564  4.137   10.484  1.00 43.80 ? 166 LEU A CD2 1 
ATOM   1345 N N   . SER A 1 167 ? 17.359  2.460   5.889   1.00 38.93 ? 167 SER A N   1 
ATOM   1346 C CA  . SER A 1 167 ? 17.992  1.456   5.184   1.00 43.34 ? 167 SER A CA  1 
ATOM   1347 C C   . SER A 1 167 ? 18.261  0.268   6.020   1.00 45.13 ? 167 SER A C   1 
ATOM   1348 O O   . SER A 1 167 ? 18.120  -0.868  5.571   1.00 49.13 ? 167 SER A O   1 
ATOM   1349 C CB  . SER A 1 167 ? 19.318  2.024   4.760   1.00 44.76 ? 167 SER A CB  1 
ATOM   1350 O OG  . SER A 1 167 ? 19.569  1.429   3.550   1.00 34.77 ? 167 SER A OG  1 
ATOM   1351 N N   . ASP A 1 168 ? 18.651  0.498   7.252   1.00 40.25 ? 168 ASP A N   1 
ATOM   1352 C CA  . ASP A 1 168 ? 19.185  -0.673  7.936   1.00 36.84 ? 168 ASP A CA  1 
ATOM   1353 C C   . ASP A 1 168 ? 18.119  -1.395  8.820   1.00 34.90 ? 168 ASP A C   1 
ATOM   1354 O O   . ASP A 1 168 ? 16.991  -0.895  9.028   1.00 30.48 ? 168 ASP A O   1 
ATOM   1355 C CB  . ASP A 1 168 ? 20.428  -0.307  8.720   1.00 49.45 ? 168 ASP A CB  1 
ATOM   1356 C CG  . ASP A 1 168 ? 20.113  0.460   9.943   1.00 51.74 ? 168 ASP A CG  1 
ATOM   1357 O OD1 . ASP A 1 168 ? 19.099  1.200   9.943   1.00 53.56 ? 168 ASP A OD1 1 
ATOM   1358 O OD2 . ASP A 1 168 ? 20.897  0.338   10.906  1.00 65.31 ? 168 ASP A OD2 1 
ATOM   1359 N N   . VAL A 1 169 ? 18.545  -2.501  9.409   1.00 28.88 ? 169 VAL A N   1 
ATOM   1360 C CA  . VAL A 1 169 ? 17.616  -3.324  10.191  1.00 26.54 ? 169 VAL A CA  1 
ATOM   1361 C C   . VAL A 1 169 ? 17.107  -2.616  11.413  1.00 30.84 ? 169 VAL A C   1 
ATOM   1362 O O   . VAL A 1 169 ? 17.874  -1.975  12.154  1.00 30.45 ? 169 VAL A O   1 
ATOM   1363 C CB  . VAL A 1 169 ? 18.169  -4.702  10.517  1.00 25.05 ? 169 VAL A CB  1 
ATOM   1364 C CG1 . VAL A 1 169 ? 17.220  -5.574  11.372  1.00 32.40 ? 169 VAL A CG1 1 
ATOM   1365 C CG2 . VAL A 1 169 ? 18.642  -5.367  9.221   1.00 29.49 ? 169 VAL A CG2 1 
ATOM   1366 N N   . GLN A 1 170 ? 15.787  -2.753  11.595  1.00 29.36 ? 170 GLN A N   1 
ATOM   1367 C CA  . GLN A 1 170 ? 14.998  -2.263  12.681  1.00 30.53 ? 170 GLN A CA  1 
ATOM   1368 C C   . GLN A 1 170 ? 14.523  -3.446  13.536  1.00 30.82 ? 170 GLN A C   1 
ATOM   1369 O O   . GLN A 1 170 ? 14.492  -4.605  13.123  1.00 28.75 ? 170 GLN A O   1 
ATOM   1370 C CB  . GLN A 1 170 ? 13.705  -1.603  12.140  1.00 37.37 ? 170 GLN A CB  1 
ATOM   1371 C CG  . GLN A 1 170 ? 13.840  -0.655  10.975  1.00 37.08 ? 170 GLN A CG  1 
ATOM   1372 C CD  . GLN A 1 170 ? 14.569  0.587   11.411  1.00 38.55 ? 170 GLN A CD  1 
ATOM   1373 O OE1 . GLN A 1 170 ? 14.041  1.370   12.203  1.00 41.52 ? 170 GLN A OE1 1 
ATOM   1374 N NE2 . GLN A 1 170 ? 15.768  0.806   10.860  1.00 45.92 ? 170 GLN A NE2 1 
ATOM   1375 N N   . GLU A 1 171 ? 14.068  -3.112  14.743  1.00 34.27 ? 171 GLU A N   1 
ATOM   1376 C CA  . GLU A 1 171 ? 13.524  -4.090  15.609  1.00 31.58 ? 171 GLU A CA  1 
ATOM   1377 C C   . GLU A 1 171 ? 12.533  -3.469  16.579  1.00 35.62 ? 171 GLU A C   1 
ATOM   1378 O O   . GLU A 1 171 ? 12.761  -2.359  17.118  1.00 39.13 ? 171 GLU A O   1 
ATOM   1379 C CB  . GLU A 1 171 ? 14.640  -4.678  16.456  1.00 37.63 ? 171 GLU A CB  1 
ATOM   1380 C CG  . GLU A 1 171 ? 14.260  -6.066  16.901  1.00 38.35 ? 171 GLU A CG  1 
ATOM   1381 C CD  . GLU A 1 171 ? 15.277  -6.700  17.841  1.00 41.81 ? 171 GLU A CD  1 
ATOM   1382 O OE1 . GLU A 1 171 ? 15.002  -6.745  19.045  1.00 47.12 ? 171 GLU A OE1 1 
ATOM   1383 O OE2 . GLU A 1 171 ? 16.332  -7.162  17.363  1.00 43.50 ? 171 GLU A OE2 1 
ATOM   1384 N N   . GLU A 1 172 ? 11.412  -4.165  16.745  1.00 35.65 ? 172 GLU A N   1 
ATOM   1385 C CA  . GLU A 1 172 ? 10.352  -3.679  17.632  1.00 32.11 ? 172 GLU A CA  1 
ATOM   1386 C C   . GLU A 1 172 ? 9.717   -4.924  18.139  1.00 33.85 ? 172 GLU A C   1 
ATOM   1387 O O   . GLU A 1 172 ? 9.530   -5.844  17.370  1.00 32.17 ? 172 GLU A O   1 
ATOM   1388 C CB  . GLU A 1 172 ? 9.297   -2.964  16.819  1.00 32.14 ? 172 GLU A CB  1 
ATOM   1389 C CG  . GLU A 1 172 ? 9.526   -1.486  16.591  1.00 37.96 ? 172 GLU A CG  1 
ATOM   1390 C CD  . GLU A 1 172 ? 8.317   -0.821  15.953  1.00 41.68 ? 172 GLU A CD  1 
ATOM   1391 O OE1 . GLU A 1 172 ? 8.059   -1.014  14.723  1.00 41.60 ? 172 GLU A OE1 1 
ATOM   1392 O OE2 . GLU A 1 172 ? 7.587   -0.119  16.668  1.00 44.48 ? 172 GLU A OE2 1 
ATOM   1393 N N   . LYS A 1 173 ? 9.359   -4.982  19.437  1.00 37.35 ? 173 LYS A N   1 
ATOM   1394 C CA  . LYS A 1 173 ? 8.884   -6.239  20.075  1.00 37.35 ? 173 LYS A CA  1 
ATOM   1395 C C   . LYS A 1 173 ? 9.639   -7.537  19.715  1.00 34.80 ? 173 LYS A C   1 
ATOM   1396 O O   . LYS A 1 173 ? 9.040   -8.599  19.483  1.00 36.48 ? 173 LYS A O   1 
ATOM   1397 C CB  . LYS A 1 173 ? 7.378   -6.426  19.870  1.00 40.00 ? 173 LYS A CB  1 
ATOM   1398 C CG  . LYS A 1 173 ? 6.532   -5.363  20.552  1.00 46.10 ? 173 LYS A CG  1 
ATOM   1399 C CD  . LYS A 1 173 ? 5.291   -5.133  19.725  1.00 48.78 ? 173 LYS A CD  1 
ATOM   1400 C CE  . LYS A 1 173 ? 4.080   -4.722  20.547  1.00 53.50 ? 173 LYS A CE  1 
ATOM   1401 N NZ  . LYS A 1 173 ? 2.824   -5.219  19.890  1.00 41.16 ? 173 LYS A NZ  1 
ATOM   1402 N N   . GLY A 1 174 ? 10.961  -7.423  19.618  1.00 35.28 ? 174 GLY A N   1 
ATOM   1403 C CA  . GLY A 1 174 ? 11.791  -8.568  19.299  1.00 32.54 ? 174 GLY A CA  1 
ATOM   1404 C C   . GLY A 1 174 ? 11.731  -9.081  17.863  1.00 30.67 ? 174 GLY A C   1 
ATOM   1405 O O   . GLY A 1 174 ? 12.114  -10.215 17.562  1.00 39.53 ? 174 GLY A O   1 
ATOM   1406 N N   . ILE A 1 175 ? 11.154  -8.243  16.976  1.00 32.47 ? 175 ILE A N   1 
ATOM   1407 C CA  . ILE A 1 175 ? 10.939  -8.689  15.555  1.00 33.18 ? 175 ILE A CA  1 
ATOM   1408 C C   . ILE A 1 175 ? 11.767  -7.703  14.696  1.00 23.42 ? 175 ILE A C   1 
ATOM   1409 O O   . ILE A 1 175 ? 11.581  -6.520  14.833  1.00 29.52 ? 175 ILE A O   1 
ATOM   1410 C CB  . ILE A 1 175 ? 9.422   -8.691  15.171  1.00 29.41 ? 175 ILE A CB  1 
ATOM   1411 C CG1 . ILE A 1 175 ? 8.671   -9.758  15.960  1.00 36.36 ? 175 ILE A CG1 1 
ATOM   1412 C CG2 . ILE A 1 175 ? 9.201   -9.008  13.720  1.00 30.75 ? 175 ILE A CG2 1 
ATOM   1413 C CD1 . ILE A 1 175 ? 7.220   -9.397  16.172  1.00 39.35 ? 175 ILE A CD1 1 
ATOM   1414 N N   . LYS A 1 176 ? 12.770  -8.261  14.023  1.00 28.95 ? 176 LYS A N   1 
ATOM   1415 C CA  . LYS A 1 176 ? 13.583  -7.513  13.113  1.00 29.34 ? 176 LYS A CA  1 
ATOM   1416 C C   . LYS A 1 176 ? 12.870  -7.314  11.772  1.00 27.11 ? 176 LYS A C   1 
ATOM   1417 O O   . LYS A 1 176 ? 12.137  -8.183  11.368  1.00 30.49 ? 176 LYS A O   1 
ATOM   1418 C CB  . LYS A 1 176 ? 14.884  -8.195  12.930  1.00 26.68 ? 176 LYS A CB  1 
ATOM   1419 C CG  . LYS A 1 176 ? 15.793  -8.054  14.164  1.00 26.31 ? 176 LYS A CG  1 
ATOM   1420 C CD  . LYS A 1 176 ? 17.004  -8.971  13.937  1.00 30.33 ? 176 LYS A CD  1 
ATOM   1421 C CE  . LYS A 1 176 ? 17.978  -8.857  15.137  1.00 33.00 ? 176 LYS A CE  1 
ATOM   1422 N NZ  . LYS A 1 176 ? 19.284  -9.568  14.943  1.00 32.97 ? 176 LYS A NZ  1 
ATOM   1423 N N   . TYR A 1 177 ? 13.057  -6.152  11.208  1.00 27.65 ? 177 TYR A N   1 
ATOM   1424 C CA  . TYR A 1 177 ? 12.454  -5.843  9.912   1.00 26.32 ? 177 TYR A CA  1 
ATOM   1425 C C   . TYR A 1 177 ? 13.311  -4.806  9.223   1.00 29.16 ? 177 TYR A C   1 
ATOM   1426 O O   . TYR A 1 177 ? 14.028  -3.992  9.867   1.00 25.50 ? 177 TYR A O   1 
ATOM   1427 C CB  . TYR A 1 177 ? 10.987  -5.450  10.091  1.00 25.78 ? 177 TYR A CB  1 
ATOM   1428 C CG  . TYR A 1 177 ? 10.740  -4.235  10.838  1.00 28.48 ? 177 TYR A CG  1 
ATOM   1429 C CD1 . TYR A 1 177 ? 10.629  -3.013  10.195  1.00 24.16 ? 177 TYR A CD1 1 
ATOM   1430 C CD2 . TYR A 1 177 ? 10.484  -4.279  12.234  1.00 28.24 ? 177 TYR A CD2 1 
ATOM   1431 C CE1 . TYR A 1 177 ? 10.290  -1.866  10.838  1.00 28.65 ? 177 TYR A CE1 1 
ATOM   1432 C CE2 . TYR A 1 177 ? 10.138  -3.133  12.919  1.00 29.71 ? 177 TYR A CE2 1 
ATOM   1433 C CZ  . TYR A 1 177 ? 10.056  -1.912  12.223  1.00 26.88 ? 177 TYR A CZ  1 
ATOM   1434 O OH  . TYR A 1 177 ? 9.736   -0.737  12.826  1.00 34.79 ? 177 TYR A OH  1 
ATOM   1435 N N   . LYS A 1 178 ? 13.134  -4.760  7.908   1.00 28.23 ? 178 LYS A N   1 
ATOM   1436 C CA  . LYS A 1 178 ? 13.964  -3.939  6.996   1.00 26.98 ? 178 LYS A CA  1 
ATOM   1437 C C   . LYS A 1 178 ? 13.033  -3.275  5.932   1.00 22.72 ? 178 LYS A C   1 
ATOM   1438 O O   . LYS A 1 178 ? 12.163  -3.980  5.398   1.00 23.93 ? 178 LYS A O   1 
ATOM   1439 C CB  . LYS A 1 178 ? 15.169  -4.772  6.351   1.00 24.10 ? 178 LYS A CB  1 
ATOM   1440 C CG  . LYS A 1 178 ? 14.894  -6.094  5.578   1.00 34.38 ? 178 LYS A CG  1 
ATOM   1441 C CD  . LYS A 1 178 ? 16.227  -6.798  5.141   1.00 39.63 ? 178 LYS A CD  1 
ATOM   1442 C CE  . LYS A 1 178 ? 15.990  -8.037  4.250   1.00 32.95 ? 178 LYS A CE  1 
ATOM   1443 N NZ  . LYS A 1 178 ? 17.192  -8.899  4.132   1.00 42.95 ? 178 LYS A NZ  1 
ATOM   1444 N N   . PHE A 1 179 ? 13.228  -1.992  5.666   1.00 25.75 ? 179 PHE A N   1 
ATOM   1445 C CA  . PHE A 1 179 ? 12.508  -1.247  4.588   1.00 21.83 ? 179 PHE A CA  1 
ATOM   1446 C C   . PHE A 1 179 ? 13.258  -1.410  3.241   1.00 25.97 ? 179 PHE A C   1 
ATOM   1447 O O   . PHE A 1 179 ? 14.470  -1.269  3.185   1.00 29.03 ? 179 PHE A O   1 
ATOM   1448 C CB  . PHE A 1 179 ? 12.288  0.258   4.920   1.00 24.76 ? 179 PHE A CB  1 
ATOM   1449 C CG  . PHE A 1 179 ? 11.497  0.532   6.203   1.00 27.58 ? 179 PHE A CG  1 
ATOM   1450 C CD1 . PHE A 1 179 ? 10.234  -0.004  6.453   1.00 25.77 ? 179 PHE A CD1 1 
ATOM   1451 C CD2 . PHE A 1 179 ? 12.073  1.282   7.236   1.00 31.13 ? 179 PHE A CD2 1 
ATOM   1452 C CE1 . PHE A 1 179 ? 9.537   0.256   7.659   1.00 27.37 ? 179 PHE A CE1 1 
ATOM   1453 C CE2 . PHE A 1 179 ? 11.394  1.551   8.426   1.00 32.76 ? 179 PHE A CE2 1 
ATOM   1454 C CZ  . PHE A 1 179 ? 10.127  1.077   8.622   1.00 30.97 ? 179 PHE A CZ  1 
ATOM   1455 N N   . GLU A 1 180 ? 12.534  -1.749  2.135   1.00 21.57 ? 180 GLU A N   1 
ATOM   1456 C CA  . GLU A 1 180 ? 13.121  -1.970  0.809   1.00 20.43 ? 180 GLU A CA  1 
ATOM   1457 C C   . GLU A 1 180 ? 12.218  -1.151  -0.176  1.00 18.71 ? 180 GLU A C   1 
ATOM   1458 O O   . GLU A 1 180 ? 11.016  -0.987  0.031   1.00 20.45 ? 180 GLU A O   1 
ATOM   1459 C CB  . GLU A 1 180 ? 13.086  -3.432  0.352   1.00 19.99 ? 180 GLU A CB  1 
ATOM   1460 C CG  . GLU A 1 180 ? 14.034  -4.294  1.221   1.00 19.76 ? 180 GLU A CG  1 
ATOM   1461 C CD  . GLU A 1 180 ? 14.025  -5.686  0.828   1.00 21.60 ? 180 GLU A CD  1 
ATOM   1462 O OE1 . GLU A 1 180 ? 14.948  -6.467  1.239   1.00 24.65 ? 180 GLU A OE1 1 
ATOM   1463 O OE2 . GLU A 1 180 ? 13.136  -6.127  0.063   1.00 22.18 ? 180 GLU A OE2 1 
ATOM   1464 N N   . VAL A 1 181 ? 12.861  -0.692  -1.264  1.00 16.86 ? 181 VAL A N   1 
ATOM   1465 C CA  . VAL A 1 181 ? 12.090  -0.122  -2.349  1.00 18.05 ? 181 VAL A CA  1 
ATOM   1466 C C   . VAL A 1 181 ? 12.563  -0.824  -3.588  1.00 18.81 ? 181 VAL A C   1 
ATOM   1467 O O   . VAL A 1 181 ? 13.792  -0.958  -3.942  1.00 18.57 ? 181 VAL A O   1 
ATOM   1468 C CB  . VAL A 1 181 ? 12.432  1.370   -2.485  1.00 16.61 ? 181 VAL A CB  1 
ATOM   1469 C CG1 . VAL A 1 181 ? 11.491  2.007   -3.467  1.00 19.40 ? 181 VAL A CG1 1 
ATOM   1470 C CG2 . VAL A 1 181 ? 12.272  2.072   -1.135  1.00 20.85 ? 181 VAL A CG2 1 
ATOM   1471 N N   . TYR A 1 182 ? 11.552  -1.205  -4.407  1.00 19.15 ? 182 TYR A N   1 
ATOM   1472 C CA  . TYR A 1 182 ? 11.750  -1.848  -5.716  1.00 16.98 ? 182 TYR A CA  1 
ATOM   1473 C C   . TYR A 1 182 ? 11.186  -1.007  -6.804  1.00 18.48 ? 182 TYR A C   1 
ATOM   1474 O O   . TYR A 1 182 ? 10.244  -0.251  -6.513  1.00 20.36 ? 182 TYR A O   1 
ATOM   1475 C CB  . TYR A 1 182 ? 11.038  -3.232  -5.847  1.00 17.66 ? 182 TYR A CB  1 
ATOM   1476 C CG  . TYR A 1 182 ? 11.578  -4.254  -4.967  1.00 18.92 ? 182 TYR A CG  1 
ATOM   1477 C CD1 . TYR A 1 182 ? 11.194  -4.293  -3.635  1.00 17.80 ? 182 TYR A CD1 1 
ATOM   1478 C CD2 . TYR A 1 182 ? 12.517  -5.196  -5.468  1.00 18.85 ? 182 TYR A CD2 1 
ATOM   1479 C CE1 . TYR A 1 182 ? 11.772  -5.282  -2.765  1.00 19.07 ? 182 TYR A CE1 1 
ATOM   1480 C CE2 . TYR A 1 182 ? 13.072  -6.157  -4.624  1.00 20.33 ? 182 TYR A CE2 1 
ATOM   1481 C CZ  . TYR A 1 182 ? 12.671  -6.181  -3.307  1.00 18.88 ? 182 TYR A CZ  1 
ATOM   1482 O OH  . TYR A 1 182 ? 13.267  -7.090  -2.411  1.00 20.91 ? 182 TYR A OH  1 
ATOM   1483 N N   . GLU A 1 183 ? 11.799  -0.963  -7.963  1.00 16.22 ? 183 GLU A N   1 
ATOM   1484 C CA  . GLU A 1 183 ? 11.174  -0.162  -9.052  1.00 16.17 ? 183 GLU A CA  1 
ATOM   1485 C C   . GLU A 1 183 ? 11.204  -1.029  -10.362 1.00 19.51 ? 183 GLU A C   1 
ATOM   1486 O O   . GLU A 1 183 ? 12.273  -1.627  -10.694 1.00 20.04 ? 183 GLU A O   1 
ATOM   1487 C CB  . GLU A 1 183 ? 12.046  1.145   -9.208  1.00 19.32 ? 183 GLU A CB  1 
ATOM   1488 C CG  . GLU A 1 183 ? 11.578  2.097   -10.326 1.00 19.85 ? 183 GLU A CG  1 
ATOM   1489 C CD  . GLU A 1 183 ? 12.271  3.464   -10.178 1.00 21.06 ? 183 GLU A CD  1 
ATOM   1490 O OE1 . GLU A 1 183 ? 11.597  4.379   -10.508 1.00 24.83 ? 183 GLU A OE1 1 
ATOM   1491 O OE2 . GLU A 1 183 ? 13.405  3.519   -9.756  1.00 27.35 ? 183 GLU A OE2 1 
ATOM   1492 N N   . LYS A 1 184 ? 10.146  -0.906  -11.125 1.00 21.05 ? 184 LYS A N   1 
ATOM   1493 C CA  . LYS A 1 184 ? 10.127  -1.396  -12.506 1.00 19.28 ? 184 LYS A CA  1 
ATOM   1494 C C   . LYS A 1 184 ? 9.712   -0.276  -13.393 1.00 27.14 ? 184 LYS A C   1 
ATOM   1495 O O   . LYS A 1 184 ? 9.051   0.682   -12.961 1.00 23.32 ? 184 LYS A O   1 
ATOM   1496 C CB  . LYS A 1 184 ? 9.199   -2.563  -12.742 1.00 20.92 ? 184 LYS A CB  1 
ATOM   1497 C CG  . LYS A 1 184 ? 7.744   -2.350  -12.597 1.00 23.39 ? 184 LYS A CG  1 
ATOM   1498 C CD  . LYS A 1 184 ? 6.966   -3.545  -13.291 1.00 24.53 ? 184 LYS A CD  1 
ATOM   1499 C CE  . LYS A 1 184 ? 5.474   -3.351  -13.305 1.00 27.11 ? 184 LYS A CE  1 
ATOM   1500 N NZ  . LYS A 1 184 ? 5.043   -2.471  -14.435 1.00 29.18 ? 184 LYS A NZ  1 
ATOM   1501 N N   . ASN A 1 185 ? 10.042  -0.470  -14.664 1.00 25.07 ? 185 ASN A N   1 
ATOM   1502 C CA  . ASN A 1 185 ? 9.494   0.415   -15.687 1.00 23.16 ? 185 ASN A CA  1 
ATOM   1503 C C   . ASN A 1 185 ? 9.467   -0.292  -17.022 1.00 28.36 ? 185 ASN A C   1 
ATOM   1504 O O   . ASN A 1 185 ? 10.506  -0.453  -17.684 1.00 32.42 ? 185 ASN A O   1 
ATOM   1505 C CB  . ASN A 1 185 ? 10.392  1.640   -15.786 1.00 25.67 ? 185 ASN A CB  1 
ATOM   1506 C CG  . ASN A 1 185 ? 9.738   2.826   -16.536 1.00 28.90 ? 185 ASN A CG  1 
ATOM   1507 O OD1 . ASN A 1 185 ? 10.471  3.730   -16.991 1.00 35.87 ? 185 ASN A OD1 1 
ATOM   1508 N ND2 . ASN A 1 185 ? 8.445   2.874   -16.616 1.00 27.39 ? 185 ASN A ND2 1 
ATOM   1509 N N   . ASP A 1 186 ? 8.269   -0.679  -17.401 1.00 28.62 ? 186 ASP A N   1 
ATOM   1510 C CA  . ASP A 1 186 ? 8.083   -1.587  -18.561 1.00 28.64 ? 186 ASP A CA  1 
ATOM   1511 C C   . ASP A 1 186 ? 6.824   -1.248  -19.311 1.00 34.29 ? 186 ASP A C   1 
ATOM   1512 O O   . ASP A 1 186 ? 6.384   -2.056  -20.180 1.00 34.90 ? 186 ASP A O   1 
ATOM   1513 C CB  . ASP A 1 186 ? 8.160   -3.072  -18.150 1.00 31.85 ? 186 ASP A CB  1 
ATOM   1514 C CG  . ASP A 1 186 ? 7.023   -3.492  -17.260 1.00 29.14 ? 186 ASP A CG  1 
ATOM   1515 O OD1 . ASP A 1 186 ? 6.124   -2.660  -16.896 1.00 27.34 ? 186 ASP A OD1 1 
ATOM   1516 O OD2 . ASP A 1 186 ? 7.015   -4.685  -16.932 1.00 30.30 ? 186 ASP A OD2 1 
ATOM   1517 O OXT . ASP A 1 186 ? 6.233   -0.191  -19.091 1.00 33.06 ? 186 ASP A OXT 1 
HETATM 1518 P PA  . NDP B 2 .   ? -8.616  -6.985  0.108   1.00 21.84 ? 201 NDP A PA  1 
HETATM 1519 O O1A . NDP B 2 .   ? -8.042  -7.161  -1.231  1.00 22.85 ? 201 NDP A O1A 1 
HETATM 1520 O O2A . NDP B 2 .   ? -8.327  -5.851  0.862   1.00 19.91 ? 201 NDP A O2A 1 
HETATM 1521 O O5B . NDP B 2 .   ? -10.217 -7.147  0.000   1.00 23.43 ? 201 NDP A O5B 1 
HETATM 1522 C C5B . NDP B 2 .   ? -10.753 -8.111  -0.888  1.00 20.32 ? 201 NDP A C5B 1 
HETATM 1523 C C4B . NDP B 2 .   ? -12.091 -7.547  -1.356  1.00 25.82 ? 201 NDP A C4B 1 
HETATM 1524 O O4B . NDP B 2 .   ? -11.881 -6.245  -1.899  1.00 25.96 ? 201 NDP A O4B 1 
HETATM 1525 C C3B . NDP B 2 .   ? -12.684 -8.420  -2.418  1.00 24.39 ? 201 NDP A C3B 1 
HETATM 1526 O O3B . NDP B 2 .   ? -13.471 -9.467  -1.895  1.00 28.91 ? 201 NDP A O3B 1 
HETATM 1527 C C2B . NDP B 2 .   ? -13.537 -7.422  -3.249  1.00 23.25 ? 201 NDP A C2B 1 
HETATM 1528 O O2B . NDP B 2 .   ? -14.691 -7.121  -2.477  1.00 27.06 ? 201 NDP A O2B 1 
HETATM 1529 C C1B . NDP B 2 .   ? -12.681 -6.106  -3.167  1.00 23.33 ? 201 NDP A C1B 1 
HETATM 1530 N N9A . NDP B 2 .   ? -11.490 -6.067  -4.124  1.00 25.09 ? 201 NDP A N9A 1 
HETATM 1531 C C8A . NDP B 2 .   ? -10.202 -6.457  -4.178  1.00 26.51 ? 201 NDP A C8A 1 
HETATM 1532 N N7A . NDP B 2 .   ? -9.661  -6.063  -5.341  1.00 27.98 ? 201 NDP A N7A 1 
HETATM 1533 C C5A . NDP B 2 .   ? -10.627 -5.449  -6.036  1.00 27.73 ? 201 NDP A C5A 1 
HETATM 1534 C C6A . NDP B 2 .   ? -10.643 -4.941  -7.322  1.00 29.48 ? 201 NDP A C6A 1 
HETATM 1535 N N6A . NDP B 2 .   ? -9.513  -4.885  -8.072  1.00 30.96 ? 201 NDP A N6A 1 
HETATM 1536 N N1A . NDP B 2 .   ? -11.763 -4.396  -7.748  1.00 28.66 ? 201 NDP A N1A 1 
HETATM 1537 C C2A . NDP B 2 .   ? -12.940 -4.391  -6.965  1.00 29.51 ? 201 NDP A C2A 1 
HETATM 1538 N N3A . NDP B 2 .   ? -12.967 -4.943  -5.690  1.00 29.70 ? 201 NDP A N3A 1 
HETATM 1539 C C4A . NDP B 2 .   ? -11.785 -5.507  -5.303  1.00 30.01 ? 201 NDP A C4A 1 
HETATM 1540 O O3  . NDP B 2 .   ? -8.339  -8.402  0.823   1.00 23.18 ? 201 NDP A O3  1 
HETATM 1541 P PN  . NDP B 2 .   ? -7.291  -9.514  1.199   1.00 22.99 ? 201 NDP A PN  1 
HETATM 1542 O O1N . NDP B 2 .   ? -6.177  -9.611  0.273   1.00 22.21 ? 201 NDP A O1N 1 
HETATM 1543 O O2N . NDP B 2 .   ? -8.161  -10.675 1.355   1.00 30.96 ? 201 NDP A O2N 1 
HETATM 1544 O O5D . NDP B 2 .   ? -6.789  -9.291  2.590   1.00 29.98 ? 201 NDP A O5D 1 
HETATM 1545 C C5D . NDP B 2 .   ? -6.094  -8.312  3.078   1.00 26.03 ? 201 NDP A C5D 1 
HETATM 1546 C C4D . NDP B 2 .   ? -5.427  -9.054  4.360   1.00 23.32 ? 201 NDP A C4D 1 
HETATM 1547 O O4D . NDP B 2 .   ? -4.122  -8.533  4.566   1.00 21.73 ? 201 NDP A O4D 1 
HETATM 1548 C C3D . NDP B 2 .   ? -6.144  -8.769  5.743   1.00 21.30 ? 201 NDP A C3D 1 
HETATM 1549 O O3D . NDP B 2 .   ? -5.736  -9.714  6.805   1.00 23.55 ? 201 NDP A O3D 1 
HETATM 1550 C C2D . NDP B 2 .   ? -5.424  -7.484  6.068   1.00 20.48 ? 201 NDP A C2D 1 
HETATM 1551 O O2D . NDP B 2 .   ? -5.382  -7.126  7.411   1.00 25.28 ? 201 NDP A O2D 1 
HETATM 1552 C C1D . NDP B 2 .   ? -3.998  -7.694  5.584   1.00 21.87 ? 201 NDP A C1D 1 
HETATM 1553 N N1N . NDP B 2 .   ? -3.287  -6.570  5.020   1.00 22.63 ? 201 NDP A N1N 1 
HETATM 1554 C C2N . NDP B 2 .   ? -1.902  -6.487  5.311   1.00 22.21 ? 201 NDP A C2N 1 
HETATM 1555 C C3N . NDP B 2 .   ? -1.066  -5.573  4.718   1.00 24.13 ? 201 NDP A C3N 1 
HETATM 1556 C C7N . NDP B 2 .   ? 0.300   -5.562  4.985   1.00 23.63 ? 201 NDP A C7N 1 
HETATM 1557 O O7N . NDP B 2 .   ? 1.032   -4.775  4.344   1.00 22.23 ? 201 NDP A O7N 1 
HETATM 1558 N N7N . NDP B 2 .   ? 0.864   -6.610  5.712   1.00 21.58 ? 201 NDP A N7N 1 
HETATM 1559 C C4N . NDP B 2 .   ? -1.653  -4.679  3.747   1.00 25.42 ? 201 NDP A C4N 1 
HETATM 1560 C C5N . NDP B 2 .   ? -3.095  -4.741  3.492   1.00 24.26 ? 201 NDP A C5N 1 
HETATM 1561 C C6N . NDP B 2 .   ? -3.941  -5.720  4.028   1.00 23.79 ? 201 NDP A C6N 1 
HETATM 1562 P P2B . NDP B 2 .   ? -16.128 -7.332  -3.071  1.00 26.04 ? 201 NDP A P2B 1 
HETATM 1563 O O1X . NDP B 2 .   ? -16.115 -7.077  -4.570  1.00 26.94 ? 201 NDP A O1X 1 
HETATM 1564 O O2X . NDP B 2 .   ? -16.341 -8.782  -2.848  1.00 25.68 ? 201 NDP A O2X 1 
HETATM 1565 O O3X . NDP B 2 .   ? -17.034 -6.555  -2.190  1.00 22.33 ? 201 NDP A O3X 1 
HETATM 1566 C C4  . 63Y C 3 .   ? 1.074   -1.323  6.709   1.00 29.29 ? 202 63Y A C4  1 
HETATM 1567 C C5  . 63Y C 3 .   ? 0.212   -1.337  5.648   1.00 27.27 ? 202 63Y A C5  1 
HETATM 1568 C C6  . 63Y C 3 .   ? 0.846   -1.450  4.410   1.00 21.73 ? 202 63Y A C6  1 
HETATM 1569 N N1  . 63Y C 3 .   ? 2.155   -1.504  4.183   1.00 22.28 ? 202 63Y A N1  1 
HETATM 1570 N N3  . 63Y C 3 .   ? 2.411   -1.480  6.550   1.00 27.12 ? 202 63Y A N3  1 
HETATM 1571 F FAF . 63Y C 3 .   ? -3.418  -3.249  6.741   1.00 41.79 ? 202 63Y A FAF 1 
HETATM 1572 C CAS . 63Y C 3 .   ? -3.529  -2.919  8.016   1.00 35.07 ? 202 63Y A CAS 1 
HETATM 1573 C CAR . 63Y C 3 .   ? -4.024  -4.170  8.427   1.00 35.83 ? 202 63Y A CAR 1 
HETATM 1574 C CAN . 63Y C 3 .   ? -4.294  -4.413  9.780   1.00 36.62 ? 202 63Y A CAN 1 
HETATM 1575 F FAD . 63Y C 3 .   ? -4.809  -5.689  10.236  1.00 42.15 ? 202 63Y A FAD 1 
HETATM 1576 C CAG . 63Y C 3 .   ? -4.101  -3.424  10.737  1.00 40.19 ? 202 63Y A CAG 1 
HETATM 1577 C CAH . 63Y C 3 .   ? -3.656  -2.250  10.170  1.00 41.28 ? 202 63Y A CAH 1 
HETATM 1578 C CAQ . 63Y C 3 .   ? -3.279  -1.866  8.900   1.00 31.88 ? 202 63Y A CAQ 1 
HETATM 1579 S SAK . 63Y C 3 .   ? -2.780  -0.623  8.374   1.00 33.10 ? 202 63Y A SAK 1 
HETATM 1580 C CAT . 63Y C 3 .   ? -1.245  -1.018  7.438   1.00 27.35 ? 202 63Y A CAT 1 
HETATM 1581 S SAL . 63Y C 3 .   ? 0.235   -1.235  8.239   1.00 32.73 ? 202 63Y A SAL 1 
HETATM 1582 C C2  . 63Y C 3 .   ? 2.913   -1.488  5.315   1.00 24.72 ? 202 63Y A C2  1 
HETATM 1583 N NAB . 63Y C 3 .   ? 4.197   -1.536  5.167   1.00 22.99 ? 202 63Y A NAB 1 
HETATM 1584 N NAC . 63Y C 3 .   ? 0.091   -1.470  3.252   1.00 22.56 ? 202 63Y A NAC 1 
HETATM 1585 C CAP . 63Y C 3 .   ? -1.142  -1.162  6.092   1.00 27.59 ? 202 63Y A CAP 1 
HETATM 1586 C CAA . 63Y C 3 .   ? -2.440  -1.029  5.238   1.00 29.35 ? 202 63Y A CAA 1 
HETATM 1587 O O   . HOH D 4 .   ? 11.280  8.401   -6.843  1.00 33.98 ? 301 HOH A O   1 
HETATM 1588 O O   . HOH D 4 .   ? 14.744  -14.031 -15.792 1.00 27.82 ? 302 HOH A O   1 
HETATM 1589 O O   . HOH D 4 .   ? -1.478  12.965  1.544   1.00 32.84 ? 303 HOH A O   1 
HETATM 1590 O O   . HOH D 4 .   ? 7.518   -15.836 14.063  1.00 35.45 ? 304 HOH A O   1 
HETATM 1591 O O   . HOH D 4 .   ? -7.695  -12.560 3.099   1.00 27.88 ? 305 HOH A O   1 
HETATM 1592 O O   . HOH D 4 .   ? -9.531  -4.423  -10.782 1.00 30.47 ? 306 HOH A O   1 
HETATM 1593 O O   . HOH D 4 .   ? 8.684   8.623   -3.567  1.00 34.21 ? 307 HOH A O   1 
HETATM 1594 O O   . HOH D 4 .   ? 0.318   -15.265 12.702  1.00 34.87 ? 308 HOH A O   1 
HETATM 1595 O O   . HOH D 4 .   ? 10.543  -14.225 -7.905  1.00 23.83 ? 309 HOH A O   1 
HETATM 1596 O O   . HOH D 4 .   ? 18.500  -12.912 -15.073 1.00 24.32 ? 310 HOH A O   1 
HETATM 1597 O O   . HOH D 4 .   ? 10.724  -10.701 5.186   1.00 26.45 ? 311 HOH A O   1 
HETATM 1598 O O   . HOH D 4 .   ? 4.770   -5.656  -15.798 1.00 32.80 ? 312 HOH A O   1 
HETATM 1599 O O   . HOH D 4 .   ? 6.922   7.598   -5.441  1.00 31.95 ? 313 HOH A O   1 
HETATM 1600 O O   . HOH D 4 .   ? -2.211  -6.855  -14.338 1.00 37.39 ? 314 HOH A O   1 
HETATM 1601 O O   . HOH D 4 .   ? -14.938 3.831   9.303   1.00 30.23 ? 315 HOH A O   1 
HETATM 1602 O O   . HOH D 4 .   ? -21.237 1.024   1.864   1.00 26.17 ? 316 HOH A O   1 
HETATM 1603 O O   . HOH D 4 .   ? 11.431  7.046   -9.930  1.00 28.05 ? 317 HOH A O   1 
HETATM 1604 O O   . HOH D 4 .   ? -6.922  -12.181 6.780   1.00 21.50 ? 318 HOH A O   1 
HETATM 1605 O O   . HOH D 4 .   ? 9.545   0.154   2.300   1.00 24.28 ? 319 HOH A O   1 
HETATM 1606 O O   . HOH D 4 .   ? 14.986  -9.045  -3.287  1.00 27.01 ? 320 HOH A O   1 
HETATM 1607 O O   . HOH D 4 .   ? 9.297   -15.357 -12.068 1.00 32.43 ? 321 HOH A O   1 
HETATM 1608 O O   . HOH D 4 .   ? -19.750 -10.531 1.233   1.00 26.05 ? 322 HOH A O   1 
HETATM 1609 O O   . HOH D 4 .   ? 15.714  -0.508  -0.912  1.00 22.82 ? 323 HOH A O   1 
HETATM 1610 O O   . HOH D 4 .   ? 3.068   -3.701  10.319  1.00 29.10 ? 324 HOH A O   1 
HETATM 1611 O O   . HOH D 4 .   ? 12.125  4.575   6.952   1.00 34.49 ? 325 HOH A O   1 
HETATM 1612 O O   . HOH D 4 .   ? 7.007   -0.877  3.106   1.00 20.12 ? 326 HOH A O   1 
HETATM 1613 O O   . HOH D 4 .   ? 11.686  -13.905 -12.297 1.00 23.63 ? 327 HOH A O   1 
HETATM 1614 O O   . HOH D 4 .   ? 6.280   -9.281  -9.979  1.00 24.75 ? 328 HOH A O   1 
HETATM 1615 O O   . HOH D 4 .   ? -1.724  5.639   8.235   1.00 30.33 ? 329 HOH A O   1 
HETATM 1616 O O   . HOH D 4 .   ? -7.291  -9.557  -2.487  1.00 25.25 ? 330 HOH A O   1 
HETATM 1617 O O   . HOH D 4 .   ? 9.633   -11.437 2.800   1.00 27.96 ? 331 HOH A O   1 
HETATM 1618 O O   . HOH D 4 .   ? -11.125 -7.217  7.489   1.00 32.64 ? 332 HOH A O   1 
HETATM 1619 O O   . HOH D 4 .   ? 11.668  -2.756  -15.250 1.00 31.07 ? 333 HOH A O   1 
HETATM 1620 O O   . HOH D 4 .   ? 12.487  -13.198 -9.646  1.00 22.63 ? 334 HOH A O   1 
HETATM 1621 O O   . HOH D 4 .   ? 11.292  5.656   9.306   1.00 37.67 ? 335 HOH A O   1 
HETATM 1622 O O   . HOH D 4 .   ? 11.339  -12.187 -5.289  1.00 25.20 ? 336 HOH A O   1 
HETATM 1623 O O   . HOH D 4 .   ? 4.757   11.837  -7.859  1.00 31.34 ? 337 HOH A O   1 
HETATM 1624 O O   . HOH D 4 .   ? -3.434  -14.528 -0.650  1.00 29.02 ? 338 HOH A O   1 
HETATM 1625 O O   . HOH D 4 .   ? -9.736  -9.855  -3.639  1.00 34.53 ? 339 HOH A O   1 
HETATM 1626 O O   . HOH D 4 .   ? -10.706 -7.296  10.225  1.00 30.98 ? 340 HOH A O   1 
HETATM 1627 O O   . HOH D 4 .   ? -23.031 -0.762  0.508   1.00 35.73 ? 341 HOH A O   1 
HETATM 1628 O O   . HOH D 4 .   ? -18.392 8.642   1.236   1.00 52.73 ? 342 HOH A O   1 
HETATM 1629 O O   . HOH D 4 .   ? 7.573   -13.872 -12.019 1.00 77.07 ? 343 HOH A O   1 
HETATM 1630 O O   . HOH D 4 .   ? -2.325  6.693   9.963   1.00 32.06 ? 344 HOH A O   1 
HETATM 1631 O O   . HOH D 4 .   ? 1.611   -14.734 -7.933  1.00 43.08 ? 345 HOH A O   1 
HETATM 1632 O O   . HOH D 4 .   ? -23.124 2.319   3.486   1.00 27.67 ? 346 HOH A O   1 
HETATM 1633 O O   . HOH D 4 .   ? -19.751 -0.300  3.965   1.00 30.14 ? 347 HOH A O   1 
HETATM 1634 O O   . HOH D 4 .   ? 16.561  -8.403  -5.471  1.00 31.76 ? 348 HOH A O   1 
# 
loop_
_pdbx_poly_seq_scheme.asym_id 
_pdbx_poly_seq_scheme.entity_id 
_pdbx_poly_seq_scheme.seq_id 
_pdbx_poly_seq_scheme.mon_id 
_pdbx_poly_seq_scheme.ndb_seq_num 
_pdbx_poly_seq_scheme.pdb_seq_num 
_pdbx_poly_seq_scheme.auth_seq_num 
_pdbx_poly_seq_scheme.pdb_mon_id 
_pdbx_poly_seq_scheme.auth_mon_id 
_pdbx_poly_seq_scheme.pdb_strand_id 
_pdbx_poly_seq_scheme.pdb_ins_code 
_pdbx_poly_seq_scheme.hetero 
A 1 1   VAL 1   1   1   VAL VAL A . n 
A 1 2   GLY 2   2   2   GLY GLY A . n 
A 1 3   SER 3   3   3   SER SER A . n 
A 1 4   LEU 4   4   4   LEU LEU A . n 
A 1 5   ASN 5   5   5   ASN ASN A . n 
A 1 6   CYS 6   6   6   CYS CYS A . n 
A 1 7   ILE 7   7   7   ILE ILE A . n 
A 1 8   VAL 8   8   8   VAL VAL A . n 
A 1 9   ALA 9   9   9   ALA ALA A . n 
A 1 10  VAL 10  10  10  VAL VAL A . n 
A 1 11  SER 11  11  11  SER SER A . n 
A 1 12  GLN 12  12  12  GLN GLN A . n 
A 1 13  ASN 13  13  13  ASN ASN A . n 
A 1 14  MET 14  14  14  MET MET A . n 
A 1 15  GLY 15  15  15  GLY GLY A . n 
A 1 16  ILE 16  16  16  ILE ILE A . n 
A 1 17  GLY 17  17  17  GLY GLY A . n 
A 1 18  LYS 18  18  18  LYS LYS A . n 
A 1 19  ASN 19  19  19  ASN ASN A . n 
A 1 20  GLY 20  20  20  GLY GLY A . n 
A 1 21  ASP 21  21  21  ASP ASP A . n 
A 1 22  LEU 22  22  22  LEU LEU A . n 
A 1 23  PRO 23  23  23  PRO PRO A . n 
A 1 24  TRP 24  24  24  TRP TRP A . n 
A 1 25  PRO 25  25  25  PRO PRO A . n 
A 1 26  PRO 26  26  26  PRO PRO A . n 
A 1 27  LEU 27  27  27  LEU LEU A . n 
A 1 28  ARG 28  28  28  ARG ARG A . n 
A 1 29  ASN 29  29  29  ASN ASN A . n 
A 1 30  GLU 30  30  30  GLU GLU A . n 
A 1 31  PHE 31  31  31  PHE PHE A . n 
A 1 32  ARG 32  32  32  ARG ARG A . n 
A 1 33  TYR 33  33  33  TYR TYR A . n 
A 1 34  PHE 34  34  34  PHE PHE A . n 
A 1 35  GLN 35  35  35  GLN GLN A . n 
A 1 36  ARG 36  36  36  ARG ARG A . n 
A 1 37  MET 37  37  37  MET MET A . n 
A 1 38  THR 38  38  38  THR THR A . n 
A 1 39  THR 39  39  39  THR THR A . n 
A 1 40  THR 40  40  40  THR THR A . n 
A 1 41  SER 41  41  41  SER SER A . n 
A 1 42  SER 42  42  42  SER SER A . n 
A 1 43  VAL 43  43  43  VAL VAL A . n 
A 1 44  GLU 44  44  44  GLU GLU A . n 
A 1 45  GLY 45  45  45  GLY GLY A . n 
A 1 46  LYS 46  46  46  LYS LYS A . n 
A 1 47  GLN 47  47  47  GLN GLN A . n 
A 1 48  ASN 48  48  48  ASN ASN A . n 
A 1 49  LEU 49  49  49  LEU LEU A . n 
A 1 50  VAL 50  50  50  VAL VAL A . n 
A 1 51  ILE 51  51  51  ILE ILE A . n 
A 1 52  MET 52  52  52  MET MET A . n 
A 1 53  GLY 53  53  53  GLY GLY A . n 
A 1 54  LYS 54  54  54  LYS LYS A . n 
A 1 55  LYS 55  55  55  LYS LYS A . n 
A 1 56  THR 56  56  56  THR THR A . n 
A 1 57  TRP 57  57  57  TRP TRP A . n 
A 1 58  PHE 58  58  58  PHE PHE A . n 
A 1 59  SER 59  59  59  SER SER A . n 
A 1 60  ILE 60  60  60  ILE ILE A . n 
A 1 61  PRO 61  61  61  PRO PRO A . n 
A 1 62  GLU 62  62  62  GLU GLU A . n 
A 1 63  LYS 63  63  63  LYS LYS A . n 
A 1 64  ASN 64  64  64  ASN ASN A . n 
A 1 65  ARG 65  65  65  ARG ARG A . n 
A 1 66  PRO 66  66  66  PRO PRO A . n 
A 1 67  LEU 67  67  67  LEU LEU A . n 
A 1 68  LYS 68  68  68  LYS LYS A . n 
A 1 69  GLY 69  69  69  GLY GLY A . n 
A 1 70  ARG 70  70  70  ARG ARG A . n 
A 1 71  ILE 71  71  71  ILE ILE A . n 
A 1 72  ASN 72  72  72  ASN ASN A . n 
A 1 73  LEU 73  73  73  LEU LEU A . n 
A 1 74  VAL 74  74  74  VAL VAL A . n 
A 1 75  LEU 75  75  75  LEU LEU A . n 
A 1 76  SER 76  76  76  SER SER A . n 
A 1 77  ARG 77  77  77  ARG ARG A . n 
A 1 78  GLU 78  78  78  GLU GLU A . n 
A 1 79  LEU 79  79  79  LEU LEU A . n 
A 1 80  LYS 80  80  80  LYS LYS A . n 
A 1 81  GLU 81  81  81  GLU GLU A . n 
A 1 82  PRO 82  82  82  PRO PRO A . n 
A 1 83  PRO 83  83  83  PRO PRO A . n 
A 1 84  GLN 84  84  84  GLN GLN A . n 
A 1 85  GLY 85  85  85  GLY GLY A . n 
A 1 86  ALA 86  86  86  ALA ALA A . n 
A 1 87  HIS 87  87  87  HIS HIS A . n 
A 1 88  PHE 88  88  88  PHE PHE A . n 
A 1 89  LEU 89  89  89  LEU LEU A . n 
A 1 90  SER 90  90  90  SER SER A . n 
A 1 91  ARG 91  91  91  ARG ARG A . n 
A 1 92  SER 92  92  92  SER SER A . n 
A 1 93  LEU 93  93  93  LEU LEU A . n 
A 1 94  ASP 94  94  94  ASP ASP A . n 
A 1 95  ASP 95  95  95  ASP ASP A . n 
A 1 96  ALA 96  96  96  ALA ALA A . n 
A 1 97  LEU 97  97  97  LEU LEU A . n 
A 1 98  LYS 98  98  98  LYS LYS A . n 
A 1 99  LEU 99  99  99  LEU LEU A . n 
A 1 100 THR 100 100 100 THR THR A . n 
A 1 101 GLU 101 101 101 GLU GLU A . n 
A 1 102 GLN 102 102 102 GLN GLN A . n 
A 1 103 PRO 103 103 103 PRO PRO A . n 
A 1 104 GLU 104 104 104 GLU GLU A . n 
A 1 105 LEU 105 105 105 LEU LEU A . n 
A 1 106 ALA 106 106 106 ALA ALA A . n 
A 1 107 ASN 107 107 107 ASN ASN A . n 
A 1 108 LYS 108 108 108 LYS LYS A . n 
A 1 109 VAL 109 109 109 VAL VAL A . n 
A 1 110 ASP 110 110 110 ASP ASP A . n 
A 1 111 MET 111 111 111 MET MET A . n 
A 1 112 VAL 112 112 112 VAL VAL A . n 
A 1 113 TRP 113 113 113 TRP TRP A . n 
A 1 114 ILE 114 114 114 ILE ILE A . n 
A 1 115 VAL 115 115 115 VAL VAL A . n 
A 1 116 GLY 116 116 116 GLY GLY A . n 
A 1 117 GLY 117 117 117 GLY GLY A . n 
A 1 118 SER 118 118 118 SER SER A . n 
A 1 119 SER 119 119 119 SER SER A . n 
A 1 120 VAL 120 120 120 VAL VAL A . n 
A 1 121 TYR 121 121 121 TYR TYR A . n 
A 1 122 LYS 122 122 122 LYS LYS A . n 
A 1 123 GLU 123 123 123 GLU GLU A . n 
A 1 124 ALA 124 124 124 ALA ALA A . n 
A 1 125 MET 125 125 125 MET MET A . n 
A 1 126 ASN 126 126 126 ASN ASN A . n 
A 1 127 HIS 127 127 127 HIS HIS A . n 
A 1 128 PRO 128 128 128 PRO PRO A . n 
A 1 129 GLY 129 129 129 GLY GLY A . n 
A 1 130 HIS 130 130 130 HIS HIS A . n 
A 1 131 LEU 131 131 131 LEU LEU A . n 
A 1 132 LYS 132 132 132 LYS LYS A . n 
A 1 133 LEU 133 133 133 LEU LEU A . n 
A 1 134 PHE 134 134 134 PHE PHE A . n 
A 1 135 VAL 135 135 135 VAL VAL A . n 
A 1 136 THR 136 136 136 THR THR A . n 
A 1 137 ARG 137 137 137 ARG ARG A . n 
A 1 138 ILE 138 138 138 ILE ILE A . n 
A 1 139 MET 139 139 139 MET MET A . n 
A 1 140 GLN 140 140 140 GLN GLN A . n 
A 1 141 ASP 141 141 141 ASP ASP A . n 
A 1 142 PHE 142 142 142 PHE PHE A . n 
A 1 143 GLU 143 143 143 GLU GLU A . n 
A 1 144 SER 144 144 144 SER SER A . n 
A 1 145 ASP 145 145 145 ASP ASP A . n 
A 1 146 THR 146 146 146 THR THR A . n 
A 1 147 PHE 147 147 147 PHE PHE A . n 
A 1 148 PHE 148 148 148 PHE PHE A . n 
A 1 149 PRO 149 149 149 PRO PRO A . n 
A 1 150 GLU 150 150 150 GLU GLU A . n 
A 1 151 ILE 151 151 151 ILE ILE A . n 
A 1 152 ASP 152 152 152 ASP ASP A . n 
A 1 153 LEU 153 153 153 LEU LEU A . n 
A 1 154 GLU 154 154 154 GLU GLU A . n 
A 1 155 LYS 155 155 155 LYS LYS A . n 
A 1 156 TYR 156 156 156 TYR TYR A . n 
A 1 157 LYS 157 157 157 LYS LYS A . n 
A 1 158 LEU 158 158 158 LEU LEU A . n 
A 1 159 LEU 159 159 159 LEU LEU A . n 
A 1 160 PRO 160 160 160 PRO PRO A . n 
A 1 161 GLU 161 161 161 GLU GLU A . n 
A 1 162 TYR 162 162 162 TYR TYR A . n 
A 1 163 PRO 163 163 163 PRO PRO A . n 
A 1 164 GLY 164 164 164 GLY GLY A . n 
A 1 165 VAL 165 165 165 VAL VAL A . n 
A 1 166 LEU 166 166 166 LEU LEU A . n 
A 1 167 SER 167 167 167 SER SER A . n 
A 1 168 ASP 168 168 168 ASP ASP A . n 
A 1 169 VAL 169 169 169 VAL VAL A . n 
A 1 170 GLN 170 170 170 GLN GLN A . n 
A 1 171 GLU 171 171 171 GLU GLU A . n 
A 1 172 GLU 172 172 172 GLU GLU A . n 
A 1 173 LYS 173 173 173 LYS LYS A . n 
A 1 174 GLY 174 174 174 GLY GLY A . n 
A 1 175 ILE 175 175 175 ILE ILE A . n 
A 1 176 LYS 176 176 176 LYS LYS A . n 
A 1 177 TYR 177 177 177 TYR TYR A . n 
A 1 178 LYS 178 178 178 LYS LYS A . n 
A 1 179 PHE 179 179 179 PHE PHE A . n 
A 1 180 GLU 180 180 180 GLU GLU A . n 
A 1 181 VAL 181 181 181 VAL VAL A . n 
A 1 182 TYR 182 182 182 TYR TYR A . n 
A 1 183 GLU 183 183 183 GLU GLU A . n 
A 1 184 LYS 184 184 184 LYS LYS A . n 
A 1 185 ASN 185 185 185 ASN ASN A . n 
A 1 186 ASP 186 186 186 ASP ASP A . n 
# 
loop_
_pdbx_nonpoly_scheme.asym_id 
_pdbx_nonpoly_scheme.entity_id 
_pdbx_nonpoly_scheme.mon_id 
_pdbx_nonpoly_scheme.ndb_seq_num 
_pdbx_nonpoly_scheme.pdb_seq_num 
_pdbx_nonpoly_scheme.auth_seq_num 
_pdbx_nonpoly_scheme.pdb_mon_id 
_pdbx_nonpoly_scheme.auth_mon_id 
_pdbx_nonpoly_scheme.pdb_strand_id 
_pdbx_nonpoly_scheme.pdb_ins_code 
B 2 NDP 1  201 1  NDP NDP A . 
C 3 63Y 1  202 2  63Y DRG A . 
D 4 HOH 1  301 48 HOH HOH A . 
D 4 HOH 2  302 36 HOH HOH A . 
D 4 HOH 3  303 17 HOH HOH A . 
D 4 HOH 4  304 46 HOH HOH A . 
D 4 HOH 5  305 14 HOH HOH A . 
D 4 HOH 6  306 27 HOH HOH A . 
D 4 HOH 7  307 26 HOH HOH A . 
D 4 HOH 8  308 50 HOH HOH A . 
D 4 HOH 9  309 4  HOH HOH A . 
D 4 HOH 10 310 11 HOH HOH A . 
D 4 HOH 11 311 21 HOH HOH A . 
D 4 HOH 12 312 38 HOH HOH A . 
D 4 HOH 13 313 20 HOH HOH A . 
D 4 HOH 14 314 28 HOH HOH A . 
D 4 HOH 15 315 39 HOH HOH A . 
D 4 HOH 16 316 32 HOH HOH A . 
D 4 HOH 17 317 25 HOH HOH A . 
D 4 HOH 18 318 2  HOH HOH A . 
D 4 HOH 19 319 3  HOH HOH A . 
D 4 HOH 20 320 18 HOH HOH A . 
D 4 HOH 21 321 40 HOH HOH A . 
D 4 HOH 22 322 12 HOH HOH A . 
D 4 HOH 23 323 5  HOH HOH A . 
D 4 HOH 24 324 6  HOH HOH A . 
D 4 HOH 25 325 8  HOH HOH A . 
D 4 HOH 26 326 1  HOH HOH A . 
D 4 HOH 27 327 13 HOH HOH A . 
D 4 HOH 28 328 10 HOH HOH A . 
D 4 HOH 29 329 42 HOH HOH A . 
D 4 HOH 30 330 15 HOH HOH A . 
D 4 HOH 31 331 23 HOH HOH A . 
D 4 HOH 32 332 44 HOH HOH A . 
D 4 HOH 33 333 35 HOH HOH A . 
D 4 HOH 34 334 9  HOH HOH A . 
D 4 HOH 35 335 45 HOH HOH A . 
D 4 HOH 36 336 19 HOH HOH A . 
D 4 HOH 37 337 37 HOH HOH A . 
D 4 HOH 38 338 24 HOH HOH A . 
D 4 HOH 39 339 49 HOH HOH A . 
D 4 HOH 40 340 29 HOH HOH A . 
D 4 HOH 41 341 30 HOH HOH A . 
D 4 HOH 42 342 43 HOH HOH A . 
D 4 HOH 43 343 41 HOH HOH A . 
D 4 HOH 44 344 33 HOH HOH A . 
D 4 HOH 45 345 47 HOH HOH A . 
D 4 HOH 46 346 22 HOH HOH A . 
D 4 HOH 47 347 16 HOH HOH A . 
D 4 HOH 48 348 31 HOH HOH A . 
# 
_pdbx_struct_assembly.id                   1 
_pdbx_struct_assembly.details              author_and_software_defined_assembly 
_pdbx_struct_assembly.method_details       PISA 
_pdbx_struct_assembly.oligomeric_details   monomeric 
_pdbx_struct_assembly.oligomeric_count     1 
# 
_pdbx_struct_assembly_gen.assembly_id       1 
_pdbx_struct_assembly_gen.oper_expression   1 
_pdbx_struct_assembly_gen.asym_id_list      A,B,C,D 
# 
_pdbx_struct_oper_list.id                   1 
_pdbx_struct_oper_list.type                 'identity operation' 
_pdbx_struct_oper_list.name                 1_555 
_pdbx_struct_oper_list.symmetry_operation   x,y,z 
_pdbx_struct_oper_list.matrix[1][1]         1.0000000000 
_pdbx_struct_oper_list.matrix[1][2]         0.0000000000 
_pdbx_struct_oper_list.matrix[1][3]         0.0000000000 
_pdbx_struct_oper_list.vector[1]            0.0000000000 
_pdbx_struct_oper_list.matrix[2][1]         0.0000000000 
_pdbx_struct_oper_list.matrix[2][2]         1.0000000000 
_pdbx_struct_oper_list.matrix[2][3]         0.0000000000 
_pdbx_struct_oper_list.vector[2]            0.0000000000 
_pdbx_struct_oper_list.matrix[3][1]         0.0000000000 
_pdbx_struct_oper_list.matrix[3][2]         0.0000000000 
_pdbx_struct_oper_list.matrix[3][3]         1.0000000000 
_pdbx_struct_oper_list.vector[3]            0.0000000000 
# 
loop_
_pdbx_audit_revision_history.ordinal 
_pdbx_audit_revision_history.data_content_type 
_pdbx_audit_revision_history.major_revision 
_pdbx_audit_revision_history.minor_revision 
_pdbx_audit_revision_history.revision_date 
1 'Structure model' 1 0 2017-02-01 
2 'Structure model' 1 1 2017-09-27 
3 'Structure model' 1 2 2023-09-27 
# 
_pdbx_audit_revision_details.ordinal             1 
_pdbx_audit_revision_details.revision_ordinal    1 
_pdbx_audit_revision_details.data_content_type   'Structure model' 
_pdbx_audit_revision_details.provider            repository 
_pdbx_audit_revision_details.type                'Initial release' 
_pdbx_audit_revision_details.description         ? 
_pdbx_audit_revision_details.details             ? 
# 
loop_
_pdbx_audit_revision_group.ordinal 
_pdbx_audit_revision_group.revision_ordinal 
_pdbx_audit_revision_group.data_content_type 
_pdbx_audit_revision_group.group 
1 2 'Structure model' 'Author supporting evidence' 
2 3 'Structure model' 'Data collection'            
3 3 'Structure model' 'Database references'        
4 3 'Structure model' 'Refinement description'     
# 
loop_
_pdbx_audit_revision_category.ordinal 
_pdbx_audit_revision_category.revision_ordinal 
_pdbx_audit_revision_category.data_content_type 
_pdbx_audit_revision_category.category 
1 2 'Structure model' pdbx_audit_support            
2 3 'Structure model' chem_comp_atom                
3 3 'Structure model' chem_comp_bond                
4 3 'Structure model' database_2                    
5 3 'Structure model' pdbx_initial_refinement_model 
# 
loop_
_pdbx_audit_revision_item.ordinal 
_pdbx_audit_revision_item.revision_ordinal 
_pdbx_audit_revision_item.data_content_type 
_pdbx_audit_revision_item.item 
1 3 'Structure model' '_database_2.pdbx_DOI'                
2 3 'Structure model' '_database_2.pdbx_database_accession' 
# 
loop_
_software.citation_id 
_software.classification 
_software.compiler_name 
_software.compiler_version 
_software.contact_author 
_software.contact_author_email 
_software.date 
_software.description 
_software.dependencies 
_software.hardware 
_software.language 
_software.location 
_software.mods 
_software.name 
_software.os 
_software.os_version 
_software.type 
_software.version 
_software.pdbx_ordinal 
? refinement       ? ? ? ? ? ? ? ? ? ? ? REFMAC   ? ? ? 5.6.0117 1 
? 'data reduction' ? ? ? ? ? ? ? ? ? ? ? HKL-2000 ? ? ? .        2 
? 'data scaling'   ? ? ? ? ? ? ? ? ? ? ? SCALA    ? ? ? .        3 
? phasing          ? ? ? ? ? ? ? ? ? ? ? MOLREP   ? ? ? .        4 
# 
_pdbx_validate_close_contact.id               1 
_pdbx_validate_close_contact.PDB_model_num    1 
_pdbx_validate_close_contact.auth_atom_id_1   O 
_pdbx_validate_close_contact.auth_asym_id_1   A 
_pdbx_validate_close_contact.auth_comp_id_1   HOH 
_pdbx_validate_close_contact.auth_seq_id_1    329 
_pdbx_validate_close_contact.PDB_ins_code_1   ? 
_pdbx_validate_close_contact.label_alt_id_1   ? 
_pdbx_validate_close_contact.auth_atom_id_2   O 
_pdbx_validate_close_contact.auth_asym_id_2   A 
_pdbx_validate_close_contact.auth_comp_id_2   HOH 
_pdbx_validate_close_contact.auth_seq_id_2    344 
_pdbx_validate_close_contact.PDB_ins_code_2   ? 
_pdbx_validate_close_contact.label_alt_id_2   ? 
_pdbx_validate_close_contact.dist             2.11 
# 
_pdbx_validate_symm_contact.id                1 
_pdbx_validate_symm_contact.PDB_model_num     1 
_pdbx_validate_symm_contact.auth_atom_id_1    O 
_pdbx_validate_symm_contact.auth_asym_id_1    A 
_pdbx_validate_symm_contact.auth_comp_id_1    HOH 
_pdbx_validate_symm_contact.auth_seq_id_1     301 
_pdbx_validate_symm_contact.PDB_ins_code_1    ? 
_pdbx_validate_symm_contact.label_alt_id_1    ? 
_pdbx_validate_symm_contact.site_symmetry_1   1_555 
_pdbx_validate_symm_contact.auth_atom_id_2    O 
_pdbx_validate_symm_contact.auth_asym_id_2    A 
_pdbx_validate_symm_contact.auth_comp_id_2    HOH 
_pdbx_validate_symm_contact.auth_seq_id_2     342 
_pdbx_validate_symm_contact.PDB_ins_code_2    ? 
_pdbx_validate_symm_contact.label_alt_id_2    ? 
_pdbx_validate_symm_contact.site_symmetry_2   9_554 
_pdbx_validate_symm_contact.dist              1.31 
# 
loop_
_pdbx_validate_rmsd_bond.id 
_pdbx_validate_rmsd_bond.PDB_model_num 
_pdbx_validate_rmsd_bond.auth_atom_id_1 
_pdbx_validate_rmsd_bond.auth_asym_id_1 
_pdbx_validate_rmsd_bond.auth_comp_id_1 
_pdbx_validate_rmsd_bond.auth_seq_id_1 
_pdbx_validate_rmsd_bond.PDB_ins_code_1 
_pdbx_validate_rmsd_bond.label_alt_id_1 
_pdbx_validate_rmsd_bond.auth_atom_id_2 
_pdbx_validate_rmsd_bond.auth_asym_id_2 
_pdbx_validate_rmsd_bond.auth_comp_id_2 
_pdbx_validate_rmsd_bond.auth_seq_id_2 
_pdbx_validate_rmsd_bond.PDB_ins_code_2 
_pdbx_validate_rmsd_bond.label_alt_id_2 
_pdbx_validate_rmsd_bond.bond_value 
_pdbx_validate_rmsd_bond.bond_target_value 
_pdbx_validate_rmsd_bond.bond_deviation 
_pdbx_validate_rmsd_bond.bond_standard_deviation 
_pdbx_validate_rmsd_bond.linker_flag 
1 1 CE2 A TRP 57  ? ? CD2 A TRP 57  ? ? 1.483 1.409 0.074  0.012 N 
2 1 NE2 A HIS 87  ? ? CD2 A HIS 87  ? ? 1.306 1.373 -0.067 0.011 N 
3 1 CD  A GLU 183 ? ? OE1 A GLU 183 ? ? 1.183 1.252 -0.069 0.011 N 
# 
loop_
_pdbx_validate_rmsd_angle.id 
_pdbx_validate_rmsd_angle.PDB_model_num 
_pdbx_validate_rmsd_angle.auth_atom_id_1 
_pdbx_validate_rmsd_angle.auth_asym_id_1 
_pdbx_validate_rmsd_angle.auth_comp_id_1 
_pdbx_validate_rmsd_angle.auth_seq_id_1 
_pdbx_validate_rmsd_angle.PDB_ins_code_1 
_pdbx_validate_rmsd_angle.label_alt_id_1 
_pdbx_validate_rmsd_angle.auth_atom_id_2 
_pdbx_validate_rmsd_angle.auth_asym_id_2 
_pdbx_validate_rmsd_angle.auth_comp_id_2 
_pdbx_validate_rmsd_angle.auth_seq_id_2 
_pdbx_validate_rmsd_angle.PDB_ins_code_2 
_pdbx_validate_rmsd_angle.label_alt_id_2 
_pdbx_validate_rmsd_angle.auth_atom_id_3 
_pdbx_validate_rmsd_angle.auth_asym_id_3 
_pdbx_validate_rmsd_angle.auth_comp_id_3 
_pdbx_validate_rmsd_angle.auth_seq_id_3 
_pdbx_validate_rmsd_angle.PDB_ins_code_3 
_pdbx_validate_rmsd_angle.label_alt_id_3 
_pdbx_validate_rmsd_angle.angle_value 
_pdbx_validate_rmsd_angle.angle_target_value 
_pdbx_validate_rmsd_angle.angle_deviation 
_pdbx_validate_rmsd_angle.angle_standard_deviation 
_pdbx_validate_rmsd_angle.linker_flag 
1 1 CB A ASP 145 ? ? CG A ASP 145 ? ? OD1 A ASP 145 ? ? 124.24 118.30 5.94  0.90 N 
2 1 CA A LEU 166 ? ? CB A LEU 166 ? ? CG  A LEU 166 ? ? 132.28 115.30 16.98 2.30 N 
# 
loop_
_pdbx_validate_torsion.id 
_pdbx_validate_torsion.PDB_model_num 
_pdbx_validate_torsion.auth_comp_id 
_pdbx_validate_torsion.auth_asym_id 
_pdbx_validate_torsion.auth_seq_id 
_pdbx_validate_torsion.PDB_ins_code 
_pdbx_validate_torsion.label_alt_id 
_pdbx_validate_torsion.phi 
_pdbx_validate_torsion.psi 
1 1 VAL A 43  ? ? -153.96 80.68  
2 1 GLU A 44  ? ? -46.80  153.80 
3 1 ASP A 110 ? ? -73.34  -96.62 
4 1 MET A 139 ? ? -88.31  37.96  
# 
_pdbx_unobs_or_zero_occ_atoms.id               1 
_pdbx_unobs_or_zero_occ_atoms.PDB_model_num    1 
_pdbx_unobs_or_zero_occ_atoms.polymer_flag     N 
_pdbx_unobs_or_zero_occ_atoms.occupancy_flag   1 
_pdbx_unobs_or_zero_occ_atoms.auth_asym_id     A 
_pdbx_unobs_or_zero_occ_atoms.auth_comp_id     63Y 
_pdbx_unobs_or_zero_occ_atoms.auth_seq_id      202 
_pdbx_unobs_or_zero_occ_atoms.PDB_ins_code     ? 
_pdbx_unobs_or_zero_occ_atoms.auth_atom_id     FAE 
_pdbx_unobs_or_zero_occ_atoms.label_alt_id     ? 
_pdbx_unobs_or_zero_occ_atoms.label_asym_id    C 
_pdbx_unobs_or_zero_occ_atoms.label_comp_id    63Y 
_pdbx_unobs_or_zero_occ_atoms.label_seq_id     1 
_pdbx_unobs_or_zero_occ_atoms.label_atom_id    FAE 
# 
loop_
_chem_comp_atom.comp_id 
_chem_comp_atom.atom_id 
_chem_comp_atom.type_symbol 
_chem_comp_atom.pdbx_aromatic_flag 
_chem_comp_atom.pdbx_stereo_config 
_chem_comp_atom.pdbx_ordinal 
63Y C4   C Y N 1   
63Y C5   C Y N 2   
63Y C6   C Y N 3   
63Y N1   N Y N 4   
63Y N3   N Y N 5   
63Y FAF  F N N 6   
63Y CAS  C Y N 7   
63Y CAR  C Y N 8   
63Y FAE  F N N 9   
63Y CAN  C Y N 10  
63Y FAD  F N N 11  
63Y CAG  C Y N 12  
63Y CAH  C Y N 13  
63Y CAQ  C Y N 14  
63Y SAK  S N N 15  
63Y CAT  C Y N 16  
63Y SAL  S Y N 17  
63Y C2   C Y N 18  
63Y NAB  N N N 19  
63Y NAC  N N N 20  
63Y CAP  C Y N 21  
63Y CAA  C N N 22  
63Y H1   H N N 23  
63Y H2   H N N 24  
63Y H3   H N N 25  
63Y H4   H N N 26  
63Y H5   H N N 27  
63Y H6   H N N 28  
63Y H7   H N N 29  
63Y H8   H N N 30  
63Y H9   H N N 31  
ALA N    N N N 32  
ALA CA   C N S 33  
ALA C    C N N 34  
ALA O    O N N 35  
ALA CB   C N N 36  
ALA OXT  O N N 37  
ALA H    H N N 38  
ALA H2   H N N 39  
ALA HA   H N N 40  
ALA HB1  H N N 41  
ALA HB2  H N N 42  
ALA HB3  H N N 43  
ALA HXT  H N N 44  
ARG N    N N N 45  
ARG CA   C N S 46  
ARG C    C N N 47  
ARG O    O N N 48  
ARG CB   C N N 49  
ARG CG   C N N 50  
ARG CD   C N N 51  
ARG NE   N N N 52  
ARG CZ   C N N 53  
ARG NH1  N N N 54  
ARG NH2  N N N 55  
ARG OXT  O N N 56  
ARG H    H N N 57  
ARG H2   H N N 58  
ARG HA   H N N 59  
ARG HB2  H N N 60  
ARG HB3  H N N 61  
ARG HG2  H N N 62  
ARG HG3  H N N 63  
ARG HD2  H N N 64  
ARG HD3  H N N 65  
ARG HE   H N N 66  
ARG HH11 H N N 67  
ARG HH12 H N N 68  
ARG HH21 H N N 69  
ARG HH22 H N N 70  
ARG HXT  H N N 71  
ASN N    N N N 72  
ASN CA   C N S 73  
ASN C    C N N 74  
ASN O    O N N 75  
ASN CB   C N N 76  
ASN CG   C N N 77  
ASN OD1  O N N 78  
ASN ND2  N N N 79  
ASN OXT  O N N 80  
ASN H    H N N 81  
ASN H2   H N N 82  
ASN HA   H N N 83  
ASN HB2  H N N 84  
ASN HB3  H N N 85  
ASN HD21 H N N 86  
ASN HD22 H N N 87  
ASN HXT  H N N 88  
ASP N    N N N 89  
ASP CA   C N S 90  
ASP C    C N N 91  
ASP O    O N N 92  
ASP CB   C N N 93  
ASP CG   C N N 94  
ASP OD1  O N N 95  
ASP OD2  O N N 96  
ASP OXT  O N N 97  
ASP H    H N N 98  
ASP H2   H N N 99  
ASP HA   H N N 100 
ASP HB2  H N N 101 
ASP HB3  H N N 102 
ASP HD2  H N N 103 
ASP HXT  H N N 104 
CYS N    N N N 105 
CYS CA   C N R 106 
CYS C    C N N 107 
CYS O    O N N 108 
CYS CB   C N N 109 
CYS SG   S N N 110 
CYS OXT  O N N 111 
CYS H    H N N 112 
CYS H2   H N N 113 
CYS HA   H N N 114 
CYS HB2  H N N 115 
CYS HB3  H N N 116 
CYS HG   H N N 117 
CYS HXT  H N N 118 
GLN N    N N N 119 
GLN CA   C N S 120 
GLN C    C N N 121 
GLN O    O N N 122 
GLN CB   C N N 123 
GLN CG   C N N 124 
GLN CD   C N N 125 
GLN OE1  O N N 126 
GLN NE2  N N N 127 
GLN OXT  O N N 128 
GLN H    H N N 129 
GLN H2   H N N 130 
GLN HA   H N N 131 
GLN HB2  H N N 132 
GLN HB3  H N N 133 
GLN HG2  H N N 134 
GLN HG3  H N N 135 
GLN HE21 H N N 136 
GLN HE22 H N N 137 
GLN HXT  H N N 138 
GLU N    N N N 139 
GLU CA   C N S 140 
GLU C    C N N 141 
GLU O    O N N 142 
GLU CB   C N N 143 
GLU CG   C N N 144 
GLU CD   C N N 145 
GLU OE1  O N N 146 
GLU OE2  O N N 147 
GLU OXT  O N N 148 
GLU H    H N N 149 
GLU H2   H N N 150 
GLU HA   H N N 151 
GLU HB2  H N N 152 
GLU HB3  H N N 153 
GLU HG2  H N N 154 
GLU HG3  H N N 155 
GLU HE2  H N N 156 
GLU HXT  H N N 157 
GLY N    N N N 158 
GLY CA   C N N 159 
GLY C    C N N 160 
GLY O    O N N 161 
GLY OXT  O N N 162 
GLY H    H N N 163 
GLY H2   H N N 164 
GLY HA2  H N N 165 
GLY HA3  H N N 166 
GLY HXT  H N N 167 
HIS N    N N N 168 
HIS CA   C N S 169 
HIS C    C N N 170 
HIS O    O N N 171 
HIS CB   C N N 172 
HIS CG   C Y N 173 
HIS ND1  N Y N 174 
HIS CD2  C Y N 175 
HIS CE1  C Y N 176 
HIS NE2  N Y N 177 
HIS OXT  O N N 178 
HIS H    H N N 179 
HIS H2   H N N 180 
HIS HA   H N N 181 
HIS HB2  H N N 182 
HIS HB3  H N N 183 
HIS HD1  H N N 184 
HIS HD2  H N N 185 
HIS HE1  H N N 186 
HIS HE2  H N N 187 
HIS HXT  H N N 188 
HOH O    O N N 189 
HOH H1   H N N 190 
HOH H2   H N N 191 
ILE N    N N N 192 
ILE CA   C N S 193 
ILE C    C N N 194 
ILE O    O N N 195 
ILE CB   C N S 196 
ILE CG1  C N N 197 
ILE CG2  C N N 198 
ILE CD1  C N N 199 
ILE OXT  O N N 200 
ILE H    H N N 201 
ILE H2   H N N 202 
ILE HA   H N N 203 
ILE HB   H N N 204 
ILE HG12 H N N 205 
ILE HG13 H N N 206 
ILE HG21 H N N 207 
ILE HG22 H N N 208 
ILE HG23 H N N 209 
ILE HD11 H N N 210 
ILE HD12 H N N 211 
ILE HD13 H N N 212 
ILE HXT  H N N 213 
LEU N    N N N 214 
LEU CA   C N S 215 
LEU C    C N N 216 
LEU O    O N N 217 
LEU CB   C N N 218 
LEU CG   C N N 219 
LEU CD1  C N N 220 
LEU CD2  C N N 221 
LEU OXT  O N N 222 
LEU H    H N N 223 
LEU H2   H N N 224 
LEU HA   H N N 225 
LEU HB2  H N N 226 
LEU HB3  H N N 227 
LEU HG   H N N 228 
LEU HD11 H N N 229 
LEU HD12 H N N 230 
LEU HD13 H N N 231 
LEU HD21 H N N 232 
LEU HD22 H N N 233 
LEU HD23 H N N 234 
LEU HXT  H N N 235 
LYS N    N N N 236 
LYS CA   C N S 237 
LYS C    C N N 238 
LYS O    O N N 239 
LYS CB   C N N 240 
LYS CG   C N N 241 
LYS CD   C N N 242 
LYS CE   C N N 243 
LYS NZ   N N N 244 
LYS OXT  O N N 245 
LYS H    H N N 246 
LYS H2   H N N 247 
LYS HA   H N N 248 
LYS HB2  H N N 249 
LYS HB3  H N N 250 
LYS HG2  H N N 251 
LYS HG3  H N N 252 
LYS HD2  H N N 253 
LYS HD3  H N N 254 
LYS HE2  H N N 255 
LYS HE3  H N N 256 
LYS HZ1  H N N 257 
LYS HZ2  H N N 258 
LYS HZ3  H N N 259 
LYS HXT  H N N 260 
MET N    N N N 261 
MET CA   C N S 262 
MET C    C N N 263 
MET O    O N N 264 
MET CB   C N N 265 
MET CG   C N N 266 
MET SD   S N N 267 
MET CE   C N N 268 
MET OXT  O N N 269 
MET H    H N N 270 
MET H2   H N N 271 
MET HA   H N N 272 
MET HB2  H N N 273 
MET HB3  H N N 274 
MET HG2  H N N 275 
MET HG3  H N N 276 
MET HE1  H N N 277 
MET HE2  H N N 278 
MET HE3  H N N 279 
MET HXT  H N N 280 
NDP PA   P N S 281 
NDP O1A  O N N 282 
NDP O2A  O N N 283 
NDP O5B  O N N 284 
NDP C5B  C N N 285 
NDP C4B  C N R 286 
NDP O4B  O N N 287 
NDP C3B  C N R 288 
NDP O3B  O N N 289 
NDP C2B  C N R 290 
NDP O2B  O N N 291 
NDP C1B  C N R 292 
NDP N9A  N Y N 293 
NDP C8A  C Y N 294 
NDP N7A  N Y N 295 
NDP C5A  C Y N 296 
NDP C6A  C Y N 297 
NDP N6A  N N N 298 
NDP N1A  N Y N 299 
NDP C2A  C Y N 300 
NDP N3A  N Y N 301 
NDP C4A  C Y N 302 
NDP O3   O N N 303 
NDP PN   P N S 304 
NDP O1N  O N N 305 
NDP O2N  O N N 306 
NDP O5D  O N N 307 
NDP C5D  C N N 308 
NDP C4D  C N R 309 
NDP O4D  O N N 310 
NDP C3D  C N S 311 
NDP O3D  O N N 312 
NDP C2D  C N R 313 
NDP O2D  O N N 314 
NDP C1D  C N R 315 
NDP N1N  N N N 316 
NDP C2N  C N N 317 
NDP C3N  C N N 318 
NDP C7N  C N N 319 
NDP O7N  O N N 320 
NDP N7N  N N N 321 
NDP C4N  C N N 322 
NDP C5N  C N N 323 
NDP C6N  C N N 324 
NDP P2B  P N N 325 
NDP O1X  O N N 326 
NDP O2X  O N N 327 
NDP O3X  O N N 328 
NDP HOA2 H N N 329 
NDP H51A H N N 330 
NDP H52A H N N 331 
NDP H4B  H N N 332 
NDP H3B  H N N 333 
NDP HO3A H N N 334 
NDP H2B  H N N 335 
NDP H1B  H N N 336 
NDP H8A  H N N 337 
NDP H61A H N N 338 
NDP H62A H N N 339 
NDP H2A  H N N 340 
NDP H21N H N N 341 
NDP H51N H N N 342 
NDP H52N H N N 343 
NDP H4D  H N N 344 
NDP H3D  H N N 345 
NDP HO3N H N N 346 
NDP H2D  H N N 347 
NDP HO2N H N N 348 
NDP H1D  H N N 349 
NDP H2N  H N N 350 
NDP H71N H N N 351 
NDP H72N H N N 352 
NDP H41N H N N 353 
NDP H42N H N N 354 
NDP H5N  H N N 355 
NDP H6N  H N N 356 
NDP HOP2 H N N 357 
NDP HOP3 H N N 358 
PHE N    N N N 359 
PHE CA   C N S 360 
PHE C    C N N 361 
PHE O    O N N 362 
PHE CB   C N N 363 
PHE CG   C Y N 364 
PHE CD1  C Y N 365 
PHE CD2  C Y N 366 
PHE CE1  C Y N 367 
PHE CE2  C Y N 368 
PHE CZ   C Y N 369 
PHE OXT  O N N 370 
PHE H    H N N 371 
PHE H2   H N N 372 
PHE HA   H N N 373 
PHE HB2  H N N 374 
PHE HB3  H N N 375 
PHE HD1  H N N 376 
PHE HD2  H N N 377 
PHE HE1  H N N 378 
PHE HE2  H N N 379 
PHE HZ   H N N 380 
PHE HXT  H N N 381 
PRO N    N N N 382 
PRO CA   C N S 383 
PRO C    C N N 384 
PRO O    O N N 385 
PRO CB   C N N 386 
PRO CG   C N N 387 
PRO CD   C N N 388 
PRO OXT  O N N 389 
PRO H    H N N 390 
PRO HA   H N N 391 
PRO HB2  H N N 392 
PRO HB3  H N N 393 
PRO HG2  H N N 394 
PRO HG3  H N N 395 
PRO HD2  H N N 396 
PRO HD3  H N N 397 
PRO HXT  H N N 398 
SER N    N N N 399 
SER CA   C N S 400 
SER C    C N N 401 
SER O    O N N 402 
SER CB   C N N 403 
SER OG   O N N 404 
SER OXT  O N N 405 
SER H    H N N 406 
SER H2   H N N 407 
SER HA   H N N 408 
SER HB2  H N N 409 
SER HB3  H N N 410 
SER HG   H N N 411 
SER HXT  H N N 412 
THR N    N N N 413 
THR CA   C N S 414 
THR C    C N N 415 
THR O    O N N 416 
THR CB   C N R 417 
THR OG1  O N N 418 
THR CG2  C N N 419 
THR OXT  O N N 420 
THR H    H N N 421 
THR H2   H N N 422 
THR HA   H N N 423 
THR HB   H N N 424 
THR HG1  H N N 425 
THR HG21 H N N 426 
THR HG22 H N N 427 
THR HG23 H N N 428 
THR HXT  H N N 429 
TRP N    N N N 430 
TRP CA   C N S 431 
TRP C    C N N 432 
TRP O    O N N 433 
TRP CB   C N N 434 
TRP CG   C Y N 435 
TRP CD1  C Y N 436 
TRP CD2  C Y N 437 
TRP NE1  N Y N 438 
TRP CE2  C Y N 439 
TRP CE3  C Y N 440 
TRP CZ2  C Y N 441 
TRP CZ3  C Y N 442 
TRP CH2  C Y N 443 
TRP OXT  O N N 444 
TRP H    H N N 445 
TRP H2   H N N 446 
TRP HA   H N N 447 
TRP HB2  H N N 448 
TRP HB3  H N N 449 
TRP HD1  H N N 450 
TRP HE1  H N N 451 
TRP HE3  H N N 452 
TRP HZ2  H N N 453 
TRP HZ3  H N N 454 
TRP HH2  H N N 455 
TRP HXT  H N N 456 
TYR N    N N N 457 
TYR CA   C N S 458 
TYR C    C N N 459 
TYR O    O N N 460 
TYR CB   C N N 461 
TYR CG   C Y N 462 
TYR CD1  C Y N 463 
TYR CD2  C Y N 464 
TYR CE1  C Y N 465 
TYR CE2  C Y N 466 
TYR CZ   C Y N 467 
TYR OH   O N N 468 
TYR OXT  O N N 469 
TYR H    H N N 470 
TYR H2   H N N 471 
TYR HA   H N N 472 
TYR HB2  H N N 473 
TYR HB3  H N N 474 
TYR HD1  H N N 475 
TYR HD2  H N N 476 
TYR HE1  H N N 477 
TYR HE2  H N N 478 
TYR HH   H N N 479 
TYR HXT  H N N 480 
VAL N    N N N 481 
VAL CA   C N S 482 
VAL C    C N N 483 
VAL O    O N N 484 
VAL CB   C N N 485 
VAL CG1  C N N 486 
VAL CG2  C N N 487 
VAL OXT  O N N 488 
VAL H    H N N 489 
VAL H2   H N N 490 
VAL HA   H N N 491 
VAL HB   H N N 492 
VAL HG11 H N N 493 
VAL HG12 H N N 494 
VAL HG13 H N N 495 
VAL HG21 H N N 496 
VAL HG22 H N N 497 
VAL HG23 H N N 498 
VAL HXT  H N N 499 
# 
loop_
_chem_comp_bond.comp_id 
_chem_comp_bond.atom_id_1 
_chem_comp_bond.atom_id_2 
_chem_comp_bond.value_order 
_chem_comp_bond.pdbx_aromatic_flag 
_chem_comp_bond.pdbx_stereo_config 
_chem_comp_bond.pdbx_ordinal 
63Y NAB C2   sing N N 1   
63Y C2  N3   doub Y N 2   
63Y C2  N1   sing Y N 3   
63Y N3  C4   sing Y N 4   
63Y N1  C6   doub Y N 5   
63Y C4  SAL  sing Y N 6   
63Y C4  C5   doub Y N 7   
63Y SAL CAT  sing Y N 8   
63Y C6  C5   sing Y N 9   
63Y C6  NAC  sing N N 10  
63Y C5  CAP  sing Y N 11  
63Y CAT CAP  doub Y N 12  
63Y CAT SAK  sing N N 13  
63Y CAP CAA  sing N N 14  
63Y SAK CAQ  sing N N 15  
63Y CAQ CAH  doub Y N 16  
63Y CAQ CAS  sing Y N 17  
63Y CAH CAG  sing Y N 18  
63Y CAG CAN  doub Y N 19  
63Y FAF CAS  sing N N 20  
63Y CAS CAR  doub Y N 21  
63Y CAN CAR  sing Y N 22  
63Y CAN FAD  sing N N 23  
63Y CAR FAE  sing N N 24  
63Y CAG H1   sing N N 25  
63Y CAH H2   sing N N 26  
63Y NAB H3   sing N N 27  
63Y NAB H4   sing N N 28  
63Y NAC H5   sing N N 29  
63Y NAC H6   sing N N 30  
63Y CAA H7   sing N N 31  
63Y CAA H8   sing N N 32  
63Y CAA H9   sing N N 33  
ALA N   CA   sing N N 34  
ALA N   H    sing N N 35  
ALA N   H2   sing N N 36  
ALA CA  C    sing N N 37  
ALA CA  CB   sing N N 38  
ALA CA  HA   sing N N 39  
ALA C   O    doub N N 40  
ALA C   OXT  sing N N 41  
ALA CB  HB1  sing N N 42  
ALA CB  HB2  sing N N 43  
ALA CB  HB3  sing N N 44  
ALA OXT HXT  sing N N 45  
ARG N   CA   sing N N 46  
ARG N   H    sing N N 47  
ARG N   H2   sing N N 48  
ARG CA  C    sing N N 49  
ARG CA  CB   sing N N 50  
ARG CA  HA   sing N N 51  
ARG C   O    doub N N 52  
ARG C   OXT  sing N N 53  
ARG CB  CG   sing N N 54  
ARG CB  HB2  sing N N 55  
ARG CB  HB3  sing N N 56  
ARG CG  CD   sing N N 57  
ARG CG  HG2  sing N N 58  
ARG CG  HG3  sing N N 59  
ARG CD  NE   sing N N 60  
ARG CD  HD2  sing N N 61  
ARG CD  HD3  sing N N 62  
ARG NE  CZ   sing N N 63  
ARG NE  HE   sing N N 64  
ARG CZ  NH1  sing N N 65  
ARG CZ  NH2  doub N N 66  
ARG NH1 HH11 sing N N 67  
ARG NH1 HH12 sing N N 68  
ARG NH2 HH21 sing N N 69  
ARG NH2 HH22 sing N N 70  
ARG OXT HXT  sing N N 71  
ASN N   CA   sing N N 72  
ASN N   H    sing N N 73  
ASN N   H2   sing N N 74  
ASN CA  C    sing N N 75  
ASN CA  CB   sing N N 76  
ASN CA  HA   sing N N 77  
ASN C   O    doub N N 78  
ASN C   OXT  sing N N 79  
ASN CB  CG   sing N N 80  
ASN CB  HB2  sing N N 81  
ASN CB  HB3  sing N N 82  
ASN CG  OD1  doub N N 83  
ASN CG  ND2  sing N N 84  
ASN ND2 HD21 sing N N 85  
ASN ND2 HD22 sing N N 86  
ASN OXT HXT  sing N N 87  
ASP N   CA   sing N N 88  
ASP N   H    sing N N 89  
ASP N   H2   sing N N 90  
ASP CA  C    sing N N 91  
ASP CA  CB   sing N N 92  
ASP CA  HA   sing N N 93  
ASP C   O    doub N N 94  
ASP C   OXT  sing N N 95  
ASP CB  CG   sing N N 96  
ASP CB  HB2  sing N N 97  
ASP CB  HB3  sing N N 98  
ASP CG  OD1  doub N N 99  
ASP CG  OD2  sing N N 100 
ASP OD2 HD2  sing N N 101 
ASP OXT HXT  sing N N 102 
CYS N   CA   sing N N 103 
CYS N   H    sing N N 104 
CYS N   H2   sing N N 105 
CYS CA  C    sing N N 106 
CYS CA  CB   sing N N 107 
CYS CA  HA   sing N N 108 
CYS C   O    doub N N 109 
CYS C   OXT  sing N N 110 
CYS CB  SG   sing N N 111 
CYS CB  HB2  sing N N 112 
CYS CB  HB3  sing N N 113 
CYS SG  HG   sing N N 114 
CYS OXT HXT  sing N N 115 
GLN N   CA   sing N N 116 
GLN N   H    sing N N 117 
GLN N   H2   sing N N 118 
GLN CA  C    sing N N 119 
GLN CA  CB   sing N N 120 
GLN CA  HA   sing N N 121 
GLN C   O    doub N N 122 
GLN C   OXT  sing N N 123 
GLN CB  CG   sing N N 124 
GLN CB  HB2  sing N N 125 
GLN CB  HB3  sing N N 126 
GLN CG  CD   sing N N 127 
GLN CG  HG2  sing N N 128 
GLN CG  HG3  sing N N 129 
GLN CD  OE1  doub N N 130 
GLN CD  NE2  sing N N 131 
GLN NE2 HE21 sing N N 132 
GLN NE2 HE22 sing N N 133 
GLN OXT HXT  sing N N 134 
GLU N   CA   sing N N 135 
GLU N   H    sing N N 136 
GLU N   H2   sing N N 137 
GLU CA  C    sing N N 138 
GLU CA  CB   sing N N 139 
GLU CA  HA   sing N N 140 
GLU C   O    doub N N 141 
GLU C   OXT  sing N N 142 
GLU CB  CG   sing N N 143 
GLU CB  HB2  sing N N 144 
GLU CB  HB3  sing N N 145 
GLU CG  CD   sing N N 146 
GLU CG  HG2  sing N N 147 
GLU CG  HG3  sing N N 148 
GLU CD  OE1  doub N N 149 
GLU CD  OE2  sing N N 150 
GLU OE2 HE2  sing N N 151 
GLU OXT HXT  sing N N 152 
GLY N   CA   sing N N 153 
GLY N   H    sing N N 154 
GLY N   H2   sing N N 155 
GLY CA  C    sing N N 156 
GLY CA  HA2  sing N N 157 
GLY CA  HA3  sing N N 158 
GLY C   O    doub N N 159 
GLY C   OXT  sing N N 160 
GLY OXT HXT  sing N N 161 
HIS N   CA   sing N N 162 
HIS N   H    sing N N 163 
HIS N   H2   sing N N 164 
HIS CA  C    sing N N 165 
HIS CA  CB   sing N N 166 
HIS CA  HA   sing N N 167 
HIS C   O    doub N N 168 
HIS C   OXT  sing N N 169 
HIS CB  CG   sing N N 170 
HIS CB  HB2  sing N N 171 
HIS CB  HB3  sing N N 172 
HIS CG  ND1  sing Y N 173 
HIS CG  CD2  doub Y N 174 
HIS ND1 CE1  doub Y N 175 
HIS ND1 HD1  sing N N 176 
HIS CD2 NE2  sing Y N 177 
HIS CD2 HD2  sing N N 178 
HIS CE1 NE2  sing Y N 179 
HIS CE1 HE1  sing N N 180 
HIS NE2 HE2  sing N N 181 
HIS OXT HXT  sing N N 182 
HOH O   H1   sing N N 183 
HOH O   H2   sing N N 184 
ILE N   CA   sing N N 185 
ILE N   H    sing N N 186 
ILE N   H2   sing N N 187 
ILE CA  C    sing N N 188 
ILE CA  CB   sing N N 189 
ILE CA  HA   sing N N 190 
ILE C   O    doub N N 191 
ILE C   OXT  sing N N 192 
ILE CB  CG1  sing N N 193 
ILE CB  CG2  sing N N 194 
ILE CB  HB   sing N N 195 
ILE CG1 CD1  sing N N 196 
ILE CG1 HG12 sing N N 197 
ILE CG1 HG13 sing N N 198 
ILE CG2 HG21 sing N N 199 
ILE CG2 HG22 sing N N 200 
ILE CG2 HG23 sing N N 201 
ILE CD1 HD11 sing N N 202 
ILE CD1 HD12 sing N N 203 
ILE CD1 HD13 sing N N 204 
ILE OXT HXT  sing N N 205 
LEU N   CA   sing N N 206 
LEU N   H    sing N N 207 
LEU N   H2   sing N N 208 
LEU CA  C    sing N N 209 
LEU CA  CB   sing N N 210 
LEU CA  HA   sing N N 211 
LEU C   O    doub N N 212 
LEU C   OXT  sing N N 213 
LEU CB  CG   sing N N 214 
LEU CB  HB2  sing N N 215 
LEU CB  HB3  sing N N 216 
LEU CG  CD1  sing N N 217 
LEU CG  CD2  sing N N 218 
LEU CG  HG   sing N N 219 
LEU CD1 HD11 sing N N 220 
LEU CD1 HD12 sing N N 221 
LEU CD1 HD13 sing N N 222 
LEU CD2 HD21 sing N N 223 
LEU CD2 HD22 sing N N 224 
LEU CD2 HD23 sing N N 225 
LEU OXT HXT  sing N N 226 
LYS N   CA   sing N N 227 
LYS N   H    sing N N 228 
LYS N   H2   sing N N 229 
LYS CA  C    sing N N 230 
LYS CA  CB   sing N N 231 
LYS CA  HA   sing N N 232 
LYS C   O    doub N N 233 
LYS C   OXT  sing N N 234 
LYS CB  CG   sing N N 235 
LYS CB  HB2  sing N N 236 
LYS CB  HB3  sing N N 237 
LYS CG  CD   sing N N 238 
LYS CG  HG2  sing N N 239 
LYS CG  HG3  sing N N 240 
LYS CD  CE   sing N N 241 
LYS CD  HD2  sing N N 242 
LYS CD  HD3  sing N N 243 
LYS CE  NZ   sing N N 244 
LYS CE  HE2  sing N N 245 
LYS CE  HE3  sing N N 246 
LYS NZ  HZ1  sing N N 247 
LYS NZ  HZ2  sing N N 248 
LYS NZ  HZ3  sing N N 249 
LYS OXT HXT  sing N N 250 
MET N   CA   sing N N 251 
MET N   H    sing N N 252 
MET N   H2   sing N N 253 
MET CA  C    sing N N 254 
MET CA  CB   sing N N 255 
MET CA  HA   sing N N 256 
MET C   O    doub N N 257 
MET C   OXT  sing N N 258 
MET CB  CG   sing N N 259 
MET CB  HB2  sing N N 260 
MET CB  HB3  sing N N 261 
MET CG  SD   sing N N 262 
MET CG  HG2  sing N N 263 
MET CG  HG3  sing N N 264 
MET SD  CE   sing N N 265 
MET CE  HE1  sing N N 266 
MET CE  HE2  sing N N 267 
MET CE  HE3  sing N N 268 
MET OXT HXT  sing N N 269 
NDP PA  O1A  doub N N 270 
NDP PA  O2A  sing N N 271 
NDP PA  O5B  sing N N 272 
NDP PA  O3   sing N N 273 
NDP O2A HOA2 sing N N 274 
NDP O5B C5B  sing N N 275 
NDP C5B C4B  sing N N 276 
NDP C5B H51A sing N N 277 
NDP C5B H52A sing N N 278 
NDP C4B O4B  sing N N 279 
NDP C4B C3B  sing N N 280 
NDP C4B H4B  sing N N 281 
NDP O4B C1B  sing N N 282 
NDP C3B O3B  sing N N 283 
NDP C3B C2B  sing N N 284 
NDP C3B H3B  sing N N 285 
NDP O3B HO3A sing N N 286 
NDP C2B O2B  sing N N 287 
NDP C2B C1B  sing N N 288 
NDP C2B H2B  sing N N 289 
NDP O2B P2B  sing N N 290 
NDP C1B N9A  sing N N 291 
NDP C1B H1B  sing N N 292 
NDP N9A C8A  sing Y N 293 
NDP N9A C4A  sing Y N 294 
NDP C8A N7A  doub Y N 295 
NDP C8A H8A  sing N N 296 
NDP N7A C5A  sing Y N 297 
NDP C5A C6A  sing Y N 298 
NDP C5A C4A  doub Y N 299 
NDP C6A N6A  sing N N 300 
NDP C6A N1A  doub Y N 301 
NDP N6A H61A sing N N 302 
NDP N6A H62A sing N N 303 
NDP N1A C2A  sing Y N 304 
NDP C2A N3A  doub Y N 305 
NDP C2A H2A  sing N N 306 
NDP N3A C4A  sing Y N 307 
NDP O3  PN   sing N N 308 
NDP PN  O1N  doub N N 309 
NDP PN  O2N  sing N N 310 
NDP PN  O5D  sing N N 311 
NDP O2N H21N sing N N 312 
NDP O5D C5D  sing N N 313 
NDP C5D C4D  sing N N 314 
NDP C5D H51N sing N N 315 
NDP C5D H52N sing N N 316 
NDP C4D O4D  sing N N 317 
NDP C4D C3D  sing N N 318 
NDP C4D H4D  sing N N 319 
NDP O4D C1D  sing N N 320 
NDP C3D O3D  sing N N 321 
NDP C3D C2D  sing N N 322 
NDP C3D H3D  sing N N 323 
NDP O3D HO3N sing N N 324 
NDP C2D O2D  sing N N 325 
NDP C2D C1D  sing N N 326 
NDP C2D H2D  sing N N 327 
NDP O2D HO2N sing N N 328 
NDP C1D N1N  sing N N 329 
NDP C1D H1D  sing N N 330 
NDP N1N C2N  sing N N 331 
NDP N1N C6N  sing N N 332 
NDP C2N C3N  doub N N 333 
NDP C2N H2N  sing N N 334 
NDP C3N C7N  sing N N 335 
NDP C3N C4N  sing N N 336 
NDP C7N O7N  doub N N 337 
NDP C7N N7N  sing N N 338 
NDP N7N H71N sing N N 339 
NDP N7N H72N sing N N 340 
NDP C4N C5N  sing N N 341 
NDP C4N H41N sing N N 342 
NDP C4N H42N sing N N 343 
NDP C5N C6N  doub N N 344 
NDP C5N H5N  sing N N 345 
NDP C6N H6N  sing N N 346 
NDP P2B O1X  doub N N 347 
NDP P2B O2X  sing N N 348 
NDP P2B O3X  sing N N 349 
NDP O2X HOP2 sing N N 350 
NDP O3X HOP3 sing N N 351 
PHE N   CA   sing N N 352 
PHE N   H    sing N N 353 
PHE N   H2   sing N N 354 
PHE CA  C    sing N N 355 
PHE CA  CB   sing N N 356 
PHE CA  HA   sing N N 357 
PHE C   O    doub N N 358 
PHE C   OXT  sing N N 359 
PHE CB  CG   sing N N 360 
PHE CB  HB2  sing N N 361 
PHE CB  HB3  sing N N 362 
PHE CG  CD1  doub Y N 363 
PHE CG  CD2  sing Y N 364 
PHE CD1 CE1  sing Y N 365 
PHE CD1 HD1  sing N N 366 
PHE CD2 CE2  doub Y N 367 
PHE CD2 HD2  sing N N 368 
PHE CE1 CZ   doub Y N 369 
PHE CE1 HE1  sing N N 370 
PHE CE2 CZ   sing Y N 371 
PHE CE2 HE2  sing N N 372 
PHE CZ  HZ   sing N N 373 
PHE OXT HXT  sing N N 374 
PRO N   CA   sing N N 375 
PRO N   CD   sing N N 376 
PRO N   H    sing N N 377 
PRO CA  C    sing N N 378 
PRO CA  CB   sing N N 379 
PRO CA  HA   sing N N 380 
PRO C   O    doub N N 381 
PRO C   OXT  sing N N 382 
PRO CB  CG   sing N N 383 
PRO CB  HB2  sing N N 384 
PRO CB  HB3  sing N N 385 
PRO CG  CD   sing N N 386 
PRO CG  HG2  sing N N 387 
PRO CG  HG3  sing N N 388 
PRO CD  HD2  sing N N 389 
PRO CD  HD3  sing N N 390 
PRO OXT HXT  sing N N 391 
SER N   CA   sing N N 392 
SER N   H    sing N N 393 
SER N   H2   sing N N 394 
SER CA  C    sing N N 395 
SER CA  CB   sing N N 396 
SER CA  HA   sing N N 397 
SER C   O    doub N N 398 
SER C   OXT  sing N N 399 
SER CB  OG   sing N N 400 
SER CB  HB2  sing N N 401 
SER CB  HB3  sing N N 402 
SER OG  HG   sing N N 403 
SER OXT HXT  sing N N 404 
THR N   CA   sing N N 405 
THR N   H    sing N N 406 
THR N   H2   sing N N 407 
THR CA  C    sing N N 408 
THR CA  CB   sing N N 409 
THR CA  HA   sing N N 410 
THR C   O    doub N N 411 
THR C   OXT  sing N N 412 
THR CB  OG1  sing N N 413 
THR CB  CG2  sing N N 414 
THR CB  HB   sing N N 415 
THR OG1 HG1  sing N N 416 
THR CG2 HG21 sing N N 417 
THR CG2 HG22 sing N N 418 
THR CG2 HG23 sing N N 419 
THR OXT HXT  sing N N 420 
TRP N   CA   sing N N 421 
TRP N   H    sing N N 422 
TRP N   H2   sing N N 423 
TRP CA  C    sing N N 424 
TRP CA  CB   sing N N 425 
TRP CA  HA   sing N N 426 
TRP C   O    doub N N 427 
TRP C   OXT  sing N N 428 
TRP CB  CG   sing N N 429 
TRP CB  HB2  sing N N 430 
TRP CB  HB3  sing N N 431 
TRP CG  CD1  doub Y N 432 
TRP CG  CD2  sing Y N 433 
TRP CD1 NE1  sing Y N 434 
TRP CD1 HD1  sing N N 435 
TRP CD2 CE2  doub Y N 436 
TRP CD2 CE3  sing Y N 437 
TRP NE1 CE2  sing Y N 438 
TRP NE1 HE1  sing N N 439 
TRP CE2 CZ2  sing Y N 440 
TRP CE3 CZ3  doub Y N 441 
TRP CE3 HE3  sing N N 442 
TRP CZ2 CH2  doub Y N 443 
TRP CZ2 HZ2  sing N N 444 
TRP CZ3 CH2  sing Y N 445 
TRP CZ3 HZ3  sing N N 446 
TRP CH2 HH2  sing N N 447 
TRP OXT HXT  sing N N 448 
TYR N   CA   sing N N 449 
TYR N   H    sing N N 450 
TYR N   H2   sing N N 451 
TYR CA  C    sing N N 452 
TYR CA  CB   sing N N 453 
TYR CA  HA   sing N N 454 
TYR C   O    doub N N 455 
TYR C   OXT  sing N N 456 
TYR CB  CG   sing N N 457 
TYR CB  HB2  sing N N 458 
TYR CB  HB3  sing N N 459 
TYR CG  CD1  doub Y N 460 
TYR CG  CD2  sing Y N 461 
TYR CD1 CE1  sing Y N 462 
TYR CD1 HD1  sing N N 463 
TYR CD2 CE2  doub Y N 464 
TYR CD2 HD2  sing N N 465 
TYR CE1 CZ   doub Y N 466 
TYR CE1 HE1  sing N N 467 
TYR CE2 CZ   sing Y N 468 
TYR CE2 HE2  sing N N 469 
TYR CZ  OH   sing N N 470 
TYR OH  HH   sing N N 471 
TYR OXT HXT  sing N N 472 
VAL N   CA   sing N N 473 
VAL N   H    sing N N 474 
VAL N   H2   sing N N 475 
VAL CA  C    sing N N 476 
VAL CA  CB   sing N N 477 
VAL CA  HA   sing N N 478 
VAL C   O    doub N N 479 
VAL C   OXT  sing N N 480 
VAL CB  CG1  sing N N 481 
VAL CB  CG2  sing N N 482 
VAL CB  HB   sing N N 483 
VAL CG1 HG11 sing N N 484 
VAL CG1 HG12 sing N N 485 
VAL CG1 HG13 sing N N 486 
VAL CG2 HG21 sing N N 487 
VAL CG2 HG22 sing N N 488 
VAL CG2 HG23 sing N N 489 
VAL OXT HXT  sing N N 490 
# 
loop_
_pdbx_entity_nonpoly.entity_id 
_pdbx_entity_nonpoly.name 
_pdbx_entity_nonpoly.comp_id 
2 'NADPH DIHYDRO-NICOTINAMIDE-ADENINE-DINUCLEOTIDE PHOSPHATE'                       NDP 
3 '5-methyl-6-[(2,3,4-trifluorophenyl)sulfanyl]thieno[2,3-d]pyrimidine-2,4-diamine' 63Y 
4 water                                                                             HOH 
# 
_pdbx_initial_refinement_model.id               1 
_pdbx_initial_refinement_model.entity_id_list   ? 
_pdbx_initial_refinement_model.type             'experimental model' 
_pdbx_initial_refinement_model.source_name      PDB 
_pdbx_initial_refinement_model.accession_code   1U72 
_pdbx_initial_refinement_model.details          ? 
# 
